data_8KCW
#
_entry.id   8KCW
#
_cell.length_a   1.00
_cell.length_b   1.00
_cell.length_c   1.00
_cell.angle_alpha   90.00
_cell.angle_beta   90.00
_cell.angle_gamma   90.00
#
_symmetry.space_group_name_H-M   'P 1'
#
loop_
_entity.id
_entity.type
_entity.pdbx_description
1 polymer 'SID1 transmembrane family member 1'
2 branched beta-D-mannopyranose-(1-4)-2-acetamido-2-deoxy-beta-D-glucopyranose-(1-4)-2-acetamido-2-deoxy-beta-D-glucopyranose
3 branched 2-acetamido-2-deoxy-beta-D-glucopyranose-(1-4)-2-acetamido-2-deoxy-beta-D-glucopyranose
4 non-polymer 'ZINC ION'
5 non-polymer CHOLESTEROL
#
_entity_poly.entity_id   1
_entity_poly.type   'polypeptide(L)'
_entity_poly.pdbx_seq_one_letter_code
;MRGCLRLALLCALPWLLLAASPGHPAKSPRQPPAPRRDPFDAARGADFDHVYSGVVNLSTENIYSFNYTSQPDQVTAVRV
YVNSSSENLNYPVLVVVRQQKEVLSWQVPLLFQGLYQRSYNYQEVSRTLCPSEATNETGPLQQLIFVDVASMAPLGAQYK
LLVTKLKHFQLRTNVAFHFTASPSQPQYFLYKFPKDVDSVIIKVVSEMAYPCSVVSVQNIMCPVYDLDHNVEFNGVYQSM
TKKAAITLQKKDFPGEQFFVVFVIKPEDYACGGSFFIQEKENQTWNLQRKKNLEVTIVPSIKESVYVKSSLFSVFIFLSF
YLGCLLVGFVHYLRFQRKSIDGSFGSNDGSGNMVASHPIAASTPEGSNYGTIDESSSSPGRQMSSSDGGPPGQSDTDSSV
EESDFDTMPDIESDKNIIRTKMFLYLSDLSRKDRRIVSKKYKIYFWNIITIAVFYALPVIQLVITYQTVVNVTGNQDICY
YNFLCAHPLGVLSAFNNILSNLGHVLLGFLFLLIVLRRDILHRRALEAKDIFAVEYGIPKHFGLFYAMGIALMMEGVLSA
CYHVCPNYSNFQFDTSFMYMIAGLCMLKLYQTRHPDINASAYSAYASFAVVIMVTVLGVVFGKNDVWFWVIFSAIHVLAS
LALSTQIYYMGRFKIDLGIFRRAAMVFYTDCIQQCSRPLYMDRMVLLVVGNLVNWSFALFGLIYRPRDFASYMLGIFICN
LLLYLAFYIIMKLRSSEKVLPVPLFCIVATAVMWAAALYFFFQNLSSWEGTPAESREKNRECILLDFFDDHDIWHFLSAT
ALFFSFLVLLTLDDDLDVVRRDQIPVFENLYFQGDYKDDDDKHHHHHHHH
;
_entity_poly.pdbx_strand_id   A,C
#
loop_
_chem_comp.id
_chem_comp.type
_chem_comp.name
_chem_comp.formula
BMA D-saccharide, beta linking beta-D-mannopyranose 'C6 H12 O6'
CLR non-polymer CHOLESTEROL 'C27 H46 O'
NAG D-saccharide, beta linking 2-acetamido-2-deoxy-beta-D-glucopyranose 'C8 H15 N O6'
ZN non-polymer 'ZINC ION' 'Zn 2'
#
# COMPACT_ATOMS: atom_id res chain seq x y z
N ARG A 44 36.56 -7.53 40.66
CA ARG A 44 36.52 -6.54 41.73
C ARG A 44 35.08 -6.25 42.16
N GLY A 45 34.81 -6.42 43.44
CA GLY A 45 33.48 -6.11 43.96
C GLY A 45 33.26 -4.61 44.02
N ALA A 46 32.12 -4.17 43.48
CA ALA A 46 31.83 -2.75 43.36
C ALA A 46 30.47 -2.45 43.98
N ASP A 47 30.21 -1.16 44.14
CA ASP A 47 29.00 -0.67 44.80
C ASP A 47 28.13 0.10 43.81
N PHE A 48 26.82 0.08 44.05
CA PHE A 48 25.91 0.90 43.28
C PHE A 48 26.03 2.36 43.68
N ASP A 49 25.60 3.24 42.76
CA ASP A 49 25.55 4.69 42.95
C ASP A 49 26.93 5.30 43.26
N HIS A 50 27.98 4.70 42.72
CA HIS A 50 29.34 5.20 42.88
C HIS A 50 29.97 5.32 41.51
N VAL A 51 30.62 6.45 41.24
CA VAL A 51 31.22 6.71 39.94
C VAL A 51 32.66 6.20 39.95
N TYR A 52 32.93 5.16 39.16
CA TYR A 52 34.27 4.61 39.01
C TYR A 52 34.91 5.18 37.75
N SER A 53 36.17 5.57 37.88
CA SER A 53 36.93 6.13 36.76
C SER A 53 38.28 5.43 36.67
N GLY A 54 38.74 5.22 35.44
CA GLY A 54 40.00 4.53 35.24
C GLY A 54 40.50 4.73 33.83
N VAL A 55 41.67 4.13 33.57
CA VAL A 55 42.28 4.13 32.25
C VAL A 55 42.57 2.69 31.87
N VAL A 56 42.34 2.35 30.61
CA VAL A 56 42.48 0.99 30.11
C VAL A 56 43.23 1.00 28.79
N ASN A 57 44.21 0.11 28.64
CA ASN A 57 44.91 -0.04 27.37
C ASN A 57 44.90 -1.50 26.93
N LEU A 58 45.74 -1.82 25.94
CA LEU A 58 45.73 -3.15 25.30
C LEU A 58 46.05 -4.28 26.28
N SER A 59 46.86 -4.01 27.31
CA SER A 59 47.24 -5.04 28.25
C SER A 59 46.23 -5.23 29.37
N THR A 60 45.54 -4.17 29.78
CA THR A 60 44.65 -4.24 30.94
C THR A 60 43.19 -4.40 30.51
N GLU A 61 42.38 -4.84 31.47
CA GLU A 61 40.94 -4.94 31.27
C GLU A 61 40.29 -4.89 32.65
N ASN A 62 39.64 -3.78 32.96
CA ASN A 62 39.00 -3.62 34.27
C ASN A 62 37.70 -4.40 34.33
N ILE A 63 37.49 -5.10 35.44
CA ILE A 63 36.30 -5.92 35.64
C ILE A 63 35.64 -5.49 36.94
N TYR A 64 34.37 -5.11 36.87
CA TYR A 64 33.59 -4.73 38.03
C TYR A 64 32.45 -5.73 38.19
N SER A 65 32.29 -6.26 39.39
CA SER A 65 31.24 -7.23 39.69
C SER A 65 30.23 -6.60 40.63
N PHE A 66 28.98 -6.53 40.18
CA PHE A 66 27.91 -5.93 40.96
C PHE A 66 26.96 -7.02 41.46
N ASN A 67 26.54 -6.89 42.71
CA ASN A 67 25.83 -7.95 43.40
C ASN A 67 24.67 -7.34 44.17
N TYR A 68 23.48 -7.90 43.99
CA TYR A 68 22.28 -7.38 44.63
C TYR A 68 21.28 -8.52 44.80
N THR A 69 20.11 -8.19 45.33
CA THR A 69 19.08 -9.16 45.64
C THR A 69 17.72 -8.64 45.18
N SER A 70 16.94 -9.50 44.55
CA SER A 70 15.62 -9.15 44.02
C SER A 70 14.54 -9.70 44.93
N GLN A 71 13.62 -8.84 45.35
CA GLN A 71 12.54 -9.21 46.25
C GLN A 71 11.41 -9.89 45.47
N PRO A 72 10.69 -10.85 46.09
CA PRO A 72 9.77 -11.69 45.31
C PRO A 72 8.46 -11.05 44.87
N ASP A 73 8.27 -9.76 45.15
CA ASP A 73 7.14 -9.04 44.56
C ASP A 73 7.56 -7.81 43.77
N GLN A 74 8.51 -7.02 44.29
CA GLN A 74 8.97 -5.85 43.56
C GLN A 74 9.94 -6.26 42.45
N VAL A 75 10.22 -5.29 41.58
CA VAL A 75 11.13 -5.49 40.46
C VAL A 75 12.23 -4.43 40.54
N THR A 76 13.46 -4.85 40.26
CA THR A 76 14.61 -3.96 40.27
C THR A 76 15.24 -3.94 38.88
N ALA A 77 15.43 -2.74 38.34
CA ALA A 77 16.09 -2.56 37.06
C ALA A 77 17.43 -1.87 37.29
N VAL A 78 18.44 -2.30 36.51
CA VAL A 78 19.81 -1.81 36.65
C VAL A 78 20.16 -1.04 35.38
N ARG A 79 20.74 0.15 35.55
CA ARG A 79 21.19 0.97 34.44
C ARG A 79 22.68 1.21 34.55
N VAL A 80 23.38 1.14 33.42
CA VAL A 80 24.83 1.28 33.36
C VAL A 80 25.15 2.56 32.58
N TYR A 81 25.94 3.43 33.19
CA TYR A 81 26.35 4.69 32.59
C TYR A 81 27.84 4.64 32.29
N VAL A 82 28.22 4.91 31.04
CA VAL A 82 29.62 4.92 30.63
C VAL A 82 29.91 6.24 29.92
N ASN A 83 30.94 6.95 30.36
CA ASN A 83 31.51 8.08 29.65
C ASN A 83 32.88 7.71 29.08
N SER A 84 33.32 8.48 28.09
CA SER A 84 34.72 8.47 27.67
C SER A 84 34.99 9.79 26.98
N SER A 85 35.87 10.62 27.56
CA SER A 85 36.25 11.88 26.94
C SER A 85 37.54 11.72 26.13
N SER A 86 37.55 10.71 25.27
CA SER A 86 38.68 10.41 24.42
C SER A 86 38.21 10.48 22.97
N GLU A 87 38.77 11.42 22.23
CA GLU A 87 38.26 11.63 20.85
C GLU A 87 39.03 10.76 19.85
N ASN A 88 40.06 10.05 20.30
CA ASN A 88 40.67 9.10 19.38
C ASN A 88 39.62 8.07 19.00
N LEU A 89 39.06 8.21 17.81
CA LEU A 89 38.00 7.34 17.34
C LEU A 89 38.53 6.10 16.64
N ASN A 90 39.85 5.92 16.57
CA ASN A 90 40.43 4.69 16.07
C ASN A 90 40.60 3.64 17.15
N TYR A 91 40.42 4.04 18.41
CA TYR A 91 40.54 3.09 19.52
C TYR A 91 39.45 3.38 20.55
N PRO A 92 38.21 2.94 20.32
CA PRO A 92 37.12 3.23 21.26
C PRO A 92 37.23 2.39 22.52
N VAL A 93 36.39 2.72 23.49
CA VAL A 93 36.28 1.97 24.73
C VAL A 93 35.15 0.96 24.57
N LEU A 94 35.46 -0.32 24.74
CA LEU A 94 34.48 -1.38 24.61
C LEU A 94 34.01 -1.83 25.99
N VAL A 95 32.69 -1.94 26.16
CA VAL A 95 32.08 -2.24 27.44
C VAL A 95 31.18 -3.46 27.26
N VAL A 96 31.43 -4.51 28.06
CA VAL A 96 30.66 -5.74 28.01
C VAL A 96 29.99 -5.94 29.36
N VAL A 97 28.68 -6.17 29.34
CA VAL A 97 27.90 -6.42 30.55
C VAL A 97 27.38 -7.85 30.48
N ARG A 98 27.79 -8.68 31.44
CA ARG A 98 27.42 -10.08 31.46
C ARG A 98 26.45 -10.34 32.62
N GLN A 99 25.38 -11.05 32.34
CA GLN A 99 24.43 -11.52 33.34
C GLN A 99 24.42 -13.05 33.32
N GLN A 100 23.46 -13.66 34.00
CA GLN A 100 23.46 -15.13 34.01
C GLN A 100 22.95 -15.63 32.68
N LYS A 101 21.97 -14.94 32.11
CA LYS A 101 21.34 -15.45 30.91
C LYS A 101 21.55 -14.57 29.69
N GLU A 102 22.34 -13.51 29.80
CA GLU A 102 22.48 -12.57 28.69
C GLU A 102 23.90 -12.01 28.69
N VAL A 103 24.28 -11.49 27.52
CA VAL A 103 25.50 -10.70 27.35
C VAL A 103 25.13 -9.47 26.54
N LEU A 104 25.71 -8.33 26.90
CA LEU A 104 25.35 -7.06 26.28
C LEU A 104 26.64 -6.27 26.08
N SER A 105 26.80 -5.70 24.89
CA SER A 105 28.05 -5.01 24.57
C SER A 105 27.76 -3.78 23.73
N TRP A 106 28.60 -2.77 23.89
CA TRP A 106 28.57 -1.56 23.09
C TRP A 106 29.94 -0.91 23.18
N GLN A 107 30.17 0.05 22.29
CA GLN A 107 31.41 0.82 22.29
C GLN A 107 31.11 2.28 22.55
N VAL A 108 31.98 2.92 23.32
CA VAL A 108 31.86 4.34 23.65
C VAL A 108 33.11 5.02 23.11
N PRO A 109 32.99 6.06 22.26
CA PRO A 109 31.78 6.76 21.81
C PRO A 109 30.95 6.01 20.77
N LEU A 110 29.63 6.08 20.93
CA LEU A 110 28.71 5.43 19.99
C LEU A 110 28.72 6.17 18.66
N LEU A 111 28.65 5.41 17.58
CA LEU A 111 28.74 5.95 16.23
C LEU A 111 27.43 5.75 15.51
N PHE A 112 27.05 6.73 14.70
CA PHE A 112 25.86 6.67 13.87
C PHE A 112 26.21 7.14 12.47
N GLN A 113 25.68 6.47 11.46
CA GLN A 113 25.85 6.86 10.08
C GLN A 113 24.51 7.37 9.56
N GLY A 114 24.41 8.69 9.42
CA GLY A 114 23.21 9.30 8.89
C GLY A 114 23.18 9.28 7.38
N LEU A 115 22.10 9.82 6.83
CA LEU A 115 21.98 9.94 5.40
C LEU A 115 22.92 11.01 4.87
N TYR A 116 23.32 10.86 3.60
CA TYR A 116 24.23 11.74 2.88
C TYR A 116 25.59 11.86 3.57
N GLN A 117 26.04 10.72 4.13
CA GLN A 117 27.40 10.53 4.66
C GLN A 117 27.73 11.49 5.80
N ARG A 118 26.89 11.47 6.84
CA ARG A 118 27.15 12.22 8.06
C ARG A 118 27.37 11.26 9.22
N SER A 119 28.35 11.58 10.05
CA SER A 119 28.71 10.75 11.18
C SER A 119 28.51 11.53 12.48
N TYR A 120 28.05 10.84 13.52
CA TYR A 120 27.78 11.46 14.81
C TYR A 120 28.49 10.69 15.92
N ASN A 121 28.96 11.41 16.91
CA ASN A 121 29.59 10.84 18.08
C ASN A 121 28.71 11.08 19.31
N TYR A 122 28.76 10.15 20.25
CA TYR A 122 27.99 10.26 21.49
C TYR A 122 28.85 9.67 22.60
N GLN A 123 29.33 10.54 23.50
CA GLN A 123 30.29 10.16 24.51
C GLN A 123 29.65 9.67 25.80
N GLU A 124 28.32 9.56 25.83
CA GLU A 124 27.60 9.10 27.01
C GLU A 124 26.60 8.06 26.55
N VAL A 125 26.82 6.81 26.94
CA VAL A 125 25.96 5.69 26.56
C VAL A 125 25.34 5.12 27.83
N SER A 126 24.04 4.87 27.79
CA SER A 126 23.32 4.34 28.93
C SER A 126 22.38 3.24 28.47
N ARG A 127 22.42 2.10 29.14
CA ARG A 127 21.57 0.96 28.83
C ARG A 127 20.96 0.42 30.11
N THR A 128 19.70 -0.01 30.01
CA THR A 128 19.00 -0.64 31.12
C THR A 128 18.92 -2.13 30.83
N LEU A 129 19.42 -2.94 31.77
CA LEU A 129 19.48 -4.37 31.58
C LEU A 129 18.10 -4.99 31.81
N CYS A 130 17.83 -6.07 31.09
CA CYS A 130 16.53 -6.75 31.15
C CYS A 130 16.34 -7.36 32.53
N PRO A 131 15.33 -6.93 33.30
CA PRO A 131 15.21 -7.41 34.68
C PRO A 131 14.60 -8.80 34.76
N SER A 132 15.08 -9.57 35.71
CA SER A 132 14.53 -10.88 36.02
C SER A 132 13.61 -10.73 37.23
N GLU A 133 12.33 -11.03 37.05
CA GLU A 133 11.36 -10.84 38.11
C GLU A 133 11.34 -12.05 39.04
N ALA A 134 11.45 -11.79 40.34
CA ALA A 134 11.32 -12.83 41.34
C ALA A 134 9.86 -12.91 41.78
N THR A 135 9.38 -14.13 41.97
CA THR A 135 7.99 -14.40 42.32
C THR A 135 7.94 -15.17 43.64
N ASN A 136 6.72 -15.48 44.07
CA ASN A 136 6.53 -16.26 45.29
C ASN A 136 6.96 -17.71 45.13
N GLU A 137 7.00 -18.21 43.89
CA GLU A 137 7.47 -19.57 43.65
C GLU A 137 8.99 -19.66 43.71
N THR A 138 9.69 -18.55 43.67
CA THR A 138 11.15 -18.51 43.68
C THR A 138 11.74 -17.94 44.96
N GLY A 139 11.10 -16.91 45.54
CA GLY A 139 11.64 -16.24 46.70
C GLY A 139 12.66 -15.20 46.31
N PRO A 140 13.53 -14.83 47.25
CA PRO A 140 14.60 -13.87 46.93
C PRO A 140 15.65 -14.51 46.02
N LEU A 141 16.22 -13.68 45.15
CA LEU A 141 17.17 -14.13 44.14
C LEU A 141 18.43 -13.29 44.23
N GLN A 142 19.56 -13.92 44.50
CA GLN A 142 20.85 -13.25 44.49
C GLN A 142 21.37 -13.22 43.06
N GLN A 143 21.61 -12.03 42.53
CA GLN A 143 21.97 -11.84 41.14
C GLN A 143 23.33 -11.18 41.03
N LEU A 144 24.16 -11.70 40.12
CA LEU A 144 25.46 -11.13 39.82
C LEU A 144 25.41 -10.41 38.48
N ILE A 145 26.19 -9.33 38.37
CA ILE A 145 26.34 -8.58 37.13
C ILE A 145 27.82 -8.26 36.98
N PHE A 146 28.41 -8.68 35.86
CA PHE A 146 29.80 -8.42 35.56
C PHE A 146 29.89 -7.37 34.47
N VAL A 147 30.65 -6.30 34.72
CA VAL A 147 30.89 -5.25 33.75
C VAL A 147 32.38 -5.24 33.43
N ASP A 148 32.71 -5.41 32.15
CA ASP A 148 34.09 -5.48 31.70
C ASP A 148 34.36 -4.33 30.75
N VAL A 149 35.37 -3.52 31.06
CA VAL A 149 35.77 -2.38 30.25
C VAL A 149 37.13 -2.69 29.64
N ALA A 150 37.22 -2.57 28.31
CA ALA A 150 38.45 -2.89 27.60
C ALA A 150 38.65 -1.93 26.44
N SER A 151 39.90 -1.71 26.08
CA SER A 151 40.23 -0.87 24.94
C SER A 151 41.56 -1.35 24.35
N MET A 152 41.77 -1.01 23.08
CA MET A 152 42.97 -1.41 22.36
C MET A 152 43.90 -0.23 22.08
N ALA A 153 43.74 0.88 22.80
CA ALA A 153 44.60 2.03 22.58
C ALA A 153 45.99 1.75 23.14
N PRO A 154 47.05 2.19 22.44
CA PRO A 154 48.39 1.99 22.99
C PRO A 154 48.71 2.90 24.16
N LEU A 155 48.25 4.16 24.12
CA LEU A 155 48.51 5.08 25.21
C LEU A 155 47.56 4.91 26.37
N GLY A 156 46.37 4.37 26.14
CA GLY A 156 45.35 4.24 27.15
C GLY A 156 44.17 5.14 26.84
N ALA A 157 43.00 4.73 27.33
CA ALA A 157 41.77 5.48 27.13
C ALA A 157 41.06 5.62 28.46
N GLN A 158 40.57 6.83 28.73
CA GLN A 158 39.94 7.15 30.01
C GLN A 158 38.43 6.98 29.91
N TYR A 159 37.83 6.48 30.99
CA TYR A 159 36.39 6.26 31.03
C TYR A 159 35.87 6.60 32.41
N LYS A 160 34.55 6.59 32.54
CA LYS A 160 33.84 6.80 33.80
C LYS A 160 32.62 5.90 33.82
N LEU A 161 32.44 5.17 34.92
CA LEU A 161 31.39 4.17 35.00
C LEU A 161 30.51 4.42 36.22
N LEU A 162 29.20 4.31 36.01
CA LEU A 162 28.21 4.42 37.08
C LEU A 162 27.12 3.39 36.86
N VAL A 163 26.78 2.65 37.91
CA VAL A 163 25.75 1.62 37.84
C VAL A 163 24.76 1.89 38.96
N THR A 164 23.51 2.16 38.59
CA THR A 164 22.45 2.51 39.53
C THR A 164 21.28 1.55 39.40
N LYS A 165 20.47 1.51 40.46
CA LYS A 165 19.18 0.82 40.45
C LYS A 165 18.09 1.86 40.18
N LEU A 166 17.20 1.56 39.24
CA LEU A 166 16.10 2.47 38.93
C LEU A 166 15.05 2.42 40.04
N LYS A 167 14.63 3.59 40.50
CA LYS A 167 13.57 3.64 41.49
C LYS A 167 12.19 3.69 40.85
N HIS A 168 12.02 4.53 39.84
CA HIS A 168 10.74 4.66 39.14
C HIS A 168 10.74 3.83 37.85
N PHE A 169 10.87 2.52 38.01
CA PHE A 169 10.88 1.63 36.86
C PHE A 169 9.49 1.15 36.49
N GLN A 170 8.62 0.92 37.46
CA GLN A 170 7.27 0.43 37.21
C GLN A 170 6.32 1.63 37.14
N LEU A 171 5.65 1.76 36.00
CA LEU A 171 4.72 2.87 35.80
C LEU A 171 3.40 2.59 36.48
N ARG A 172 2.80 3.63 37.05
CA ARG A 172 1.52 3.51 37.74
C ARG A 172 0.41 4.05 36.86
N THR A 173 -0.81 3.56 37.13
CA THR A 173 -1.97 3.92 36.34
C THR A 173 -2.40 5.35 36.64
N ASN A 174 -2.63 6.14 35.57
CA ASN A 174 -3.12 7.52 35.63
C ASN A 174 -2.18 8.45 36.38
N VAL A 175 -0.89 8.14 36.39
CA VAL A 175 0.12 8.99 37.00
C VAL A 175 1.10 9.42 35.90
N ALA A 176 1.21 10.73 35.70
CA ALA A 176 2.18 11.25 34.74
C ALA A 176 3.58 11.12 35.29
N PHE A 177 4.52 10.73 34.42
CA PHE A 177 5.90 10.49 34.82
C PHE A 177 6.82 11.17 33.81
N HIS A 178 7.69 12.03 34.29
CA HIS A 178 8.61 12.78 33.45
C HIS A 178 9.99 12.14 33.47
N PHE A 179 10.64 12.10 32.31
CA PHE A 179 11.98 11.54 32.18
C PHE A 179 12.65 12.17 30.97
N THR A 180 13.90 11.79 30.74
CA THR A 180 14.70 12.31 29.65
C THR A 180 15.41 11.15 28.96
N ALA A 181 15.49 11.21 27.63
CA ALA A 181 16.17 10.19 26.84
C ALA A 181 17.18 10.86 25.91
N SER A 182 17.83 10.04 25.08
CA SER A 182 18.93 10.46 24.22
C SER A 182 19.13 9.39 23.17
N PRO A 183 19.73 9.74 22.02
CA PRO A 183 20.00 8.72 20.99
C PRO A 183 21.01 7.66 21.41
N SER A 184 21.83 7.92 22.42
CA SER A 184 22.70 6.90 22.99
C SER A 184 22.25 6.45 24.37
N GLN A 185 21.17 7.02 24.90
CA GLN A 185 20.63 6.64 26.20
C GLN A 185 19.14 6.32 26.05
N PRO A 186 18.79 5.13 25.57
CA PRO A 186 17.37 4.77 25.50
C PRO A 186 16.83 4.44 26.88
N GLN A 187 15.50 4.47 26.98
CA GLN A 187 14.80 4.21 28.22
C GLN A 187 13.64 3.26 27.97
N TYR A 188 13.37 2.40 28.95
CA TYR A 188 12.13 1.63 28.93
C TYR A 188 11.68 1.37 30.36
N PHE A 189 10.37 1.19 30.52
CA PHE A 189 9.74 1.03 31.82
C PHE A 189 8.75 -0.12 31.75
N LEU A 190 8.22 -0.50 32.92
CA LEU A 190 7.32 -1.63 33.05
C LEU A 190 5.93 -1.16 33.47
N TYR A 191 4.90 -1.72 32.85
CA TYR A 191 3.53 -1.52 33.30
C TYR A 191 2.86 -2.86 33.52
N LYS A 192 2.22 -3.03 34.67
CA LYS A 192 1.46 -4.23 34.99
C LYS A 192 -0.03 -3.90 34.92
N PHE A 193 -0.79 -4.78 34.27
CA PHE A 193 -2.22 -4.57 34.16
C PHE A 193 -2.90 -4.82 35.50
N PRO A 194 -3.81 -3.95 35.92
CA PRO A 194 -4.70 -4.30 37.04
C PRO A 194 -5.73 -5.32 36.60
N LYS A 195 -6.37 -5.95 37.59
CA LYS A 195 -7.41 -6.91 37.27
C LYS A 195 -8.71 -6.26 36.81
N ASP A 196 -8.91 -4.98 37.12
CA ASP A 196 -10.10 -4.27 36.65
C ASP A 196 -9.96 -3.92 35.17
N VAL A 197 -8.82 -3.37 34.79
CA VAL A 197 -8.63 -2.79 33.46
C VAL A 197 -8.39 -3.89 32.45
N ASP A 198 -9.01 -3.75 31.26
CA ASP A 198 -8.78 -4.65 30.15
C ASP A 198 -8.13 -3.97 28.95
N SER A 199 -8.03 -2.64 28.95
CA SER A 199 -7.43 -1.92 27.82
C SER A 199 -6.90 -0.59 28.34
N VAL A 200 -5.67 -0.27 27.97
CA VAL A 200 -5.04 0.99 28.37
C VAL A 200 -4.63 1.76 27.11
N ILE A 201 -4.37 3.05 27.30
CA ILE A 201 -3.81 3.91 26.26
C ILE A 201 -2.54 4.54 26.82
N ILE A 202 -1.47 4.52 26.04
CA ILE A 202 -0.19 5.10 26.44
C ILE A 202 -0.07 6.45 25.75
N LYS A 203 -0.28 7.52 26.51
CA LYS A 203 -0.19 8.88 25.98
C LYS A 203 1.17 9.46 26.34
N VAL A 204 1.97 9.76 25.32
CA VAL A 204 3.30 10.33 25.51
C VAL A 204 3.29 11.75 24.96
N VAL A 205 3.80 12.70 25.75
CA VAL A 205 3.72 14.12 25.45
C VAL A 205 5.12 14.73 25.53
N SER A 206 5.50 15.48 24.51
CA SER A 206 6.71 16.29 24.53
C SER A 206 6.39 17.68 24.02
N GLU A 207 7.03 18.69 24.62
CA GLU A 207 6.75 20.08 24.29
C GLU A 207 7.61 20.62 23.15
N MET A 208 8.55 19.84 22.64
CA MET A 208 9.36 20.24 21.48
C MET A 208 9.27 19.16 20.44
N ALA A 209 9.26 19.57 19.17
CA ALA A 209 9.06 18.62 18.08
C ALA A 209 10.31 17.79 17.82
N TYR A 210 11.49 18.33 18.08
CA TYR A 210 12.71 17.62 17.74
C TYR A 210 13.57 17.42 18.98
N PRO A 211 14.34 16.33 19.06
CA PRO A 211 14.61 15.20 18.14
C PRO A 211 13.45 14.24 17.91
N CYS A 212 13.45 13.62 16.72
CA CYS A 212 12.46 12.61 16.37
C CYS A 212 12.70 11.34 17.17
N SER A 213 11.61 10.66 17.52
CA SER A 213 11.67 9.57 18.49
C SER A 213 10.79 8.41 18.03
N VAL A 214 10.88 7.30 18.76
CA VAL A 214 10.08 6.10 18.52
C VAL A 214 9.62 5.58 19.88
N VAL A 215 8.32 5.37 20.03
CA VAL A 215 7.74 4.77 21.23
C VAL A 215 7.26 3.37 20.87
N SER A 216 7.80 2.37 21.56
CA SER A 216 7.53 0.97 21.24
C SER A 216 7.00 0.23 22.46
N VAL A 217 6.14 -0.76 22.20
CA VAL A 217 5.59 -1.62 23.24
C VAL A 217 6.03 -3.05 22.93
N GLN A 218 6.57 -3.74 23.93
CA GLN A 218 7.19 -5.03 23.70
C GLN A 218 6.84 -6.00 24.83
N ASN A 219 7.19 -7.25 24.62
CA ASN A 219 6.93 -8.32 25.58
C ASN A 219 7.88 -8.23 26.78
N ILE A 220 7.62 -9.08 27.77
CA ILE A 220 8.46 -9.14 28.96
C ILE A 220 9.68 -10.01 28.73
N MET A 221 9.60 -10.95 27.79
CA MET A 221 10.66 -11.91 27.55
C MET A 221 11.91 -11.23 26.99
N CYS A 222 13.04 -11.47 27.65
CA CYS A 222 14.30 -10.84 27.29
C CYS A 222 14.79 -11.39 25.95
N PRO A 223 15.53 -10.58 25.16
CA PRO A 223 16.02 -9.22 25.38
C PRO A 223 15.05 -8.12 24.98
N VAL A 224 15.25 -6.94 25.53
CA VAL A 224 14.50 -5.75 25.14
C VAL A 224 15.23 -5.07 24.00
N TYR A 225 14.52 -4.80 22.92
CA TYR A 225 15.09 -4.18 21.73
C TYR A 225 14.96 -2.67 21.87
N ASP A 226 16.05 -2.01 22.26
CA ASP A 226 16.04 -0.58 22.53
C ASP A 226 17.12 0.16 21.76
N LEU A 227 17.46 -0.32 20.57
CA LEU A 227 18.41 0.34 19.69
C LEU A 227 17.71 0.70 18.39
N ASP A 228 18.42 1.46 17.55
CA ASP A 228 17.82 1.98 16.33
C ASP A 228 17.51 0.89 15.31
N HIS A 229 18.28 -0.20 15.31
CA HIS A 229 18.16 -1.22 14.28
C HIS A 229 17.24 -2.36 14.66
N ASN A 230 16.75 -2.43 15.89
CA ASN A 230 15.91 -3.54 16.31
C ASN A 230 14.60 -3.14 16.98
N VAL A 231 14.33 -1.84 17.16
CA VAL A 231 13.15 -1.44 17.92
C VAL A 231 11.86 -1.68 17.14
N GLU A 232 11.94 -1.79 15.81
CA GLU A 232 10.78 -2.08 14.97
C GLU A 232 10.72 -3.54 14.56
N PHE A 233 11.41 -4.42 15.28
CA PHE A 233 11.43 -5.84 14.90
C PHE A 233 10.13 -6.52 15.30
N ASN A 234 9.81 -6.54 16.59
CA ASN A 234 8.56 -7.11 17.07
C ASN A 234 7.94 -6.17 18.08
N GLY A 235 6.62 -6.26 18.21
CA GLY A 235 5.87 -5.35 19.05
C GLY A 235 5.17 -4.28 18.26
N VAL A 236 4.57 -3.35 18.98
CA VAL A 236 3.81 -2.25 18.39
C VAL A 236 4.59 -0.96 18.63
N TYR A 237 4.78 -0.18 17.56
CA TYR A 237 5.58 1.03 17.68
C TYR A 237 4.90 2.18 16.95
N GLN A 238 5.31 3.40 17.30
CA GLN A 238 4.82 4.62 16.70
C GLN A 238 5.95 5.64 16.63
N SER A 239 6.04 6.34 15.51
CA SER A 239 6.94 7.48 15.44
C SER A 239 6.30 8.69 16.12
N MET A 240 7.15 9.60 16.58
CA MET A 240 6.65 10.68 17.42
C MET A 240 7.58 11.88 17.37
N THR A 241 7.01 13.05 17.10
CA THR A 241 7.68 14.32 17.35
C THR A 241 7.21 14.94 18.66
N LYS A 242 5.91 15.17 18.80
CA LYS A 242 5.34 15.82 19.96
C LYS A 242 4.35 14.98 20.73
N LYS A 243 3.66 14.05 20.07
CA LYS A 243 2.60 13.29 20.72
C LYS A 243 2.61 11.85 20.20
N ALA A 244 2.08 10.96 21.02
CA ALA A 244 1.91 9.55 20.64
C ALA A 244 0.77 8.99 21.48
N ALA A 245 0.10 7.97 20.92
CA ALA A 245 -1.01 7.32 21.61
C ALA A 245 -1.13 5.90 21.09
N ILE A 246 -0.89 4.93 21.96
CA ILE A 246 -0.94 3.52 21.60
C ILE A 246 -2.01 2.85 22.45
N THR A 247 -3.00 2.23 21.80
CA THR A 247 -4.07 1.53 22.48
C THR A 247 -3.78 0.03 22.48
N LEU A 248 -3.87 -0.58 23.66
CA LEU A 248 -3.51 -1.98 23.82
C LEU A 248 -4.65 -2.74 24.49
N GLN A 249 -4.63 -4.06 24.30
CA GLN A 249 -5.56 -4.97 24.95
C GLN A 249 -4.82 -5.86 25.93
N LYS A 250 -5.51 -6.23 27.02
CA LYS A 250 -4.91 -7.12 28.00
C LYS A 250 -4.75 -8.53 27.47
N LYS A 251 -5.63 -8.95 26.54
CA LYS A 251 -5.62 -10.30 26.02
C LYS A 251 -4.45 -10.57 25.07
N ASP A 252 -3.72 -9.56 24.64
CA ASP A 252 -2.62 -9.72 23.71
C ASP A 252 -1.27 -9.80 24.40
N PHE A 253 -1.25 -9.97 25.72
CA PHE A 253 -0.01 -10.06 26.47
C PHE A 253 -0.12 -11.24 27.44
N PRO A 254 0.92 -12.10 27.53
CA PRO A 254 0.81 -13.33 28.33
C PRO A 254 0.74 -13.08 29.83
N GLY A 255 1.67 -12.32 30.37
CA GLY A 255 1.71 -12.07 31.79
C GLY A 255 0.92 -10.86 32.25
N GLU A 256 0.09 -10.30 31.36
CA GLU A 256 -0.64 -9.05 31.59
C GLU A 256 0.29 -7.91 31.98
N GLN A 257 1.40 -7.82 31.24
CA GLN A 257 2.38 -6.76 31.44
C GLN A 257 3.18 -6.59 30.17
N PHE A 258 3.74 -5.39 30.00
CA PHE A 258 4.53 -5.08 28.81
C PHE A 258 5.62 -4.09 29.19
N PHE A 259 6.53 -3.86 28.25
CA PHE A 259 7.54 -2.82 28.35
C PHE A 259 7.18 -1.69 27.40
N VAL A 260 7.52 -0.46 27.80
CA VAL A 260 7.27 0.72 26.98
C VAL A 260 8.62 1.32 26.65
N VAL A 261 9.09 1.12 25.42
CA VAL A 261 10.45 1.45 25.02
C VAL A 261 10.47 2.81 24.35
N PHE A 262 11.45 3.64 24.73
CA PHE A 262 11.62 4.98 24.17
C PHE A 262 13.00 5.06 23.55
N VAL A 263 13.05 5.22 22.23
CA VAL A 263 14.29 5.29 21.48
C VAL A 263 14.31 6.58 20.67
N ILE A 264 15.37 7.35 20.81
CA ILE A 264 15.54 8.60 20.07
C ILE A 264 16.39 8.32 18.84
N LYS A 265 16.05 8.95 17.75
CA LYS A 265 16.72 8.77 16.46
C LYS A 265 17.90 9.73 16.33
N PRO A 266 18.93 9.37 15.57
CA PRO A 266 20.05 10.30 15.39
C PRO A 266 19.76 11.43 14.41
N GLU A 267 18.79 11.27 13.51
CA GLU A 267 18.40 12.32 12.59
C GLU A 267 16.87 12.39 12.56
N ASP A 268 16.37 13.42 11.86
CA ASP A 268 14.93 13.68 11.80
C ASP A 268 14.35 13.48 10.41
N TYR A 269 14.98 12.65 9.58
CA TYR A 269 14.48 12.46 8.21
C TYR A 269 13.22 11.59 8.19
N ALA A 270 13.10 10.65 9.14
CA ALA A 270 11.85 9.89 9.24
C ALA A 270 10.70 10.75 9.72
N CYS A 271 11.01 11.74 10.54
CA CYS A 271 10.07 12.79 10.92
C CYS A 271 10.17 13.92 9.89
N GLY A 272 9.61 15.10 10.20
CA GLY A 272 9.51 16.15 9.20
C GLY A 272 10.84 16.78 8.83
N GLY A 273 11.63 17.15 9.84
CA GLY A 273 12.80 17.98 9.61
C GLY A 273 14.04 17.27 9.09
N SER A 274 15.21 17.72 9.53
CA SER A 274 16.48 17.17 9.06
C SER A 274 17.52 17.34 10.16
N PHE A 275 18.66 16.68 9.93
CA PHE A 275 19.87 16.77 10.78
C PHE A 275 19.62 16.40 12.24
N GLN A 283 20.87 24.43 17.93
CA GLN A 283 21.07 24.24 19.36
C GLN A 283 22.52 24.51 19.72
N THR A 284 22.75 25.00 20.94
CA THR A 284 24.07 25.43 21.40
C THR A 284 24.94 24.21 21.65
N TRP A 285 25.68 23.79 20.62
CA TRP A 285 26.65 22.68 20.64
C TRP A 285 25.98 21.38 21.11
N ASN A 286 25.04 20.92 20.29
CA ASN A 286 24.22 19.76 20.62
C ASN A 286 25.02 18.48 20.36
N LEU A 287 25.91 18.17 21.31
CA LEU A 287 26.58 16.87 21.30
C LEU A 287 25.63 15.76 21.73
N GLN A 288 24.57 16.13 22.46
CA GLN A 288 23.56 15.19 22.93
C GLN A 288 22.20 15.70 22.49
N ARG A 289 21.41 14.83 21.86
CA ARG A 289 20.09 15.21 21.37
C ARG A 289 19.03 14.80 22.39
N LYS A 290 19.06 15.49 23.53
CA LYS A 290 18.19 15.15 24.63
C LYS A 290 16.75 15.56 24.36
N LYS A 291 15.81 14.71 24.77
CA LYS A 291 14.39 14.95 24.56
C LYS A 291 13.66 14.71 25.87
N ASN A 292 12.92 15.71 26.33
CA ASN A 292 12.16 15.62 27.57
C ASN A 292 10.79 15.03 27.26
N LEU A 293 10.49 13.88 27.85
CA LEU A 293 9.26 13.15 27.58
C LEU A 293 8.42 13.06 28.85
N GLU A 294 7.15 12.73 28.65
CA GLU A 294 6.22 12.53 29.76
C GLU A 294 5.18 11.50 29.32
N VAL A 295 5.06 10.42 30.08
CA VAL A 295 4.21 9.30 29.70
C VAL A 295 3.11 9.12 30.74
N THR A 296 1.89 8.89 30.27
CA THR A 296 0.74 8.63 31.11
C THR A 296 0.00 7.42 30.54
N ILE A 297 -0.40 6.50 31.41
CA ILE A 297 -1.11 5.30 31.01
C ILE A 297 -2.52 5.39 31.59
N VAL A 298 -3.49 5.54 30.72
CA VAL A 298 -4.88 5.82 31.08
C VAL A 298 -5.72 4.60 30.71
N PRO A 299 -6.60 4.12 31.58
CA PRO A 299 -7.50 3.03 31.20
C PRO A 299 -8.50 3.47 30.15
N SER A 300 -8.84 2.55 29.24
CA SER A 300 -9.77 2.86 28.18
C SER A 300 -11.20 2.92 28.71
N ILE A 301 -12.12 3.34 27.83
CA ILE A 301 -13.52 3.40 28.20
C ILE A 301 -14.09 1.99 28.31
N LYS A 302 -15.14 1.87 29.12
CA LYS A 302 -15.77 0.58 29.34
C LYS A 302 -16.71 0.25 28.17
N GLU A 303 -17.24 -0.97 28.19
CA GLU A 303 -18.16 -1.40 27.15
C GLU A 303 -19.53 -0.75 27.26
N SER A 304 -19.86 -0.14 28.40
CA SER A 304 -21.10 0.60 28.51
C SER A 304 -21.07 1.88 27.69
N VAL A 305 -19.88 2.43 27.45
CA VAL A 305 -19.76 3.60 26.59
C VAL A 305 -19.96 3.21 25.13
N TYR A 306 -19.63 1.96 24.76
CA TYR A 306 -19.83 1.50 23.40
C TYR A 306 -21.30 1.35 23.05
N VAL A 307 -22.16 1.08 24.03
CA VAL A 307 -23.59 0.95 23.76
C VAL A 307 -24.35 2.23 24.07
N LYS A 308 -23.83 3.10 24.93
CA LYS A 308 -24.48 4.38 25.17
C LYS A 308 -24.25 5.33 24.01
N SER A 309 -23.07 5.28 23.39
CA SER A 309 -22.77 6.18 22.28
C SER A 309 -23.34 5.67 20.97
N SER A 310 -23.43 4.35 20.78
CA SER A 310 -24.01 3.83 19.55
C SER A 310 -25.53 3.99 19.54
N LEU A 311 -26.19 3.85 20.68
CA LEU A 311 -27.63 4.10 20.73
C LEU A 311 -27.96 5.58 20.61
N PHE A 312 -27.01 6.47 20.93
CA PHE A 312 -27.18 7.89 20.64
C PHE A 312 -27.23 8.13 19.14
N SER A 313 -26.27 7.54 18.40
CA SER A 313 -26.16 7.78 16.97
C SER A 313 -27.26 7.11 16.14
N VAL A 314 -28.08 6.25 16.74
CA VAL A 314 -29.26 5.71 16.07
C VAL A 314 -30.51 6.49 16.44
N PHE A 315 -30.74 6.71 17.74
CA PHE A 315 -31.97 7.33 18.20
C PHE A 315 -32.03 8.84 17.93
N ILE A 316 -30.91 9.47 17.60
CA ILE A 316 -30.96 10.85 17.13
C ILE A 316 -31.49 10.90 15.70
N PHE A 317 -30.95 10.04 14.83
CA PHE A 317 -31.38 10.03 13.44
C PHE A 317 -32.65 9.22 13.22
N LEU A 318 -33.09 8.44 14.20
CA LEU A 318 -34.43 7.86 14.17
C LEU A 318 -35.47 8.78 14.80
N SER A 319 -35.04 9.82 15.52
CA SER A 319 -35.95 10.87 15.94
C SER A 319 -36.41 11.73 14.78
N PHE A 320 -35.63 11.79 13.71
CA PHE A 320 -36.08 12.44 12.48
C PHE A 320 -37.21 11.66 11.82
N TYR A 321 -37.21 10.33 11.97
CA TYR A 321 -38.28 9.51 11.42
C TYR A 321 -39.59 9.73 12.17
N LEU A 322 -39.50 9.80 13.50
CA LEU A 322 -40.70 10.01 14.31
C LEU A 322 -41.26 11.42 14.14
N GLY A 323 -40.38 12.42 14.01
CA GLY A 323 -40.83 13.77 13.75
C GLY A 323 -41.33 14.02 12.34
N CYS A 324 -41.05 13.11 11.40
CA CYS A 324 -41.54 13.27 10.05
C CYS A 324 -42.93 12.67 9.88
N LEU A 325 -43.14 11.47 10.41
CA LEU A 325 -44.45 10.85 10.35
C LEU A 325 -45.47 11.47 11.30
N LEU A 326 -45.01 12.28 12.26
CA LEU A 326 -45.95 13.00 13.12
C LEU A 326 -46.63 14.12 12.36
N VAL A 327 -45.86 14.90 11.58
CA VAL A 327 -46.47 15.95 10.78
C VAL A 327 -47.14 15.40 9.53
N GLY A 328 -46.86 14.13 9.16
CA GLY A 328 -47.67 13.46 8.17
C GLY A 328 -48.97 12.95 8.75
N PHE A 329 -49.03 12.81 10.08
CA PHE A 329 -50.26 12.42 10.76
C PHE A 329 -51.13 13.62 11.07
N VAL A 330 -50.53 14.81 11.17
CA VAL A 330 -51.29 16.04 11.40
C VAL A 330 -52.15 16.36 10.18
N HIS A 331 -51.58 16.20 8.98
CA HIS A 331 -52.33 16.49 7.76
C HIS A 331 -53.39 15.43 7.48
N TYR A 332 -53.18 14.22 8.00
CA TYR A 332 -54.15 13.11 7.81
C TYR A 332 -55.55 13.57 8.26
N TYR A 444 -32.41 6.42 -12.49
CA TYR A 444 -31.25 7.30 -12.20
C TYR A 444 -30.63 6.90 -10.86
N PHE A 445 -31.43 6.36 -9.94
CA PHE A 445 -30.81 5.90 -8.66
C PHE A 445 -29.95 4.65 -8.92
N TRP A 446 -30.44 3.73 -9.76
CA TRP A 446 -29.60 2.55 -10.14
C TRP A 446 -28.33 3.08 -10.80
N ASN A 447 -28.45 4.18 -11.56
CA ASN A 447 -27.29 4.75 -12.27
C ASN A 447 -26.27 5.27 -11.26
N ILE A 448 -26.73 5.93 -10.20
CA ILE A 448 -25.81 6.52 -9.18
C ILE A 448 -25.25 5.43 -8.26
N ILE A 449 -25.92 4.30 -8.10
CA ILE A 449 -25.28 3.21 -7.27
C ILE A 449 -24.12 2.55 -8.05
N THR A 450 -24.25 2.31 -9.35
CA THR A 450 -23.24 1.72 -10.21
C THR A 450 -22.09 2.67 -10.50
N ILE A 451 -22.30 3.98 -10.30
CA ILE A 451 -21.17 4.89 -10.20
C ILE A 451 -20.48 4.71 -8.86
N ALA A 452 -21.27 4.50 -7.80
CA ALA A 452 -20.72 4.43 -6.45
C ALA A 452 -19.89 3.16 -6.23
N VAL A 453 -20.47 2.00 -6.53
CA VAL A 453 -19.78 0.74 -6.25
C VAL A 453 -18.64 0.47 -7.23
N PHE A 454 -18.62 1.13 -8.39
CA PHE A 454 -17.44 1.01 -9.25
C PHE A 454 -16.33 1.94 -8.80
N TYR A 455 -16.69 3.09 -8.23
CA TYR A 455 -15.72 3.99 -7.64
C TYR A 455 -15.25 3.48 -6.28
N ALA A 456 -16.02 2.60 -5.64
CA ALA A 456 -15.70 2.12 -4.30
C ALA A 456 -14.68 0.99 -4.30
N LEU A 457 -14.87 -0.03 -5.14
CA LEU A 457 -14.07 -1.26 -5.13
C LEU A 457 -12.55 -1.13 -5.23
N PRO A 458 -11.96 -0.04 -5.74
CA PRO A 458 -10.53 0.17 -5.46
C PRO A 458 -10.16 0.26 -3.99
N VAL A 459 -11.03 0.76 -3.11
CA VAL A 459 -10.61 0.90 -1.72
C VAL A 459 -10.97 -0.33 -0.88
N ILE A 460 -11.97 -1.11 -1.26
CA ILE A 460 -12.25 -2.35 -0.53
C ILE A 460 -11.16 -3.38 -0.82
N GLN A 461 -10.55 -3.26 -1.99
CA GLN A 461 -9.42 -4.17 -2.33
C GLN A 461 -8.16 -3.63 -1.67
N LEU A 462 -8.18 -2.39 -1.21
CA LEU A 462 -6.98 -1.76 -0.66
C LEU A 462 -6.98 -1.63 0.85
N VAL A 463 -8.06 -1.11 1.46
CA VAL A 463 -8.02 -0.84 2.89
C VAL A 463 -8.14 -2.10 3.75
N ILE A 464 -8.51 -3.24 3.17
CA ILE A 464 -8.45 -4.49 3.91
C ILE A 464 -7.04 -5.06 3.94
N THR A 465 -6.16 -4.57 3.07
CA THR A 465 -4.75 -4.95 3.16
C THR A 465 -4.01 -4.06 4.14
N TYR A 466 -4.33 -2.76 4.15
CA TYR A 466 -3.71 -1.83 5.08
C TYR A 466 -4.12 -2.10 6.52
N GLN A 467 -5.37 -2.51 6.74
CA GLN A 467 -5.84 -2.81 8.09
C GLN A 467 -5.24 -4.12 8.61
N THR A 468 -4.82 -5.01 7.71
CA THR A 468 -4.15 -6.23 8.16
C THR A 468 -2.67 -6.01 8.40
N VAL A 469 -2.02 -5.20 7.57
CA VAL A 469 -0.58 -4.95 7.70
C VAL A 469 -0.27 -4.21 9.00
N VAL A 470 -1.15 -3.27 9.40
CA VAL A 470 -1.00 -2.61 10.69
C VAL A 470 -1.31 -3.58 11.84
N ASN A 471 -2.00 -4.69 11.58
CA ASN A 471 -2.29 -5.66 12.62
C ASN A 471 -1.28 -6.81 12.65
N VAL A 472 -0.87 -7.34 11.50
CA VAL A 472 0.10 -8.42 11.52
C VAL A 472 1.52 -7.91 11.77
N THR A 473 1.78 -6.63 11.53
CA THR A 473 2.99 -5.98 12.01
C THR A 473 2.60 -5.01 13.13
N GLY A 474 3.56 -4.24 13.60
CA GLY A 474 3.25 -3.24 14.60
C GLY A 474 3.45 -1.84 14.07
N ASN A 475 3.55 -1.73 12.74
CA ASN A 475 3.77 -0.43 12.11
C ASN A 475 2.48 0.38 12.14
N GLN A 476 2.32 1.20 13.17
CA GLN A 476 1.16 2.09 13.30
C GLN A 476 1.41 3.46 12.67
N ASP A 477 2.32 3.53 11.69
CA ASP A 477 2.61 4.76 10.97
C ASP A 477 1.95 4.80 9.60
N ILE A 478 0.89 4.01 9.41
CA ILE A 478 0.29 3.82 8.10
C ILE A 478 -1.06 4.52 7.99
N CYS A 479 -1.87 4.45 9.05
CA CYS A 479 -3.31 4.66 8.91
C CYS A 479 -3.81 5.98 9.48
N TYR A 480 -2.92 6.86 9.97
CA TYR A 480 -3.16 8.31 10.16
C TYR A 480 -4.43 8.65 10.96
N TYR A 481 -4.73 7.83 11.96
CA TYR A 481 -5.95 8.07 12.73
C TYR A 481 -5.80 9.27 13.65
N ASN A 482 -6.92 9.68 14.24
CA ASN A 482 -6.91 10.50 15.44
C ASN A 482 -6.70 9.52 16.59
N PHE A 483 -5.45 9.35 17.01
CA PHE A 483 -5.10 8.26 17.91
C PHE A 483 -5.56 8.51 19.34
N LEU A 484 -5.92 9.75 19.68
CA LEU A 484 -6.45 10.03 21.00
C LEU A 484 -7.96 9.79 21.08
N CYS A 485 -8.62 9.53 19.96
CA CYS A 485 -10.05 9.24 19.92
C CYS A 485 -10.31 8.08 18.97
N ALA A 486 -9.47 7.05 19.03
CA ALA A 486 -9.60 5.88 18.19
C ALA A 486 -10.01 4.71 19.06
N HIS A 487 -11.26 4.27 18.93
CA HIS A 487 -11.82 3.23 19.78
C HIS A 487 -12.03 1.97 18.95
N PRO A 488 -11.32 0.89 19.25
CA PRO A 488 -11.39 -0.29 18.39
C PRO A 488 -12.63 -1.14 18.64
N LEU A 489 -12.96 -1.95 17.63
CA LEU A 489 -14.02 -2.95 17.74
C LEU A 489 -13.65 -4.09 16.81
N GLY A 490 -13.04 -5.14 17.38
CA GLY A 490 -12.60 -6.27 16.58
C GLY A 490 -11.41 -5.96 15.71
N VAL A 491 -11.63 -5.89 14.39
CA VAL A 491 -10.56 -5.65 13.44
C VAL A 491 -10.31 -4.17 13.25
N LEU A 492 -11.39 -3.37 13.23
CA LEU A 492 -11.28 -1.94 13.01
C LEU A 492 -10.62 -1.26 14.21
N SER A 493 -9.75 -0.29 13.92
CA SER A 493 -9.02 0.43 14.96
C SER A 493 -9.67 1.75 15.35
N ALA A 494 -10.65 2.22 14.57
CA ALA A 494 -11.41 3.43 14.90
C ALA A 494 -12.86 3.16 14.51
N PHE A 495 -13.63 2.65 15.48
CA PHE A 495 -15.03 2.35 15.22
C PHE A 495 -15.90 3.59 15.20
N ASN A 496 -15.52 4.61 15.98
CA ASN A 496 -16.32 5.83 16.05
C ASN A 496 -16.25 6.64 14.77
N ASN A 497 -15.15 6.53 14.03
CA ASN A 497 -15.06 7.20 12.73
C ASN A 497 -15.93 6.52 11.68
N ILE A 498 -16.25 5.24 11.87
CA ILE A 498 -17.15 4.53 10.97
C ILE A 498 -18.60 4.67 11.43
N LEU A 499 -18.83 4.64 12.74
CA LEU A 499 -20.17 4.74 13.29
C LEU A 499 -20.77 6.13 13.10
N SER A 500 -19.93 7.16 13.01
CA SER A 500 -20.42 8.52 12.82
C SER A 500 -20.97 8.78 11.43
N ASN A 501 -20.74 7.88 10.48
CA ASN A 501 -21.30 7.99 9.15
C ASN A 501 -22.66 7.32 9.02
N LEU A 502 -23.26 6.90 10.14
CA LEU A 502 -24.60 6.33 10.12
C LEU A 502 -25.67 7.39 9.83
N GLY A 503 -25.35 8.67 10.07
CA GLY A 503 -26.30 9.72 9.78
C GLY A 503 -26.52 9.97 8.30
N HIS A 504 -25.57 9.54 7.45
CA HIS A 504 -25.76 9.66 6.01
C HIS A 504 -26.75 8.62 5.50
N VAL A 505 -26.55 7.36 5.89
CA VAL A 505 -27.43 6.29 5.41
C VAL A 505 -28.79 6.28 6.08
N LEU A 506 -28.95 7.00 7.19
CA LEU A 506 -30.26 7.05 7.84
C LEU A 506 -31.08 8.24 7.38
N LEU A 507 -30.46 9.42 7.27
CA LEU A 507 -31.16 10.58 6.72
C LEU A 507 -31.29 10.53 5.21
N GLY A 508 -30.41 9.78 4.54
CA GLY A 508 -30.57 9.59 3.11
C GLY A 508 -31.68 8.61 2.78
N PHE A 509 -31.93 7.65 3.66
CA PHE A 509 -33.06 6.75 3.48
C PHE A 509 -34.38 7.40 3.83
N LEU A 510 -34.37 8.34 4.79
CA LEU A 510 -35.58 9.04 5.16
C LEU A 510 -36.03 10.01 4.08
N PHE A 511 -35.07 10.62 3.37
CA PHE A 511 -35.41 11.54 2.29
C PHE A 511 -36.06 10.81 1.12
N LEU A 512 -35.72 9.55 0.90
CA LEU A 512 -36.39 8.78 -0.14
C LEU A 512 -37.83 8.45 0.24
N LEU A 513 -38.10 8.22 1.52
CA LEU A 513 -39.46 7.95 1.96
C LEU A 513 -40.33 9.20 1.97
N ILE A 514 -39.73 10.39 2.05
CA ILE A 514 -40.49 11.63 1.95
C ILE A 514 -40.87 11.89 0.50
N VAL A 515 -39.95 11.62 -0.44
CA VAL A 515 -40.23 11.80 -1.86
C VAL A 515 -41.21 10.73 -2.34
N LEU A 516 -41.08 9.51 -1.82
CA LEU A 516 -42.00 8.43 -2.18
C LEU A 516 -43.41 8.70 -1.68
N ARG A 517 -43.53 9.33 -0.50
CA ARG A 517 -44.83 9.78 -0.04
C ARG A 517 -45.37 10.91 -0.91
N ARG A 518 -44.48 11.78 -1.41
CA ARG A 518 -44.90 12.82 -2.33
C ARG A 518 -45.14 12.31 -3.75
N ASP A 519 -44.64 11.12 -4.09
CA ASP A 519 -44.83 10.56 -5.41
C ASP A 519 -46.08 9.71 -5.51
N ILE A 520 -46.39 8.93 -4.47
CA ILE A 520 -47.61 8.13 -4.47
C ILE A 520 -48.84 9.03 -4.36
N LEU A 521 -48.75 10.09 -3.54
CA LEU A 521 -49.83 11.06 -3.45
C LEU A 521 -49.85 12.04 -4.63
N HIS A 522 -48.95 11.90 -5.59
CA HIS A 522 -49.01 12.65 -6.84
C HIS A 522 -49.62 11.83 -7.97
N ARG A 523 -49.33 10.53 -8.02
CA ARG A 523 -49.96 9.67 -9.03
C ARG A 523 -51.42 9.42 -8.70
N ARG A 524 -51.78 9.42 -7.41
CA ARG A 524 -53.17 9.30 -7.02
C ARG A 524 -53.97 10.56 -7.30
N ALA A 525 -53.31 11.69 -7.47
CA ALA A 525 -53.97 12.93 -7.85
C ALA A 525 -54.06 13.13 -9.35
N LEU A 526 -53.27 12.39 -10.13
CA LEU A 526 -53.34 12.48 -11.59
C LEU A 526 -54.44 11.63 -12.19
N GLU A 527 -55.01 10.70 -11.41
CA GLU A 527 -56.12 9.88 -11.88
C GLU A 527 -57.48 10.51 -11.59
N ALA A 528 -57.50 11.72 -11.03
CA ALA A 528 -58.75 12.41 -10.72
C ALA A 528 -58.83 13.74 -11.46
N GLU A 535 -53.97 23.04 -15.27
CA GLU A 535 -52.86 22.74 -14.38
C GLU A 535 -52.78 23.75 -13.24
N TYR A 536 -52.33 23.29 -12.08
CA TYR A 536 -52.29 24.11 -10.87
C TYR A 536 -50.95 23.97 -10.17
N GLY A 537 -49.88 24.12 -10.95
CA GLY A 537 -48.54 24.07 -10.39
C GLY A 537 -47.50 23.88 -11.46
N ILE A 538 -46.25 23.91 -11.01
CA ILE A 538 -45.12 23.58 -11.86
C ILE A 538 -45.10 22.06 -12.02
N PRO A 539 -44.53 21.50 -13.09
CA PRO A 539 -44.47 20.04 -13.21
C PRO A 539 -43.51 19.43 -12.20
N LYS A 540 -44.05 18.55 -11.35
CA LYS A 540 -43.25 17.90 -10.32
C LYS A 540 -42.46 16.76 -10.95
N HIS A 541 -41.14 16.81 -10.84
CA HIS A 541 -40.26 15.79 -11.37
C HIS A 541 -39.45 15.20 -10.22
N PHE A 542 -39.80 13.99 -9.82
CA PHE A 542 -39.16 13.32 -8.69
C PHE A 542 -38.00 12.43 -9.11
N GLY A 543 -37.40 12.70 -10.26
CA GLY A 543 -36.30 11.88 -10.74
C GLY A 543 -35.01 12.11 -9.98
N LEU A 544 -34.54 13.35 -9.95
CA LEU A 544 -33.29 13.66 -9.26
C LEU A 544 -33.45 13.65 -7.74
N PHE A 545 -34.68 13.70 -7.24
CA PHE A 545 -34.90 13.59 -5.80
C PHE A 545 -34.56 12.20 -5.29
N TYR A 546 -34.89 11.17 -6.07
CA TYR A 546 -34.41 9.82 -5.76
C TYR A 546 -32.91 9.72 -5.92
N ALA A 547 -32.34 10.48 -6.87
CA ALA A 547 -30.92 10.45 -7.14
C ALA A 547 -30.09 11.11 -6.04
N MET A 548 -30.67 12.06 -5.30
CA MET A 548 -29.91 12.75 -4.25
C MET A 548 -29.93 11.97 -2.94
N GLY A 549 -31.08 11.40 -2.58
CA GLY A 549 -31.17 10.62 -1.35
C GLY A 549 -30.38 9.32 -1.43
N ILE A 550 -30.21 8.78 -2.63
CA ILE A 550 -29.27 7.68 -2.83
C ILE A 550 -27.83 8.17 -2.67
N ALA A 551 -27.52 9.33 -3.26
CA ALA A 551 -26.16 9.87 -3.19
C ALA A 551 -25.77 10.29 -1.78
N LEU A 552 -26.74 10.63 -0.93
CA LEU A 552 -26.44 10.86 0.47
C LEU A 552 -26.11 9.54 1.18
N MET A 553 -26.80 8.46 0.80
CA MET A 553 -26.54 7.16 1.41
C MET A 553 -25.18 6.60 0.99
N MET A 554 -24.80 6.81 -0.27
CA MET A 554 -23.51 6.31 -0.74
C MET A 554 -22.35 7.17 -0.27
N GLU A 555 -22.61 8.39 0.21
CA GLU A 555 -21.56 9.21 0.79
C GLU A 555 -21.08 8.63 2.12
N GLY A 556 -21.99 8.09 2.92
CA GLY A 556 -21.59 7.48 4.17
C GLY A 556 -20.90 6.14 4.00
N VAL A 557 -21.25 5.40 2.96
CA VAL A 557 -20.58 4.13 2.69
C VAL A 557 -19.17 4.38 2.19
N LEU A 558 -18.98 5.43 1.39
CA LEU A 558 -17.65 5.71 0.85
C LEU A 558 -16.71 6.25 1.91
N SER A 559 -17.21 7.05 2.84
CA SER A 559 -16.35 7.65 3.85
C SER A 559 -16.11 6.73 5.04
N ALA A 560 -17.01 5.78 5.30
CA ALA A 560 -16.73 4.77 6.32
C ALA A 560 -15.65 3.82 5.85
N CYS A 561 -15.59 3.54 4.55
CA CYS A 561 -14.50 2.76 4.00
C CYS A 561 -13.19 3.54 3.98
N TYR A 562 -13.26 4.88 3.98
CA TYR A 562 -12.06 5.69 4.08
C TYR A 562 -11.46 5.61 5.48
N HIS A 563 -12.31 5.54 6.50
CA HIS A 563 -11.86 5.60 7.88
C HIS A 563 -11.46 4.24 8.44
N VAL A 564 -11.42 3.21 7.60
CA VAL A 564 -10.80 1.96 8.01
C VAL A 564 -9.28 2.13 8.07
N CYS A 565 -8.72 2.81 7.07
CA CYS A 565 -7.31 3.21 7.12
C CYS A 565 -7.14 4.45 6.26
N PRO A 566 -7.30 5.64 6.85
CA PRO A 566 -7.04 6.88 6.10
C PRO A 566 -5.55 7.05 5.82
N ASN A 567 -5.21 7.24 4.56
CA ASN A 567 -3.82 7.56 4.18
C ASN A 567 -3.85 8.33 2.87
N TYR A 568 -2.67 8.45 2.26
CA TYR A 568 -2.51 9.27 1.06
C TYR A 568 -3.11 8.63 -0.18
N SER A 569 -3.31 7.30 -0.18
CA SER A 569 -3.76 6.59 -1.37
C SER A 569 -5.28 6.54 -1.50
N ASN A 570 -6.03 6.98 -0.49
CA ASN A 570 -7.48 7.00 -0.58
C ASN A 570 -8.05 8.28 0.02
N PHE A 571 -7.31 9.37 -0.01
CA PHE A 571 -7.72 10.59 0.73
C PHE A 571 -9.00 11.21 0.23
N GLN A 572 -9.28 11.06 -1.06
CA GLN A 572 -10.44 11.75 -1.59
C GLN A 572 -11.74 11.16 -1.08
N PHE A 573 -11.75 9.89 -0.66
CA PHE A 573 -12.97 9.17 -0.36
C PHE A 573 -13.65 9.61 0.93
N ASP A 574 -13.09 10.57 1.65
CA ASP A 574 -13.83 11.20 2.75
C ASP A 574 -14.94 12.08 2.23
N THR A 575 -14.65 12.95 1.26
CA THR A 575 -15.56 13.99 0.85
C THR A 575 -15.73 14.16 -0.65
N SER A 576 -15.20 13.26 -1.49
CA SER A 576 -15.29 13.47 -2.93
C SER A 576 -16.69 13.21 -3.47
N PHE A 577 -17.47 12.38 -2.81
CA PHE A 577 -18.80 12.10 -3.33
C PHE A 577 -19.79 13.19 -2.95
N MET A 578 -19.38 14.15 -2.11
CA MET A 578 -20.17 15.33 -1.85
C MET A 578 -20.12 16.33 -3.00
N TYR A 579 -19.14 16.21 -3.90
CA TYR A 579 -19.15 17.00 -5.12
C TYR A 579 -20.30 16.58 -6.01
N MET A 580 -20.60 15.27 -6.03
CA MET A 580 -21.75 14.76 -6.78
C MET A 580 -23.06 15.23 -6.15
N ILE A 581 -23.12 15.28 -4.82
CA ILE A 581 -24.34 15.71 -4.13
C ILE A 581 -24.61 17.19 -4.38
N ALA A 582 -23.57 18.02 -4.30
CA ALA A 582 -23.72 19.44 -4.60
C ALA A 582 -23.99 19.69 -6.08
N GLY A 583 -23.47 18.82 -6.95
CA GLY A 583 -23.77 18.95 -8.37
C GLY A 583 -25.19 18.55 -8.71
N LEU A 584 -25.71 17.53 -8.01
CA LEU A 584 -27.09 17.11 -8.23
C LEU A 584 -28.10 18.09 -7.66
N CYS A 585 -27.72 18.87 -6.65
CA CYS A 585 -28.63 19.85 -6.08
C CYS A 585 -28.78 21.07 -7.00
N MET A 586 -27.68 21.52 -7.60
CA MET A 586 -27.72 22.67 -8.49
C MET A 586 -28.41 22.36 -9.82
N LEU A 587 -28.51 21.08 -10.18
CA LEU A 587 -29.19 20.72 -11.41
C LEU A 587 -30.71 20.63 -11.22
N LYS A 588 -31.16 20.15 -10.05
CA LYS A 588 -32.58 20.10 -9.76
C LYS A 588 -33.16 21.50 -9.57
N LEU A 589 -32.41 22.41 -8.95
CA LEU A 589 -32.91 23.77 -8.76
C LEU A 589 -32.98 24.51 -10.08
N TYR A 590 -32.14 24.14 -11.05
CA TYR A 590 -32.31 24.63 -12.41
C TYR A 590 -33.50 23.97 -13.09
N GLN A 591 -33.82 22.72 -12.72
CA GLN A 591 -34.88 21.97 -13.38
C GLN A 591 -36.27 22.44 -12.98
N THR A 592 -36.42 23.08 -11.82
CA THR A 592 -37.74 23.46 -11.31
C THR A 592 -38.39 24.54 -12.16
N ARG A 593 -37.61 25.41 -12.81
CA ARG A 593 -38.16 26.40 -13.71
C ARG A 593 -37.52 26.35 -15.09
N HIS A 594 -36.77 25.30 -15.39
CA HIS A 594 -36.36 24.98 -16.75
C HIS A 594 -36.52 23.47 -16.93
N PRO A 595 -37.74 23.00 -17.16
CA PRO A 595 -37.97 21.55 -17.26
C PRO A 595 -37.57 20.94 -18.60
N ASP A 596 -37.07 21.75 -19.53
CA ASP A 596 -36.66 21.25 -20.84
C ASP A 596 -35.25 20.66 -20.84
N ILE A 597 -34.58 20.63 -19.69
CA ILE A 597 -33.22 20.09 -19.65
C ILE A 597 -33.28 18.57 -19.73
N ASN A 598 -32.20 17.98 -20.24
CA ASN A 598 -32.10 16.52 -20.35
C ASN A 598 -30.63 16.16 -20.10
N ALA A 599 -30.33 15.87 -18.84
CA ALA A 599 -29.00 15.41 -18.46
C ALA A 599 -28.98 13.89 -18.45
N SER A 600 -28.16 13.29 -19.32
CA SER A 600 -28.09 11.85 -19.43
C SER A 600 -27.37 11.25 -18.23
N ALA A 601 -27.54 9.93 -18.07
CA ALA A 601 -26.86 9.22 -16.99
C ALA A 601 -25.36 9.10 -17.22
N TYR A 602 -24.91 9.18 -18.49
CA TYR A 602 -23.48 9.19 -18.75
C TYR A 602 -22.87 10.53 -18.40
N SER A 603 -23.60 11.62 -18.59
CA SER A 603 -23.07 12.95 -18.34
C SER A 603 -22.87 13.21 -16.86
N ALA A 604 -23.65 12.56 -16.00
CA ALA A 604 -23.40 12.64 -14.56
C ALA A 604 -22.17 11.83 -14.18
N TYR A 605 -21.85 10.79 -14.95
CA TYR A 605 -20.66 10.00 -14.69
C TYR A 605 -19.42 10.67 -15.26
N ALA A 606 -19.53 11.29 -16.44
CA ALA A 606 -18.35 11.86 -17.09
C ALA A 606 -17.93 13.16 -16.43
N SER A 607 -18.89 14.00 -16.04
CA SER A 607 -18.55 15.26 -15.38
C SER A 607 -18.06 15.03 -13.95
N PHE A 608 -18.47 13.93 -13.32
CA PHE A 608 -17.91 13.58 -12.02
C PHE A 608 -16.51 13.01 -12.16
N ALA A 609 -16.21 12.35 -13.29
CA ALA A 609 -14.91 11.73 -13.45
C ALA A 609 -13.81 12.76 -13.72
N VAL A 610 -14.17 13.93 -14.25
CA VAL A 610 -13.15 14.94 -14.52
C VAL A 610 -12.88 15.84 -13.31
N VAL A 611 -13.80 15.90 -12.34
CA VAL A 611 -13.53 16.67 -11.13
C VAL A 611 -12.83 15.84 -10.07
N ILE A 612 -12.78 14.52 -10.22
CA ILE A 612 -11.92 13.70 -9.38
C ILE A 612 -10.49 13.73 -9.90
N MET A 613 -10.37 13.70 -11.22
CA MET A 613 -9.03 13.67 -11.84
C MET A 613 -8.28 14.93 -11.44
N VAL A 614 -8.91 16.08 -11.59
CA VAL A 614 -8.21 17.33 -11.29
C VAL A 614 -7.97 17.51 -9.80
N THR A 615 -8.69 16.75 -8.98
CA THR A 615 -8.46 16.83 -7.53
C THR A 615 -7.22 15.98 -7.21
N VAL A 616 -7.24 14.71 -7.59
CA VAL A 616 -6.11 13.80 -7.27
C VAL A 616 -4.84 14.43 -7.82
N LEU A 617 -4.92 15.05 -8.99
CA LEU A 617 -3.70 15.64 -9.60
C LEU A 617 -3.27 16.84 -8.76
N GLY A 618 -4.21 17.75 -8.48
CA GLY A 618 -3.84 18.96 -7.74
C GLY A 618 -3.06 18.63 -6.50
N VAL A 619 -3.50 17.61 -5.75
CA VAL A 619 -2.82 17.25 -4.48
C VAL A 619 -1.44 16.68 -4.77
N VAL A 620 -1.31 15.82 -5.78
CA VAL A 620 0.01 15.16 -6.03
C VAL A 620 0.87 16.09 -6.88
N PHE A 621 0.65 16.09 -8.20
CA PHE A 621 1.50 16.90 -9.11
C PHE A 621 1.44 18.38 -8.72
N GLY A 622 0.23 18.95 -8.71
CA GLY A 622 0.11 20.35 -8.29
C GLY A 622 1.06 20.57 -7.14
N LYS A 623 1.04 19.67 -6.16
CA LYS A 623 1.99 19.75 -5.02
C LYS A 623 2.19 21.22 -4.63
N ASN A 624 1.10 21.98 -4.57
CA ASN A 624 1.19 23.42 -4.21
C ASN A 624 2.30 24.13 -4.98
N ASP A 625 2.33 24.03 -6.32
CA ASP A 625 3.31 24.81 -7.12
C ASP A 625 2.52 25.86 -7.92
N VAL A 626 3.18 26.94 -8.38
CA VAL A 626 2.43 28.02 -9.02
C VAL A 626 1.98 27.63 -10.42
N TRP A 627 2.52 26.53 -10.98
CA TRP A 627 2.15 26.16 -12.34
C TRP A 627 0.76 25.56 -12.42
N PHE A 628 0.29 24.92 -11.34
CA PHE A 628 -1.05 24.35 -11.33
C PHE A 628 -2.07 25.36 -10.84
N TRP A 629 -1.69 26.22 -9.89
CA TRP A 629 -2.66 27.09 -9.23
C TRP A 629 -3.10 28.25 -10.12
N VAL A 630 -2.25 28.66 -11.06
CA VAL A 630 -2.63 29.74 -11.97
C VAL A 630 -3.62 29.24 -13.02
N ILE A 631 -3.31 28.10 -13.64
CA ILE A 631 -4.19 27.56 -14.68
C ILE A 631 -5.46 26.97 -14.11
N PHE A 632 -5.48 26.59 -12.83
CA PHE A 632 -6.74 26.20 -12.21
C PHE A 632 -7.59 27.41 -11.86
N SER A 633 -6.95 28.53 -11.50
CA SER A 633 -7.69 29.76 -11.23
C SER A 633 -8.29 30.33 -12.49
N ALA A 634 -7.71 30.05 -13.65
CA ALA A 634 -8.31 30.45 -14.92
C ALA A 634 -9.49 29.56 -15.28
N ILE A 635 -9.44 28.28 -14.92
CA ILE A 635 -10.59 27.39 -15.12
C ILE A 635 -11.73 27.80 -14.19
N HIS A 636 -11.40 28.23 -12.98
CA HIS A 636 -12.43 28.57 -11.99
C HIS A 636 -13.16 29.85 -12.35
N VAL A 637 -12.52 30.78 -13.04
CA VAL A 637 -13.18 32.04 -13.35
C VAL A 637 -14.01 31.97 -14.63
N LEU A 638 -13.66 31.08 -15.57
CA LEU A 638 -14.49 30.94 -16.77
C LEU A 638 -15.60 29.92 -16.57
N ALA A 639 -15.50 29.05 -15.57
CA ALA A 639 -16.64 28.20 -15.21
C ALA A 639 -17.75 29.04 -14.60
N SER A 640 -17.41 30.01 -13.77
CA SER A 640 -18.41 30.91 -13.20
C SER A 640 -18.97 31.86 -14.25
N LEU A 641 -18.16 32.25 -15.24
CA LEU A 641 -18.66 33.05 -16.34
C LEU A 641 -19.55 32.25 -17.29
N ALA A 642 -19.42 30.92 -17.31
CA ALA A 642 -20.27 30.09 -18.15
C ALA A 642 -21.62 29.81 -17.48
N LEU A 643 -21.63 29.56 -16.17
CA LEU A 643 -22.89 29.23 -15.49
C LEU A 643 -23.72 30.45 -15.16
N SER A 644 -23.15 31.66 -15.23
CA SER A 644 -23.92 32.85 -14.90
C SER A 644 -24.93 33.17 -15.99
N THR A 645 -24.47 33.30 -17.25
CA THR A 645 -25.39 33.60 -18.34
C THR A 645 -26.21 32.39 -18.77
N GLN A 646 -25.81 31.19 -18.33
CA GLN A 646 -26.66 30.01 -18.61
C GLN A 646 -27.89 30.11 -17.71
N ILE A 647 -27.70 30.52 -16.45
CA ILE A 647 -28.84 30.76 -15.56
C ILE A 647 -29.74 31.84 -16.14
N TYR A 648 -29.13 32.92 -16.63
CA TYR A 648 -29.87 33.97 -17.32
C TYR A 648 -30.40 33.47 -18.66
N MET A 681 -33.96 45.76 -14.05
CA MET A 681 -33.56 44.37 -14.09
C MET A 681 -32.52 44.05 -13.01
N ASP A 682 -32.99 43.54 -11.87
CA ASP A 682 -32.11 43.12 -10.79
C ASP A 682 -31.56 41.71 -10.97
N ARG A 683 -31.86 41.06 -12.10
CA ARG A 683 -31.27 39.76 -12.39
C ARG A 683 -29.79 39.91 -12.74
N MET A 684 -29.43 40.99 -13.41
CA MET A 684 -28.03 41.26 -13.73
C MET A 684 -27.23 41.72 -12.52
N VAL A 685 -27.90 42.14 -11.44
CA VAL A 685 -27.19 42.54 -10.23
C VAL A 685 -26.68 41.32 -9.47
N LEU A 686 -27.54 40.31 -9.31
CA LEU A 686 -27.16 39.12 -8.56
C LEU A 686 -26.16 38.26 -9.33
N LEU A 687 -26.27 38.24 -10.65
CA LEU A 687 -25.40 37.40 -11.48
C LEU A 687 -24.00 37.98 -11.66
N VAL A 688 -23.71 39.16 -11.11
CA VAL A 688 -22.34 39.64 -11.02
C VAL A 688 -21.83 39.69 -9.59
N VAL A 689 -22.70 39.60 -8.59
CA VAL A 689 -22.24 39.44 -7.22
C VAL A 689 -21.70 38.03 -7.01
N GLY A 690 -22.42 37.02 -7.53
CA GLY A 690 -21.99 35.64 -7.43
C GLY A 690 -20.69 35.33 -8.16
N ASN A 691 -20.36 36.11 -9.19
CA ASN A 691 -19.04 35.98 -9.80
C ASN A 691 -17.96 36.54 -8.90
N LEU A 692 -18.27 37.58 -8.13
CA LEU A 692 -17.27 38.18 -7.24
C LEU A 692 -16.98 37.29 -6.03
N VAL A 693 -17.93 36.44 -5.64
CA VAL A 693 -17.65 35.48 -4.58
C VAL A 693 -16.76 34.36 -5.10
N ASN A 694 -16.99 33.93 -6.35
CA ASN A 694 -16.11 32.95 -6.97
C ASN A 694 -14.75 33.56 -7.32
N TRP A 695 -14.71 34.86 -7.59
CA TRP A 695 -13.43 35.50 -7.87
C TRP A 695 -12.63 35.72 -6.60
N SER A 696 -13.31 36.06 -5.50
CA SER A 696 -12.63 36.15 -4.20
C SER A 696 -12.20 34.76 -3.73
N PHE A 697 -12.94 33.72 -4.10
CA PHE A 697 -12.50 32.36 -3.81
C PHE A 697 -11.33 31.94 -4.69
N ALA A 698 -11.24 32.51 -5.90
CA ALA A 698 -10.16 32.14 -6.81
C ALA A 698 -8.83 32.73 -6.37
N LEU A 699 -8.82 33.99 -5.93
CA LEU A 699 -7.58 34.62 -5.50
C LEU A 699 -7.18 34.23 -4.09
N PHE A 700 -8.11 33.74 -3.27
CA PHE A 700 -7.77 33.28 -1.94
C PHE A 700 -6.94 32.01 -1.98
N GLY A 701 -7.31 31.09 -2.88
CA GLY A 701 -6.51 29.89 -3.08
C GLY A 701 -5.26 30.12 -3.90
N LEU A 702 -5.16 31.27 -4.55
CA LEU A 702 -3.99 31.55 -5.38
C LEU A 702 -2.85 32.16 -4.56
N ILE A 703 -3.18 33.00 -3.57
CA ILE A 703 -2.15 33.66 -2.78
C ILE A 703 -1.70 32.85 -1.57
N TYR A 704 -2.49 31.86 -1.15
CA TYR A 704 -2.14 31.05 0.01
C TYR A 704 -1.79 29.61 -0.35
N ARG A 705 -2.36 29.08 -1.45
CA ARG A 705 -2.17 27.73 -1.97
C ARG A 705 -2.44 26.67 -0.93
N PRO A 706 -3.71 26.40 -0.60
CA PRO A 706 -4.02 25.35 0.39
C PRO A 706 -3.65 23.96 -0.15
N ARG A 707 -2.80 23.26 0.59
CA ARG A 707 -2.31 21.96 0.14
C ARG A 707 -3.41 20.92 0.15
N ASP A 708 -4.32 20.98 1.11
CA ASP A 708 -5.49 20.10 1.14
C ASP A 708 -6.47 20.57 0.08
N PHE A 709 -6.23 20.13 -1.15
CA PHE A 709 -7.03 20.55 -2.29
C PHE A 709 -8.39 19.85 -2.36
N ALA A 710 -8.53 18.70 -1.69
CA ALA A 710 -9.82 18.03 -1.66
C ALA A 710 -10.82 18.77 -0.79
N SER A 711 -10.36 19.44 0.26
CA SER A 711 -11.23 20.31 1.03
C SER A 711 -11.41 21.67 0.37
N TYR A 712 -10.48 22.07 -0.50
CA TYR A 712 -10.65 23.30 -1.27
C TYR A 712 -11.74 23.15 -2.33
N MET A 713 -11.89 21.93 -2.88
CA MET A 713 -12.94 21.70 -3.86
C MET A 713 -14.31 21.60 -3.20
N LEU A 714 -14.36 21.25 -1.91
CA LEU A 714 -15.62 21.30 -1.19
C LEU A 714 -16.11 22.72 -1.02
N GLY A 715 -15.20 23.67 -0.77
CA GLY A 715 -15.60 25.05 -0.62
C GLY A 715 -16.13 25.68 -1.89
N ILE A 716 -15.71 25.17 -3.05
CA ILE A 716 -16.25 25.65 -4.31
C ILE A 716 -17.68 25.14 -4.51
N PHE A 717 -17.90 23.85 -4.25
CA PHE A 717 -19.20 23.24 -4.51
C PHE A 717 -20.24 23.64 -3.46
N ILE A 718 -19.81 23.94 -2.24
CA ILE A 718 -20.76 24.32 -1.20
C ILE A 718 -21.22 25.77 -1.38
N CYS A 719 -20.28 26.69 -1.62
CA CYS A 719 -20.64 28.09 -1.76
C CYS A 719 -21.44 28.35 -3.02
N ASN A 720 -21.15 27.61 -4.09
CA ASN A 720 -21.96 27.72 -5.31
C ASN A 720 -23.34 27.13 -5.10
N LEU A 721 -23.46 26.13 -4.22
CA LEU A 721 -24.78 25.65 -3.84
C LEU A 721 -25.50 26.66 -2.95
N LEU A 722 -24.80 27.23 -1.97
CA LEU A 722 -25.41 28.18 -1.06
C LEU A 722 -25.55 29.58 -1.64
N LEU A 723 -25.16 29.79 -2.90
CA LEU A 723 -25.43 31.05 -3.60
C LEU A 723 -26.60 30.91 -4.55
N TYR A 724 -26.65 29.84 -5.34
CA TYR A 724 -27.75 29.64 -6.27
C TYR A 724 -29.03 29.28 -5.54
N LEU A 725 -28.91 28.67 -4.35
CA LEU A 725 -30.08 28.50 -3.50
C LEU A 725 -30.47 29.82 -2.83
N ALA A 726 -29.49 30.68 -2.54
CA ALA A 726 -29.80 31.98 -1.97
C ALA A 726 -30.34 32.95 -3.00
N PHE A 727 -29.90 32.82 -4.26
CA PHE A 727 -30.43 33.68 -5.32
C PHE A 727 -31.85 33.28 -5.70
N TYR A 728 -32.20 32.01 -5.53
CA TYR A 728 -33.53 31.53 -5.88
C TYR A 728 -34.59 32.05 -4.91
N ILE A 729 -34.21 32.30 -3.65
CA ILE A 729 -35.15 32.82 -2.68
C ILE A 729 -35.38 34.31 -2.89
N ILE A 730 -34.31 35.05 -3.23
CA ILE A 730 -34.43 36.47 -3.50
C ILE A 730 -35.22 36.71 -4.78
N MET A 731 -35.08 35.83 -5.78
CA MET A 731 -35.88 35.94 -6.99
C MET A 731 -37.35 35.62 -6.72
N LYS A 732 -37.62 34.77 -5.73
CA LYS A 732 -39.01 34.55 -5.32
C LYS A 732 -39.56 35.73 -4.55
N LEU A 733 -38.70 36.48 -3.84
CA LEU A 733 -39.16 37.60 -3.05
C LEU A 733 -39.13 38.93 -3.79
N ARG A 734 -38.31 39.05 -4.84
CA ARG A 734 -38.44 40.21 -5.73
C ARG A 734 -39.71 40.12 -6.56
N SER A 735 -40.17 38.91 -6.84
CA SER A 735 -41.51 38.71 -7.38
C SER A 735 -42.50 38.61 -6.21
N SER A 736 -43.78 38.42 -6.54
CA SER A 736 -44.82 38.34 -5.51
C SER A 736 -45.09 36.87 -5.17
N GLU A 737 -44.09 36.25 -4.53
CA GLU A 737 -44.19 34.87 -4.07
C GLU A 737 -43.73 34.82 -2.63
N LYS A 738 -44.58 34.31 -1.74
CA LYS A 738 -44.24 34.19 -0.34
C LYS A 738 -43.52 32.87 -0.09
N VAL A 739 -43.12 32.65 1.16
CA VAL A 739 -42.49 31.41 1.59
C VAL A 739 -43.38 30.80 2.66
N LEU A 740 -43.77 29.54 2.46
CA LEU A 740 -44.57 28.82 3.43
C LEU A 740 -43.73 28.50 4.67
N PRO A 741 -44.38 28.25 5.82
CA PRO A 741 -43.59 27.98 7.05
C PRO A 741 -42.80 26.67 7.02
N VAL A 742 -43.16 25.71 6.17
CA VAL A 742 -42.40 24.46 6.11
C VAL A 742 -41.07 24.65 5.36
N PRO A 743 -40.98 25.31 4.18
CA PRO A 743 -39.63 25.61 3.66
C PRO A 743 -38.91 26.71 4.41
N LEU A 744 -39.64 27.61 5.09
CA LEU A 744 -38.97 28.68 5.83
C LEU A 744 -38.25 28.14 7.05
N PHE A 745 -38.77 27.06 7.64
CA PHE A 745 -38.05 26.39 8.71
C PHE A 745 -36.80 25.71 8.19
N CYS A 746 -36.86 25.14 6.99
CA CYS A 746 -35.73 24.41 6.42
C CYS A 746 -34.64 25.33 5.89
N ILE A 747 -34.97 26.58 5.56
CA ILE A 747 -33.93 27.53 5.14
C ILE A 747 -33.12 27.98 6.35
N VAL A 748 -33.80 28.27 7.46
CA VAL A 748 -33.11 28.64 8.70
C VAL A 748 -32.36 27.44 9.26
N ALA A 749 -32.88 26.22 9.05
CA ALA A 749 -32.18 25.02 9.50
C ALA A 749 -30.94 24.75 8.65
N THR A 750 -30.99 25.05 7.35
CA THR A 750 -29.84 24.84 6.48
C THR A 750 -28.71 25.80 6.82
N ALA A 751 -29.05 27.03 7.18
CA ALA A 751 -28.03 28.03 7.50
C ALA A 751 -27.34 27.76 8.83
N VAL A 752 -28.07 27.26 9.83
CA VAL A 752 -27.46 27.01 11.14
C VAL A 752 -26.82 25.63 11.24
N MET A 753 -27.11 24.71 10.33
CA MET A 753 -26.42 23.43 10.31
C MET A 753 -25.20 23.45 9.40
N TRP A 754 -25.18 24.30 8.38
CA TRP A 754 -23.97 24.43 7.58
C TRP A 754 -22.93 25.31 8.26
N ALA A 755 -23.36 26.30 9.04
CA ALA A 755 -22.41 27.09 9.80
C ALA A 755 -21.81 26.30 10.95
N ALA A 756 -22.58 25.38 11.52
CA ALA A 756 -22.05 24.53 12.59
C ALA A 756 -21.14 23.45 12.03
N ALA A 757 -21.47 22.90 10.86
CA ALA A 757 -20.65 21.84 10.28
C ALA A 757 -19.35 22.36 9.71
N LEU A 758 -19.36 23.57 9.15
CA LEU A 758 -18.12 24.13 8.61
C LEU A 758 -17.17 24.59 9.70
N TYR A 759 -17.68 24.82 10.91
CA TYR A 759 -16.79 25.07 12.04
C TYR A 759 -16.00 23.81 12.39
N PHE A 760 -16.71 22.69 12.55
CA PHE A 760 -16.08 21.42 12.91
C PHE A 760 -15.24 20.84 11.77
N PHE A 761 -15.49 21.29 10.53
CA PHE A 761 -14.72 20.81 9.40
C PHE A 761 -13.29 21.34 9.41
N PHE A 762 -13.07 22.50 10.02
CA PHE A 762 -11.77 23.14 9.97
C PHE A 762 -10.85 22.75 11.13
N GLN A 763 -11.39 22.14 12.19
CA GLN A 763 -10.53 21.57 13.23
C GLN A 763 -9.98 20.26 12.70
N ASN A 764 -8.77 20.32 12.14
CA ASN A 764 -8.11 19.12 11.65
C ASN A 764 -7.45 18.38 12.80
N LEU A 765 -7.70 17.08 12.89
CA LEU A 765 -7.11 16.23 13.92
C LEU A 765 -6.17 15.19 13.32
N SER A 766 -5.89 15.29 12.02
CA SER A 766 -5.05 14.36 11.29
C SER A 766 -4.73 15.00 9.95
N SER A 767 -3.61 14.60 9.36
CA SER A 767 -3.18 15.19 8.10
C SER A 767 -2.26 14.22 7.39
N TRP A 768 -2.65 13.77 6.19
CA TRP A 768 -1.81 12.92 5.37
C TRP A 768 -0.78 13.72 4.57
N GLU A 769 -0.73 15.04 4.77
CA GLU A 769 0.16 15.89 3.99
C GLU A 769 1.61 15.72 4.39
N GLY A 770 1.86 15.38 5.66
CA GLY A 770 3.19 15.21 6.16
C GLY A 770 3.48 13.80 6.62
N THR A 771 4.51 13.66 7.46
CA THR A 771 4.86 12.39 8.05
C THR A 771 3.82 12.01 9.11
N PRO A 772 3.67 10.71 9.43
CA PRO A 772 2.71 10.32 10.46
C PRO A 772 3.04 10.84 11.86
N ALA A 773 4.30 11.16 12.14
CA ALA A 773 4.63 11.81 13.40
C ALA A 773 4.19 13.26 13.41
N GLU A 774 4.12 13.90 12.24
CA GLU A 774 3.62 15.26 12.16
C GLU A 774 2.11 15.31 12.30
N SER A 775 1.42 14.26 11.84
CA SER A 775 -0.03 14.22 11.96
C SER A 775 -0.47 13.97 13.40
N ARG A 776 0.37 13.29 14.19
CA ARG A 776 0.02 12.97 15.56
C ARG A 776 0.06 14.16 16.50
N GLU A 777 0.66 15.28 16.06
CA GLU A 777 0.71 16.47 16.91
C GLU A 777 -0.64 17.16 17.01
N LYS A 778 -1.55 16.89 16.08
CA LYS A 778 -2.85 17.54 16.03
C LYS A 778 -3.96 16.68 16.59
N ASN A 779 -3.64 15.52 17.17
CA ASN A 779 -4.65 14.66 17.76
C ASN A 779 -5.25 15.31 19.00
N ARG A 780 -6.56 15.11 19.18
CA ARG A 780 -7.29 15.66 20.30
C ARG A 780 -8.17 14.58 20.91
N GLU A 781 -8.56 14.81 22.16
CA GLU A 781 -9.44 13.88 22.84
C GLU A 781 -10.87 14.03 22.34
N CYS A 782 -11.70 13.05 22.70
CA CYS A 782 -13.11 13.07 22.31
C CYS A 782 -13.85 14.11 23.14
N ILE A 783 -14.82 14.78 22.49
CA ILE A 783 -15.55 15.87 23.12
C ILE A 783 -17.03 15.56 23.32
N LEU A 784 -17.55 14.49 22.72
CA LEU A 784 -18.96 14.14 22.86
C LEU A 784 -19.07 12.69 23.28
N LEU A 785 -19.59 12.47 24.50
CA LEU A 785 -19.87 11.16 25.10
C LEU A 785 -18.62 10.29 25.25
N ASP A 786 -17.44 10.92 25.28
CA ASP A 786 -16.12 10.27 25.30
C ASP A 786 -15.93 9.29 24.14
N PHE A 787 -16.59 9.54 23.02
CA PHE A 787 -16.55 8.61 21.89
C PHE A 787 -16.27 9.33 20.59
N PHE A 788 -16.74 10.57 20.45
CA PHE A 788 -16.73 11.28 19.19
C PHE A 788 -15.86 12.52 19.29
N ASP A 789 -14.95 12.69 18.34
CA ASP A 789 -14.08 13.84 18.24
C ASP A 789 -14.69 14.87 17.31
N ASP A 790 -13.90 15.88 16.93
CA ASP A 790 -14.37 16.96 16.07
C ASP A 790 -14.71 16.46 14.66
N HIS A 791 -13.99 15.45 14.16
CA HIS A 791 -14.28 14.96 12.82
C HIS A 791 -15.53 14.10 12.79
N ASP A 792 -15.91 13.48 13.91
CA ASP A 792 -17.13 12.70 13.97
C ASP A 792 -18.38 13.57 14.06
N ILE A 793 -18.25 14.80 14.57
CA ILE A 793 -19.39 15.70 14.57
C ILE A 793 -19.57 16.30 13.19
N TRP A 794 -18.48 16.44 12.43
CA TRP A 794 -18.59 16.85 11.03
C TRP A 794 -19.32 15.80 10.21
N HIS A 795 -19.14 14.52 10.54
CA HIS A 795 -19.92 13.47 9.89
C HIS A 795 -21.39 13.51 10.31
N PHE A 796 -21.67 14.03 11.50
CA PHE A 796 -23.04 14.11 11.98
C PHE A 796 -23.76 15.33 11.42
N LEU A 797 -23.07 16.47 11.32
CA LEU A 797 -23.73 17.71 10.97
C LEU A 797 -23.71 18.00 9.48
N SER A 798 -22.82 17.36 8.72
CA SER A 798 -22.90 17.49 7.26
C SER A 798 -23.89 16.52 6.64
N ALA A 799 -24.33 15.50 7.40
CA ALA A 799 -25.43 14.68 6.95
C ALA A 799 -26.78 15.32 7.30
N THR A 800 -26.79 16.24 8.25
CA THR A 800 -28.00 16.98 8.61
C THR A 800 -28.14 18.25 7.78
N ALA A 801 -27.03 18.93 7.48
CA ALA A 801 -27.08 20.11 6.64
C ALA A 801 -27.38 19.75 5.19
N LEU A 802 -26.92 18.59 4.72
CA LEU A 802 -27.28 18.13 3.39
C LEU A 802 -28.70 17.58 3.33
N PHE A 803 -29.24 17.11 4.46
CA PHE A 803 -30.62 16.64 4.48
C PHE A 803 -31.60 17.81 4.45
N PHE A 804 -31.32 18.87 5.20
CA PHE A 804 -32.21 20.02 5.18
C PHE A 804 -32.01 20.85 3.91
N SER A 805 -30.87 20.73 3.24
CA SER A 805 -30.72 21.34 1.93
C SER A 805 -31.54 20.61 0.88
N PHE A 806 -31.76 19.31 1.07
CA PHE A 806 -32.66 18.56 0.21
C PHE A 806 -34.10 19.01 0.42
N LEU A 807 -34.48 19.24 1.68
CA LEU A 807 -35.86 19.62 1.98
C LEU A 807 -36.19 21.05 1.58
N VAL A 808 -35.17 21.89 1.38
CA VAL A 808 -35.42 23.20 0.80
C VAL A 808 -35.79 23.05 -0.67
N LEU A 809 -35.03 22.24 -1.42
CA LEU A 809 -35.27 22.06 -2.85
C LEU A 809 -36.57 21.32 -3.15
N LEU A 810 -37.11 20.60 -2.18
CA LEU A 810 -38.35 19.86 -2.41
C LEU A 810 -39.58 20.73 -2.16
N THR A 811 -39.56 21.54 -1.10
CA THR A 811 -40.76 22.24 -0.65
C THR A 811 -40.70 23.74 -0.85
N LEU A 812 -39.77 24.26 -1.66
CA LEU A 812 -39.71 25.71 -1.86
C LEU A 812 -40.81 26.19 -2.78
N ASP A 813 -41.15 25.40 -3.79
CA ASP A 813 -42.13 25.80 -4.79
C ASP A 813 -43.51 25.22 -4.51
N ASP A 814 -43.85 25.07 -3.24
CA ASP A 814 -45.19 24.65 -2.84
C ASP A 814 -46.11 25.84 -2.63
N ASP A 815 -45.60 27.06 -2.79
CA ASP A 815 -46.46 28.22 -2.95
C ASP A 815 -47.31 28.09 -4.21
N LEU A 816 -46.69 27.64 -5.30
CA LEU A 816 -47.30 27.66 -6.62
C LEU A 816 -48.16 26.43 -6.90
N ASP A 817 -48.36 25.55 -5.91
CA ASP A 817 -49.22 24.39 -6.08
C ASP A 817 -50.71 24.71 -5.93
N VAL A 818 -51.05 25.95 -5.59
CA VAL A 818 -52.43 26.42 -5.64
C VAL A 818 -52.60 27.48 -6.73
N VAL A 819 -51.56 28.22 -7.08
CA VAL A 819 -51.59 29.14 -8.21
C VAL A 819 -51.54 28.32 -9.50
N ARG A 820 -52.51 28.56 -10.38
CA ARG A 820 -52.58 27.82 -11.64
C ARG A 820 -51.44 28.24 -12.57
N ARG A 821 -51.21 27.42 -13.59
CA ARG A 821 -50.12 27.65 -14.54
C ARG A 821 -50.51 28.77 -15.51
N ASP A 822 -49.62 29.02 -16.49
CA ASP A 822 -49.70 30.15 -17.42
C ASP A 822 -49.79 31.49 -16.71
N GLN A 823 -49.09 31.62 -15.58
CA GLN A 823 -49.07 32.85 -14.79
C GLN A 823 -47.69 33.49 -14.80
N ILE A 824 -46.66 32.78 -14.35
CA ILE A 824 -45.29 33.28 -14.39
C ILE A 824 -44.35 32.07 -14.45
N PRO A 825 -43.28 32.13 -15.26
CA PRO A 825 -42.26 31.07 -15.23
C PRO A 825 -41.01 31.48 -14.45
N ARG B 44 45.91 -15.54 26.40
CA ARG B 44 46.59 -16.71 25.85
C ARG B 44 46.68 -16.63 24.32
N GLY B 45 47.89 -16.72 23.80
CA GLY B 45 48.08 -16.71 22.36
C GLY B 45 47.62 -18.02 21.74
N ALA B 46 46.80 -17.92 20.70
CA ALA B 46 46.19 -19.08 20.08
C ALA B 46 46.46 -19.08 18.58
N ASP B 47 46.17 -20.22 17.96
CA ASP B 47 46.44 -20.44 16.54
C ASP B 47 45.14 -20.60 15.77
N PHE B 48 45.17 -20.22 14.49
CA PHE B 48 44.05 -20.47 13.61
C PHE B 48 43.98 -21.95 13.24
N ASP B 49 42.77 -22.37 12.83
CA ASP B 49 42.47 -23.73 12.36
C ASP B 49 42.77 -24.80 13.42
N HIS B 50 42.61 -24.46 14.69
CA HIS B 50 42.81 -25.39 15.79
C HIS B 50 41.58 -25.34 16.67
N VAL B 51 41.07 -26.51 17.06
CA VAL B 51 39.86 -26.60 17.86
C VAL B 51 40.24 -26.60 19.33
N TYR B 52 39.88 -25.54 20.05
CA TYR B 52 40.12 -25.43 21.47
C TYR B 52 38.86 -25.82 22.23
N SER B 53 39.03 -26.62 23.28
CA SER B 53 37.93 -27.07 24.11
C SER B 53 38.27 -26.85 25.57
N GLY B 54 37.26 -26.48 26.35
CA GLY B 54 37.48 -26.21 27.76
C GLY B 54 36.18 -26.18 28.52
N VAL B 55 36.30 -25.95 29.82
CA VAL B 55 35.16 -25.81 30.71
C VAL B 55 35.30 -24.48 31.46
N VAL B 56 34.20 -23.77 31.63
CA VAL B 56 34.20 -22.45 32.24
C VAL B 56 33.07 -22.36 33.25
N ASN B 57 33.36 -21.82 34.44
CA ASN B 57 32.33 -21.58 35.43
C ASN B 57 32.38 -20.13 35.92
N LEU B 58 31.68 -19.84 37.02
CA LEU B 58 31.51 -18.47 37.51
C LEU B 58 32.84 -17.80 37.88
N SER B 59 33.84 -18.57 38.31
CA SER B 59 35.11 -18.00 38.71
C SER B 59 36.06 -17.79 37.54
N THR B 60 36.01 -18.65 36.52
CA THR B 60 36.97 -18.60 35.43
C THR B 60 36.41 -17.88 34.22
N GLU B 61 37.32 -17.46 33.34
CA GLU B 61 36.96 -16.85 32.07
C GLU B 61 38.13 -17.05 31.12
N ASN B 62 37.97 -17.94 30.14
CA ASN B 62 39.04 -18.22 29.19
C ASN B 62 39.16 -17.11 28.17
N ILE B 63 40.38 -16.70 27.89
CA ILE B 63 40.66 -15.62 26.94
C ILE B 63 41.64 -16.14 25.90
N TYR B 64 41.26 -16.06 24.63
CA TYR B 64 42.11 -16.46 23.52
C TYR B 64 42.41 -15.22 22.68
N SER B 65 43.68 -15.00 22.38
CA SER B 65 44.11 -13.85 21.59
C SER B 65 44.64 -14.35 20.25
N PHE B 66 44.01 -13.89 19.17
CA PHE B 66 44.39 -14.30 17.82
C PHE B 66 45.06 -13.14 17.10
N ASN B 67 46.12 -13.44 16.37
CA ASN B 67 47.01 -12.44 15.83
C ASN B 67 47.35 -12.81 14.39
N TYR B 68 47.18 -11.88 13.47
CA TYR B 68 47.44 -12.12 12.06
C TYR B 68 47.81 -10.82 11.38
N THR B 69 48.03 -10.88 10.07
CA THR B 69 48.47 -9.74 9.29
C THR B 69 47.67 -9.66 8.00
N SER B 70 47.24 -8.46 7.64
CA SER B 70 46.44 -8.22 6.45
C SER B 70 47.30 -7.60 5.36
N GLN B 71 47.28 -8.20 4.18
CA GLN B 71 48.08 -7.75 3.04
C GLN B 71 47.40 -6.57 2.35
N PRO B 72 48.18 -5.62 1.78
CA PRO B 72 47.59 -4.35 1.33
C PRO B 72 46.78 -4.41 0.04
N ASP B 73 46.59 -5.59 -0.54
CA ASP B 73 45.64 -5.73 -1.64
C ASP B 73 44.57 -6.78 -1.39
N GLN B 74 44.94 -7.93 -0.83
CA GLN B 74 43.95 -8.95 -0.53
C GLN B 74 43.19 -8.61 0.75
N VAL B 75 42.10 -9.35 0.97
CA VAL B 75 41.25 -9.17 2.14
C VAL B 75 41.15 -10.51 2.87
N THR B 76 41.21 -10.45 4.20
CA THR B 76 41.11 -11.63 5.04
C THR B 76 39.90 -11.49 5.96
N ALA B 77 39.04 -12.50 5.94
CA ALA B 77 37.88 -12.55 6.83
C ALA B 77 38.07 -13.66 7.85
N VAL B 78 37.63 -13.40 9.08
CA VAL B 78 37.81 -14.31 10.20
C VAL B 78 36.44 -14.80 10.64
N ARG B 79 36.29 -16.11 10.82
CA ARG B 79 35.06 -16.71 11.30
C ARG B 79 35.31 -17.44 12.60
N VAL B 80 34.38 -17.30 13.54
CA VAL B 80 34.49 -17.88 14.88
C VAL B 80 33.40 -18.94 15.03
N TYR B 81 33.81 -20.15 15.40
CA TYR B 81 32.90 -21.27 15.60
C TYR B 81 32.87 -21.63 17.07
N VAL B 82 31.66 -21.67 17.65
CA VAL B 82 31.49 -22.02 19.06
C VAL B 82 30.44 -23.13 19.15
N ASN B 83 30.78 -24.22 19.83
CA ASN B 83 29.84 -25.25 20.23
C ASN B 83 29.63 -25.20 21.75
N SER B 84 28.53 -25.78 22.20
CA SER B 84 28.34 -26.12 23.61
C SER B 84 27.31 -27.23 23.68
N SER B 85 27.72 -28.41 24.15
CA SER B 85 26.80 -29.53 24.32
C SER B 85 26.28 -29.58 25.76
N SER B 86 25.80 -28.44 26.24
CA SER B 86 25.27 -28.31 27.59
C SER B 86 23.83 -27.84 27.48
N GLU B 87 22.91 -28.69 27.93
CA GLU B 87 21.48 -28.34 27.73
C GLU B 87 20.94 -27.54 28.91
N ASN B 88 21.74 -27.35 29.95
CA ASN B 88 21.28 -26.44 30.99
C ASN B 88 21.10 -25.06 30.38
N LEU B 89 19.85 -24.70 30.11
CA LEU B 89 19.54 -23.44 29.45
C LEU B 89 19.36 -22.30 30.43
N ASN B 90 19.56 -22.54 31.73
CA ASN B 90 19.57 -21.48 32.72
C ASN B 90 20.95 -20.86 32.89
N TYR B 91 21.96 -21.50 32.31
CA TYR B 91 23.33 -20.96 32.41
C TYR B 91 24.03 -21.14 31.07
N PRO B 92 23.78 -20.28 30.07
CA PRO B 92 24.40 -20.44 28.76
C PRO B 92 25.86 -20.05 28.78
N VAL B 93 26.54 -20.33 27.67
CA VAL B 93 27.92 -19.93 27.47
C VAL B 93 27.93 -18.62 26.71
N LEU B 94 28.54 -17.59 27.30
CA LEU B 94 28.61 -16.27 26.69
C LEU B 94 29.99 -16.08 26.05
N VAL B 95 29.98 -15.59 24.80
CA VAL B 95 31.18 -15.46 24.00
C VAL B 95 31.27 -14.02 23.52
N VAL B 96 32.39 -13.35 23.83
CA VAL B 96 32.63 -11.97 23.45
C VAL B 96 33.85 -11.93 22.56
N VAL B 97 33.71 -11.29 21.40
CA VAL B 97 34.81 -11.12 20.44
C VAL B 97 35.13 -9.65 20.33
N ARG B 98 36.35 -9.27 20.72
CA ARG B 98 36.77 -7.88 20.73
C ARG B 98 37.79 -7.64 19.62
N GLN B 99 37.59 -6.57 18.86
CA GLN B 99 38.54 -6.10 17.86
C GLN B 99 39.01 -4.69 18.25
N GLN B 100 39.69 -4.01 17.36
CA GLN B 100 40.18 -2.67 17.73
C GLN B 100 39.02 -1.71 17.71
N LYS B 101 38.12 -1.87 16.75
CA LYS B 101 37.06 -0.89 16.58
C LYS B 101 35.67 -1.44 16.84
N GLU B 102 35.55 -2.69 17.27
CA GLU B 102 34.24 -3.31 17.43
C GLU B 102 34.26 -4.27 18.61
N VAL B 103 33.06 -4.56 19.11
CA VAL B 103 32.83 -5.62 20.08
C VAL B 103 31.63 -6.41 19.60
N LEU B 104 31.68 -7.73 19.76
CA LEU B 104 30.64 -8.61 19.25
C LEU B 104 30.39 -9.69 20.29
N SER B 105 29.12 -9.95 20.58
CA SER B 105 28.78 -10.89 21.64
C SER B 105 27.56 -11.69 21.25
N TRP B 106 27.51 -12.93 21.74
CA TRP B 106 26.36 -13.80 21.59
C TRP B 106 26.45 -14.87 22.67
N GLN B 107 25.34 -15.59 22.85
CA GLN B 107 25.28 -16.68 23.81
C GLN B 107 25.01 -17.99 23.08
N VAL B 108 25.65 -19.05 23.54
CA VAL B 108 25.49 -20.39 22.98
C VAL B 108 24.95 -21.26 24.10
N PRO B 109 23.81 -21.95 23.92
CA PRO B 109 22.97 -22.08 22.71
C PRO B 109 22.12 -20.86 22.38
N LEU B 110 22.04 -20.54 21.09
CA LEU B 110 21.25 -19.41 20.63
C LEU B 110 19.77 -19.74 20.76
N LEU B 111 18.99 -18.74 21.15
CA LEU B 111 17.56 -18.91 21.42
C LEU B 111 16.75 -18.11 20.42
N PHE B 112 15.63 -18.68 20.00
CA PHE B 112 14.69 -18.02 19.11
C PHE B 112 13.29 -18.20 19.64
N GLN B 113 12.48 -17.14 19.57
CA GLN B 113 11.09 -17.19 19.95
C GLN B 113 10.24 -17.09 18.70
N GLY B 114 9.67 -18.22 18.29
CA GLY B 114 8.79 -18.25 17.13
C GLY B 114 7.39 -17.83 17.47
N LEU B 115 6.54 -17.84 16.45
CA LEU B 115 5.14 -17.53 16.66
C LEU B 115 4.44 -18.67 17.38
N TYR B 116 3.36 -18.32 18.10
CA TYR B 116 2.54 -19.23 18.89
C TYR B 116 3.35 -19.96 19.97
N GLN B 117 4.31 -19.22 20.55
CA GLN B 117 5.07 -19.61 21.75
C GLN B 117 5.88 -20.91 21.53
N ARG B 118 6.73 -20.88 20.50
CA ARG B 118 7.66 -21.96 20.25
C ARG B 118 9.09 -21.47 20.43
N SER B 119 9.92 -22.29 21.06
CA SER B 119 11.30 -21.94 21.35
C SER B 119 12.23 -22.93 20.64
N TYR B 120 13.35 -22.42 20.15
CA TYR B 120 14.32 -23.24 19.42
C TYR B 120 15.71 -23.05 20.02
N ASN B 121 16.48 -24.14 20.03
CA ASN B 121 17.85 -24.12 20.49
C ASN B 121 18.78 -24.38 19.32
N TYR B 122 19.97 -23.79 19.38
CA TYR B 122 20.98 -23.97 18.33
C TYR B 122 22.34 -24.00 19.02
N GLN B 123 22.97 -25.17 19.03
CA GLN B 123 24.19 -25.40 19.79
C GLN B 123 25.45 -25.09 19.00
N GLU B 124 25.32 -24.57 17.79
CA GLU B 124 26.45 -24.23 16.95
C GLU B 124 26.21 -22.84 16.39
N VAL B 125 27.02 -21.87 16.84
CA VAL B 125 26.89 -20.48 16.41
C VAL B 125 28.16 -20.10 15.68
N SER B 126 28.01 -19.44 14.54
CA SER B 126 29.14 -19.02 13.73
C SER B 126 28.92 -17.60 13.25
N ARG B 127 29.93 -16.75 13.43
CA ARG B 127 29.87 -15.36 13.00
C ARG B 127 31.15 -15.00 12.27
N THR B 128 31.01 -14.19 11.23
CA THR B 128 32.14 -13.67 10.47
C THR B 128 32.34 -12.21 10.85
N LEU B 129 33.55 -11.89 11.31
CA LEU B 129 33.85 -10.55 11.78
C LEU B 129 34.06 -9.60 10.60
N CYS B 130 33.69 -8.34 10.81
CA CYS B 130 33.77 -7.33 9.75
C CYS B 130 35.23 -7.06 9.39
N PRO B 131 35.66 -7.34 8.16
CA PRO B 131 37.08 -7.23 7.84
C PRO B 131 37.51 -5.79 7.61
N SER B 132 38.72 -5.49 8.05
CA SER B 132 39.36 -4.20 7.79
C SER B 132 40.30 -4.36 6.61
N GLU B 133 40.04 -3.62 5.53
CA GLU B 133 40.82 -3.76 4.32
C GLU B 133 42.07 -2.90 4.40
N ALA B 134 43.22 -3.51 4.12
CA ALA B 134 44.47 -2.79 4.03
C ALA B 134 44.69 -2.36 2.58
N THR B 135 45.19 -1.14 2.40
CA THR B 135 45.39 -0.54 1.09
C THR B 135 46.87 -0.17 0.93
N ASN B 136 47.19 0.39 -0.23
CA ASN B 136 48.56 0.85 -0.50
C ASN B 136 48.93 2.07 0.31
N GLU B 137 47.94 2.84 0.78
CA GLU B 137 48.22 3.99 1.64
C GLU B 137 48.54 3.56 3.06
N THR B 138 48.24 2.33 3.44
CA THR B 138 48.47 1.84 4.79
C THR B 138 49.56 0.78 4.89
N GLY B 139 49.68 -0.10 3.89
CA GLY B 139 50.63 -1.18 3.94
C GLY B 139 50.08 -2.36 4.71
N PRO B 140 50.97 -3.22 5.20
CA PRO B 140 50.52 -4.35 6.03
C PRO B 140 50.04 -3.87 7.39
N LEU B 141 49.04 -4.58 7.92
CA LEU B 141 48.39 -4.21 9.17
C LEU B 141 48.39 -5.41 10.10
N GLN B 142 49.02 -5.27 11.26
CA GLN B 142 48.97 -6.29 12.29
C GLN B 142 47.71 -6.11 13.12
N GLN B 143 46.86 -7.14 13.15
CA GLN B 143 45.56 -7.06 13.78
C GLN B 143 45.44 -8.07 14.91
N LEU B 144 44.89 -7.63 16.02
CA LEU B 144 44.62 -8.48 17.17
C LEU B 144 43.13 -8.77 17.25
N ILE B 145 42.80 -9.97 17.73
CA ILE B 145 41.42 -10.39 17.97
C ILE B 145 41.40 -11.11 19.31
N PHE B 146 40.58 -10.62 20.24
CA PHE B 146 40.41 -11.23 21.54
C PHE B 146 39.07 -11.93 21.60
N VAL B 147 39.08 -13.21 21.98
CA VAL B 147 37.87 -13.99 22.16
C VAL B 147 37.79 -14.40 23.63
N ASP B 148 36.70 -14.01 24.29
CA ASP B 148 36.51 -14.27 25.70
C ASP B 148 35.29 -15.16 25.88
N VAL B 149 35.47 -16.30 26.55
CA VAL B 149 34.41 -17.25 26.81
C VAL B 149 34.14 -17.25 28.31
N ALA B 150 32.87 -17.04 28.69
CA ALA B 150 32.49 -16.97 30.08
C ALA B 150 31.13 -17.60 30.29
N SER B 151 30.91 -18.11 31.50
CA SER B 151 29.62 -18.67 31.86
C SER B 151 29.42 -18.51 33.37
N MET B 152 28.16 -18.55 33.78
CA MET B 152 27.79 -18.40 35.18
C MET B 152 27.29 -19.69 35.81
N ALA B 153 27.58 -20.84 35.20
CA ALA B 153 27.14 -22.11 35.75
C ALA B 153 27.96 -22.45 36.99
N PRO B 154 27.32 -23.01 38.03
CA PRO B 154 28.10 -23.40 39.21
C PRO B 154 28.95 -24.64 38.99
N LEU B 155 28.44 -25.62 38.24
CA LEU B 155 29.20 -26.83 37.98
C LEU B 155 30.20 -26.67 36.85
N GLY B 156 29.97 -25.73 35.94
CA GLY B 156 30.81 -25.56 34.78
C GLY B 156 30.05 -25.91 33.51
N ALA B 157 30.47 -25.29 32.41
CA ALA B 157 29.85 -25.53 31.12
C ALA B 157 30.95 -25.77 30.09
N GLN B 158 30.74 -26.79 29.25
CA GLN B 158 31.74 -27.21 28.27
C GLN B 158 31.47 -26.54 26.93
N TYR B 159 32.55 -26.18 26.24
CA TYR B 159 32.44 -25.53 24.95
C TYR B 159 33.55 -26.03 24.03
N LYS B 160 33.47 -25.62 22.77
CA LYS B 160 34.48 -25.92 21.76
C LYS B 160 34.61 -24.72 20.84
N LEU B 161 35.84 -24.28 20.60
CA LEU B 161 36.08 -23.05 19.86
C LEU B 161 37.01 -23.31 18.68
N LEU B 162 36.65 -22.73 17.54
CA LEU B 162 37.47 -22.80 16.33
C LEU B 162 37.43 -21.45 15.63
N VAL B 163 38.60 -20.95 15.25
CA VAL B 163 38.72 -19.66 14.58
C VAL B 163 39.52 -19.88 13.31
N THR B 164 38.90 -19.62 12.16
CA THR B 164 39.52 -19.85 10.85
C THR B 164 39.52 -18.56 10.04
N LYS B 165 40.40 -18.54 9.04
CA LYS B 165 40.41 -17.51 8.03
C LYS B 165 39.68 -18.02 6.79
N LEU B 166 38.76 -17.22 6.26
CA LEU B 166 38.01 -17.61 5.07
C LEU B 166 38.91 -17.52 3.84
N LYS B 167 38.90 -18.57 3.03
CA LYS B 167 39.65 -18.54 1.79
C LYS B 167 38.83 -17.97 0.64
N HIS B 168 37.59 -18.41 0.50
CA HIS B 168 36.70 -17.93 -0.56
C HIS B 168 35.76 -16.85 -0.04
N PHE B 169 36.35 -15.74 0.39
CA PHE B 169 35.56 -14.62 0.90
C PHE B 169 35.17 -13.64 -0.18
N GLN B 170 36.02 -13.41 -1.17
CA GLN B 170 35.74 -12.47 -2.24
C GLN B 170 35.14 -13.23 -3.42
N LEU B 171 33.94 -12.84 -3.82
CA LEU B 171 33.25 -13.50 -4.92
C LEU B 171 33.78 -13.00 -6.25
N ARG B 172 33.89 -13.89 -7.22
CA ARG B 172 34.38 -13.56 -8.54
C ARG B 172 33.22 -13.46 -9.52
N THR B 173 33.45 -12.69 -10.59
CA THR B 173 32.42 -12.44 -11.58
C THR B 173 32.17 -13.68 -12.43
N ASN B 174 30.89 -14.05 -12.60
CA ASN B 174 30.42 -15.16 -13.43
C ASN B 174 30.97 -16.50 -12.97
N VAL B 175 31.27 -16.64 -11.68
CA VAL B 175 31.72 -17.90 -11.11
C VAL B 175 30.70 -18.31 -10.05
N ALA B 176 30.11 -19.50 -10.23
CA ALA B 176 29.19 -20.02 -9.23
C ALA B 176 29.95 -20.50 -8.02
N PHE B 177 29.40 -20.22 -6.84
CA PHE B 177 30.06 -20.55 -5.58
C PHE B 177 29.04 -21.20 -4.65
N HIS B 178 29.34 -22.40 -4.18
CA HIS B 178 28.45 -23.15 -3.32
C HIS B 178 28.88 -23.02 -1.86
N PHE B 179 27.90 -22.88 -0.97
CA PHE B 179 28.17 -22.77 0.47
C PHE B 179 26.94 -23.24 1.22
N THR B 180 27.03 -23.24 2.54
CA THR B 180 25.96 -23.68 3.42
C THR B 180 25.79 -22.68 4.55
N ALA B 181 24.55 -22.41 4.93
CA ALA B 181 24.23 -21.50 6.02
C ALA B 181 23.30 -22.19 7.01
N SER B 182 22.89 -21.43 8.03
CA SER B 182 22.12 -21.96 9.14
C SER B 182 21.50 -20.77 9.87
N PRO B 183 20.40 -20.97 10.62
CA PRO B 183 19.81 -19.86 11.38
C PRO B 183 20.70 -19.33 12.50
N SER B 184 21.69 -20.09 12.96
CA SER B 184 22.67 -19.60 13.90
C SER B 184 24.04 -19.40 13.27
N GLN B 185 24.19 -19.71 11.99
CA GLN B 185 25.45 -19.53 11.26
C GLN B 185 25.19 -18.73 10.00
N PRO B 186 25.07 -17.41 10.09
CA PRO B 186 24.91 -16.60 8.88
C PRO B 186 26.22 -16.48 8.13
N GLN B 187 26.10 -16.11 6.85
CA GLN B 187 27.24 -15.98 5.97
C GLN B 187 27.14 -14.67 5.20
N TYR B 188 28.29 -14.06 4.93
CA TYR B 188 28.34 -12.96 3.98
C TYR B 188 29.69 -12.95 3.28
N PHE B 189 29.70 -12.40 2.07
CA PHE B 189 30.88 -12.40 1.20
C PHE B 189 31.03 -11.01 0.60
N LEU B 190 32.17 -10.80 -0.07
CA LEU B 190 32.52 -9.52 -0.65
C LEU B 190 32.54 -9.62 -2.17
N TYR B 191 32.00 -8.61 -2.85
CA TYR B 191 32.15 -8.47 -4.29
C TYR B 191 32.69 -7.09 -4.61
N LYS B 192 33.73 -7.03 -5.45
CA LYS B 192 34.29 -5.78 -5.92
C LYS B 192 33.90 -5.58 -7.38
N PHE B 193 33.46 -4.37 -7.70
CA PHE B 193 33.07 -4.06 -9.07
C PHE B 193 34.31 -3.97 -9.96
N PRO B 194 34.29 -4.57 -11.14
CA PRO B 194 35.31 -4.27 -12.15
C PRO B 194 35.07 -2.89 -12.74
N LYS B 195 36.10 -2.37 -13.41
CA LYS B 195 35.96 -1.07 -14.06
C LYS B 195 35.13 -1.13 -15.33
N ASP B 196 34.96 -2.32 -15.92
CA ASP B 196 34.12 -2.46 -17.11
C ASP B 196 32.65 -2.43 -16.72
N VAL B 197 32.28 -3.20 -15.70
CA VAL B 197 30.89 -3.44 -15.36
C VAL B 197 30.33 -2.25 -14.61
N ASP B 198 29.08 -1.87 -14.94
CA ASP B 198 28.36 -0.83 -14.22
C ASP B 198 27.13 -1.34 -13.51
N SER B 199 26.71 -2.58 -13.76
CA SER B 199 25.52 -3.14 -13.12
C SER B 199 25.65 -4.65 -13.09
N VAL B 200 25.39 -5.25 -11.94
CA VAL B 200 25.45 -6.70 -11.78
C VAL B 200 24.08 -7.20 -11.29
N ILE B 201 23.89 -8.51 -11.43
CA ILE B 201 22.73 -9.20 -10.88
C ILE B 201 23.23 -10.33 -10.00
N ILE B 202 22.67 -10.45 -8.80
CA ILE B 202 23.05 -11.49 -7.85
C ILE B 202 21.99 -12.59 -7.93
N LYS B 203 22.32 -13.69 -8.59
CA LYS B 203 21.40 -14.81 -8.73
C LYS B 203 21.75 -15.87 -7.70
N VAL B 204 20.83 -16.14 -6.78
CA VAL B 204 21.02 -17.14 -5.74
C VAL B 204 20.05 -18.28 -5.98
N VAL B 205 20.56 -19.51 -5.94
CA VAL B 205 19.81 -20.71 -6.32
C VAL B 205 19.90 -21.73 -5.19
N SER B 206 18.76 -22.27 -4.79
CA SER B 206 18.70 -23.40 -3.87
C SER B 206 17.73 -24.43 -4.41
N GLU B 207 18.06 -25.71 -4.22
CA GLU B 207 17.26 -26.80 -4.76
C GLU B 207 16.15 -27.26 -3.83
N MET B 208 16.06 -26.73 -2.62
CA MET B 208 14.98 -27.06 -1.71
C MET B 208 14.33 -25.77 -1.24
N ALA B 209 13.01 -25.81 -1.06
CA ALA B 209 12.27 -24.59 -0.74
C ALA B 209 12.48 -24.17 0.71
N TYR B 210 12.72 -25.11 1.61
CA TYR B 210 12.83 -24.76 3.01
C TYR B 210 14.18 -25.18 3.57
N PRO B 211 14.72 -24.46 4.57
CA PRO B 211 14.26 -23.28 5.33
C PRO B 211 14.17 -21.96 4.56
N CYS B 212 13.26 -21.10 5.00
CA CYS B 212 13.11 -19.77 4.43
C CYS B 212 14.30 -18.89 4.79
N SER B 213 14.69 -18.02 3.86
CA SER B 213 15.96 -17.30 3.97
C SER B 213 15.77 -15.84 3.57
N VAL B 214 16.82 -15.05 3.76
CA VAL B 214 16.86 -13.64 3.39
C VAL B 214 18.23 -13.37 2.77
N VAL B 215 18.24 -12.80 1.57
CA VAL B 215 19.47 -12.38 0.90
C VAL B 215 19.51 -10.87 0.90
N SER B 216 20.57 -10.30 1.50
CA SER B 216 20.68 -8.86 1.70
C SER B 216 21.97 -8.34 1.10
N VAL B 217 21.92 -7.10 0.62
CA VAL B 217 23.08 -6.40 0.08
C VAL B 217 23.32 -5.17 0.93
N GLN B 218 24.56 -4.97 1.38
CA GLN B 218 24.86 -3.93 2.36
C GLN B 218 26.17 -3.24 2.01
N ASN B 219 26.43 -2.15 2.73
CA ASN B 219 27.63 -1.35 2.52
C ASN B 219 28.87 -2.05 3.10
N ILE B 220 30.02 -1.46 2.84
CA ILE B 220 31.28 -1.98 3.35
C ILE B 220 31.53 -1.52 4.78
N MET B 221 30.94 -0.39 5.18
CA MET B 221 31.18 0.20 6.48
C MET B 221 30.63 -0.68 7.61
N CYS B 222 31.49 -1.00 8.56
CA CYS B 222 31.14 -1.87 9.66
C CYS B 222 30.14 -1.18 10.58
N PRO B 223 29.25 -1.96 11.26
CA PRO B 223 29.10 -3.41 11.31
C PRO B 223 28.22 -3.99 10.20
N VAL B 224 28.38 -5.28 9.95
CA VAL B 224 27.53 -6.01 9.03
C VAL B 224 26.35 -6.57 9.81
N TYR B 225 25.14 -6.30 9.33
CA TYR B 225 23.92 -6.74 9.99
C TYR B 225 23.55 -8.11 9.44
N ASP B 226 23.87 -9.16 10.20
CA ASP B 226 23.65 -10.53 9.74
C ASP B 226 22.86 -11.35 10.75
N LEU B 227 21.95 -10.70 11.47
CA LEU B 227 21.06 -11.39 12.40
C LEU B 227 19.62 -11.15 11.96
N ASP B 228 18.70 -11.85 12.63
CA ASP B 228 17.30 -11.81 12.22
C ASP B 228 16.65 -10.44 12.46
N HIS B 229 17.12 -9.71 13.47
CA HIS B 229 16.46 -8.48 13.87
C HIS B 229 17.05 -7.23 13.22
N ASN B 230 18.15 -7.34 12.49
CA ASN B 230 18.77 -6.16 11.89
C ASN B 230 19.07 -6.28 10.40
N VAL B 231 18.79 -7.42 9.76
CA VAL B 231 19.19 -7.61 8.38
C VAL B 231 18.34 -6.77 7.42
N GLU B 232 17.15 -6.35 7.84
CA GLU B 232 16.28 -5.50 7.03
C GLU B 232 16.36 -4.03 7.45
N PHE B 233 17.42 -3.64 8.16
CA PHE B 233 17.52 -2.27 8.64
C PHE B 233 17.92 -1.33 7.50
N ASN B 234 19.08 -1.55 6.91
CA ASN B 234 19.53 -0.75 5.77
C ASN B 234 20.08 -1.68 4.69
N GLY B 235 20.03 -1.20 3.46
CA GLY B 235 20.42 -2.00 2.32
C GLY B 235 19.22 -2.54 1.58
N VAL B 236 19.50 -3.39 0.60
CA VAL B 236 18.49 -3.99 -0.26
C VAL B 236 18.41 -5.48 0.07
N TYR B 237 17.20 -5.97 0.31
CA TYR B 237 17.03 -7.36 0.71
C TYR B 237 15.88 -7.99 -0.05
N GLN B 238 15.88 -9.32 -0.08
CA GLN B 238 14.84 -10.12 -0.71
C GLN B 238 14.62 -11.39 0.10
N SER B 239 13.37 -11.77 0.27
CA SER B 239 13.07 -13.08 0.83
C SER B 239 13.22 -14.15 -0.25
N MET B 240 13.48 -15.38 0.19
CA MET B 240 13.85 -16.42 -0.76
C MET B 240 13.55 -17.79 -0.19
N THR B 241 12.83 -18.60 -0.96
CA THR B 241 12.77 -20.05 -0.73
C THR B 241 13.72 -20.80 -1.64
N LYS B 242 13.58 -20.62 -2.95
CA LYS B 242 14.37 -21.34 -3.93
C LYS B 242 15.21 -20.45 -4.83
N LYS B 243 14.79 -19.21 -5.07
CA LYS B 243 15.48 -18.35 -6.01
C LYS B 243 15.46 -16.91 -5.50
N ALA B 244 16.43 -16.14 -5.97
CA ALA B 244 16.51 -14.71 -5.67
C ALA B 244 17.30 -14.04 -6.79
N ALA B 245 17.01 -12.76 -7.01
CA ALA B 245 17.70 -11.99 -8.04
C ALA B 245 17.65 -10.53 -7.66
N ILE B 246 18.81 -9.94 -7.39
CA ILE B 246 18.92 -8.55 -6.98
C ILE B 246 19.77 -7.82 -8.01
N THR B 247 19.22 -6.76 -8.61
CA THR B 247 19.91 -5.96 -9.60
C THR B 247 20.44 -4.69 -8.94
N LEU B 248 21.73 -4.41 -9.14
CA LEU B 248 22.38 -3.30 -8.48
C LEU B 248 23.08 -2.41 -9.50
N GLN B 249 23.33 -1.18 -9.09
CA GLN B 249 24.09 -0.22 -9.88
C GLN B 249 25.41 0.10 -9.20
N LYS B 250 26.44 0.38 -10.00
CA LYS B 250 27.74 0.73 -9.44
C LYS B 250 27.72 2.11 -8.80
N LYS B 251 26.85 3.01 -9.28
CA LYS B 251 26.80 4.38 -8.80
C LYS B 251 26.17 4.49 -7.41
N ASP B 252 25.55 3.45 -6.89
CA ASP B 252 24.90 3.48 -5.59
C ASP B 252 25.78 2.94 -4.47
N PHE B 253 27.07 2.75 -4.73
CA PHE B 253 27.99 2.24 -3.73
C PHE B 253 29.26 3.09 -3.75
N PRO B 254 29.76 3.51 -2.57
CA PRO B 254 30.89 4.46 -2.55
C PRO B 254 32.21 3.87 -3.04
N GLY B 255 32.61 2.73 -2.50
CA GLY B 255 33.86 2.12 -2.87
C GLY B 255 33.78 1.15 -4.03
N GLU B 256 32.65 1.13 -4.75
CA GLU B 256 32.34 0.18 -5.81
C GLU B 256 32.48 -1.26 -5.32
N GLN B 257 31.93 -1.51 -4.13
CA GLN B 257 31.93 -2.84 -3.54
C GLN B 257 30.80 -2.92 -2.54
N PHE B 258 30.34 -4.15 -2.28
CA PHE B 258 29.25 -4.37 -1.35
C PHE B 258 29.45 -5.72 -0.68
N PHE B 259 28.63 -5.98 0.34
CA PHE B 259 28.54 -7.28 0.99
C PHE B 259 27.24 -7.94 0.58
N VAL B 260 27.26 -9.27 0.48
CA VAL B 260 26.08 -10.06 0.14
C VAL B 260 25.78 -10.95 1.32
N VAL B 261 24.77 -10.59 2.11
CA VAL B 261 24.49 -11.23 3.39
C VAL B 261 23.43 -12.30 3.22
N PHE B 262 23.66 -13.47 3.82
CA PHE B 262 22.74 -14.59 3.76
C PHE B 262 22.33 -14.95 5.19
N VAL B 263 21.06 -14.77 5.51
CA VAL B 263 20.52 -15.03 6.83
C VAL B 263 19.35 -16.01 6.69
N ILE B 264 19.39 -17.08 7.46
CA ILE B 264 18.33 -18.08 7.47
C ILE B 264 17.39 -17.78 8.63
N LYS B 265 16.12 -17.95 8.41
CA LYS B 265 15.07 -17.66 9.39
C LYS B 265 14.82 -18.89 10.27
N PRO B 266 14.38 -18.69 11.52
CA PRO B 266 14.07 -19.86 12.37
C PRO B 266 12.76 -20.53 12.03
N GLU B 267 11.82 -19.84 11.37
CA GLU B 267 10.56 -20.42 10.96
C GLU B 267 10.27 -20.00 9.53
N ASP B 268 9.22 -20.58 8.95
CA ASP B 268 8.87 -20.34 7.55
C ASP B 268 7.54 -19.61 7.40
N TYR B 269 7.12 -18.84 8.40
CA TYR B 269 5.84 -18.14 8.31
C TYR B 269 5.91 -16.94 7.37
N ALA B 270 7.08 -16.30 7.27
CA ALA B 270 7.23 -15.23 6.28
C ALA B 270 7.23 -15.77 4.87
N CYS B 271 7.73 -16.99 4.69
CA CYS B 271 7.60 -17.73 3.45
C CYS B 271 6.29 -18.52 3.50
N GLY B 272 6.12 -19.49 2.60
CA GLY B 272 4.83 -20.16 2.46
C GLY B 272 4.48 -21.07 3.63
N GLY B 273 5.42 -21.92 4.03
CA GLY B 273 5.11 -23.00 4.96
C GLY B 273 5.05 -22.61 6.43
N SER B 274 5.48 -23.51 7.30
CA SER B 274 5.41 -23.30 8.74
C SER B 274 6.54 -24.07 9.41
N PHE B 275 6.71 -23.78 10.70
CA PHE B 275 7.66 -24.47 11.61
C PHE B 275 9.11 -24.44 11.12
N GLN B 283 12.03 -33.64 8.82
CA GLN B 283 13.45 -33.91 8.71
C GLN B 283 13.93 -34.71 9.91
N THR B 284 14.94 -35.55 9.70
CA THR B 284 15.43 -36.48 10.72
C THR B 284 16.19 -35.72 11.79
N TRP B 285 15.47 -35.30 12.84
CA TRP B 285 15.99 -34.61 14.03
C TRP B 285 16.74 -33.34 13.63
N ASN B 286 15.99 -32.41 13.06
CA ASN B 286 16.55 -31.17 12.53
C ASN B 286 16.84 -30.19 13.68
N LEU B 287 17.95 -30.45 14.36
CA LEU B 287 18.47 -29.48 15.32
C LEU B 287 19.09 -28.28 14.62
N GLN B 288 19.49 -28.46 13.37
CA GLN B 288 20.08 -27.40 12.55
C GLN B 288 19.30 -27.31 11.25
N ARG B 289 18.87 -26.11 10.90
CA ARG B 289 18.09 -25.89 9.68
C ARG B 289 19.02 -25.45 8.55
N LYS B 290 19.86 -26.38 8.12
CA LYS B 290 20.88 -26.08 7.14
C LYS B 290 20.28 -25.92 5.74
N LYS B 291 20.79 -24.96 4.99
CA LYS B 291 20.31 -24.66 3.65
C LYS B 291 21.50 -24.54 2.71
N ASN B 292 21.50 -25.34 1.65
CA ASN B 292 22.58 -25.34 0.67
C ASN B 292 22.26 -24.28 -0.39
N LEU B 293 23.14 -23.29 -0.50
CA LEU B 293 22.94 -22.16 -1.40
C LEU B 293 24.03 -22.14 -2.46
N GLU B 294 23.76 -21.38 -3.51
CA GLU B 294 24.72 -21.19 -4.60
C GLU B 294 24.49 -19.81 -5.20
N VAL B 295 25.52 -18.98 -5.21
CA VAL B 295 25.41 -17.58 -5.61
C VAL B 295 26.27 -17.34 -6.85
N THR B 296 25.71 -16.62 -7.81
CA THR B 296 26.41 -16.23 -9.03
C THR B 296 26.16 -14.74 -9.26
N ILE B 297 27.21 -14.01 -9.60
CA ILE B 297 27.12 -12.58 -9.86
C ILE B 297 27.43 -12.36 -11.34
N VAL B 298 26.41 -11.95 -12.08
CA VAL B 298 26.45 -11.86 -13.54
C VAL B 298 26.38 -10.38 -13.91
N PRO B 299 27.21 -9.89 -14.82
CA PRO B 299 27.07 -8.51 -15.28
C PRO B 299 25.79 -8.31 -16.08
N SER B 300 25.20 -7.13 -15.95
CA SER B 300 23.96 -6.83 -16.64
C SER B 300 24.22 -6.57 -18.12
N ILE B 301 23.13 -6.42 -18.87
CA ILE B 301 23.25 -6.12 -20.29
C ILE B 301 23.71 -4.68 -20.48
N LYS B 302 24.36 -4.45 -21.63
CA LYS B 302 24.88 -3.13 -21.93
C LYS B 302 23.75 -2.22 -22.44
N GLU B 303 24.09 -0.95 -22.62
CA GLU B 303 23.11 0.02 -23.12
C GLU B 303 22.80 -0.16 -24.60
N SER B 304 23.62 -0.91 -25.34
CA SER B 304 23.30 -1.22 -26.72
C SER B 304 22.13 -2.18 -26.83
N VAL B 305 21.90 -2.99 -25.80
CA VAL B 305 20.73 -3.87 -25.78
C VAL B 305 19.47 -3.07 -25.53
N TYR B 306 19.58 -1.95 -24.81
CA TYR B 306 18.43 -1.11 -24.54
C TYR B 306 17.92 -0.41 -25.79
N VAL B 307 18.80 -0.14 -26.76
CA VAL B 307 18.38 0.51 -28.00
C VAL B 307 18.14 -0.49 -29.12
N LYS B 308 18.74 -1.67 -29.07
CA LYS B 308 18.45 -2.69 -30.07
C LYS B 308 17.10 -3.33 -29.83
N SER B 309 16.71 -3.50 -28.56
CA SER B 309 15.43 -4.12 -28.24
C SER B 309 14.28 -3.14 -28.34
N SER B 310 14.52 -1.86 -28.03
CA SER B 310 13.45 -0.87 -28.14
C SER B 310 13.16 -0.53 -29.59
N LEU B 311 14.17 -0.49 -30.45
CA LEU B 311 13.93 -0.27 -31.87
C LEU B 311 13.28 -1.48 -32.53
N PHE B 312 13.44 -2.67 -31.96
CA PHE B 312 12.69 -3.83 -32.42
C PHE B 312 11.21 -3.65 -32.17
N SER B 313 10.85 -3.23 -30.96
CA SER B 313 9.44 -3.11 -30.56
C SER B 313 8.72 -1.93 -31.22
N VAL B 314 9.44 -1.03 -31.90
CA VAL B 314 8.81 0.01 -32.70
C VAL B 314 8.72 -0.39 -34.17
N PHE B 315 9.82 -0.85 -34.74
CA PHE B 315 9.87 -1.15 -36.17
C PHE B 315 9.12 -2.43 -36.56
N ILE B 316 8.78 -3.28 -35.59
CA ILE B 316 7.89 -4.40 -35.89
C ILE B 316 6.46 -3.90 -36.05
N PHE B 317 6.00 -3.06 -35.12
CA PHE B 317 4.64 -2.55 -35.18
C PHE B 317 4.50 -1.34 -36.11
N LEU B 318 5.61 -0.75 -36.55
CA LEU B 318 5.56 0.21 -37.64
C LEU B 318 5.70 -0.45 -39.01
N SER B 319 6.10 -1.72 -39.04
CA SER B 319 6.03 -2.49 -40.28
C SER B 319 4.59 -2.82 -40.66
N PHE B 320 3.69 -2.85 -39.68
CA PHE B 320 2.26 -2.98 -39.98
C PHE B 320 1.73 -1.73 -40.67
N TYR B 321 2.29 -0.56 -40.36
CA TYR B 321 1.88 0.67 -41.02
C TYR B 321 2.32 0.70 -42.47
N LEU B 322 3.56 0.26 -42.73
CA LEU B 322 4.06 0.24 -44.10
C LEU B 322 3.37 -0.81 -44.95
N GLY B 323 3.05 -1.97 -44.36
CA GLY B 323 2.31 -2.99 -45.07
C GLY B 323 0.84 -2.69 -45.27
N CYS B 324 0.30 -1.70 -44.55
CA CYS B 324 -1.10 -1.34 -44.72
C CYS B 324 -1.27 -0.30 -45.82
N LEU B 325 -0.42 0.72 -45.83
CA LEU B 325 -0.47 1.73 -46.87
C LEU B 325 0.06 1.24 -48.22
N LEU B 326 0.77 0.10 -48.23
CA LEU B 326 1.21 -0.48 -49.50
C LEU B 326 0.03 -1.08 -50.25
N VAL B 327 -0.84 -1.83 -49.55
CA VAL B 327 -2.02 -2.38 -50.20
C VAL B 327 -3.11 -1.33 -50.38
N GLY B 328 -3.01 -0.19 -49.70
CA GLY B 328 -3.83 0.95 -50.05
C GLY B 328 -3.32 1.68 -51.27
N PHE B 329 -2.04 1.48 -51.60
CA PHE B 329 -1.46 2.05 -52.81
C PHE B 329 -1.69 1.16 -54.02
N VAL B 330 -1.88 -0.14 -53.79
CA VAL B 330 -2.19 -1.07 -54.88
C VAL B 330 -3.56 -0.77 -55.48
N HIS B 331 -4.55 -0.50 -54.61
CA HIS B 331 -5.89 -0.20 -55.10
C HIS B 331 -5.97 1.18 -55.75
N TYR B 332 -5.06 2.08 -55.36
CA TYR B 332 -5.02 3.45 -55.93
C TYR B 332 -4.96 3.36 -57.47
N TYR B 444 -18.60 7.85 -28.98
CA TYR B 444 -18.43 6.60 -28.20
C TYR B 444 -16.96 6.42 -27.84
N PHE B 445 -16.04 6.93 -28.66
CA PHE B 445 -14.60 6.81 -28.27
C PHE B 445 -14.32 7.74 -27.08
N TRP B 446 -14.88 8.95 -27.09
CA TRP B 446 -14.73 9.85 -25.91
C TRP B 446 -15.34 9.14 -24.70
N ASN B 447 -16.41 8.38 -24.92
CA ASN B 447 -17.09 7.67 -23.81
C ASN B 447 -16.15 6.60 -23.24
N ILE B 448 -15.44 5.87 -24.10
CA ILE B 448 -14.55 4.77 -23.63
C ILE B 448 -13.25 5.34 -23.05
N ILE B 449 -12.83 6.55 -23.41
CA ILE B 449 -11.62 7.12 -22.73
C ILE B 449 -11.96 7.55 -21.29
N THR B 450 -13.12 8.15 -21.03
CA THR B 450 -13.57 8.59 -19.73
C THR B 450 -13.98 7.43 -18.83
N ILE B 451 -14.25 6.25 -19.42
CA ILE B 451 -14.28 5.03 -18.62
C ILE B 451 -12.86 4.62 -18.25
N ALA B 452 -11.92 4.79 -19.19
CA ALA B 452 -10.56 4.32 -18.98
C ALA B 452 -9.82 5.16 -17.93
N VAL B 453 -9.82 6.48 -18.10
CA VAL B 453 -9.04 7.33 -17.18
C VAL B 453 -9.70 7.46 -15.81
N PHE B 454 -10.99 7.16 -15.69
CA PHE B 454 -11.59 7.12 -14.35
C PHE B 454 -11.30 5.79 -13.66
N TYR B 455 -11.19 4.71 -14.44
CA TYR B 455 -10.78 3.42 -13.91
C TYR B 455 -9.27 3.38 -13.67
N ALA B 456 -8.51 4.26 -14.31
CA ALA B 456 -7.05 4.25 -14.20
C ALA B 456 -6.54 4.95 -12.96
N LEU B 457 -7.02 6.16 -12.66
CA LEU B 457 -6.50 7.02 -11.59
C LEU B 457 -6.40 6.44 -10.18
N PRO B 458 -7.14 5.38 -9.79
CA PRO B 458 -6.74 4.66 -8.58
C PRO B 458 -5.33 4.07 -8.61
N VAL B 459 -4.81 3.67 -9.77
CA VAL B 459 -3.48 3.05 -9.75
C VAL B 459 -2.36 4.06 -9.95
N ILE B 460 -2.61 5.20 -10.60
CA ILE B 460 -1.57 6.22 -10.71
C ILE B 460 -1.35 6.88 -9.35
N GLN B 461 -2.39 6.89 -8.53
CA GLN B 461 -2.25 7.43 -7.16
C GLN B 461 -1.61 6.37 -6.28
N LEU B 462 -1.59 5.12 -6.73
CA LEU B 462 -1.09 4.02 -5.91
C LEU B 462 0.27 3.50 -6.31
N VAL B 463 0.52 3.22 -7.60
CA VAL B 463 1.78 2.59 -7.97
C VAL B 463 2.96 3.55 -7.96
N ILE B 464 2.73 4.85 -7.87
CA ILE B 464 3.84 5.78 -7.66
C ILE B 464 4.26 5.84 -6.21
N THR B 465 3.42 5.34 -5.29
CA THR B 465 3.83 5.20 -3.90
C THR B 465 4.58 3.90 -3.68
N TYR B 466 4.11 2.82 -4.33
CA TYR B 466 4.78 1.53 -4.21
C TYR B 466 6.16 1.53 -4.86
N GLN B 467 6.30 2.25 -5.98
CA GLN B 467 7.59 2.32 -6.66
C GLN B 467 8.59 3.18 -5.89
N THR B 468 8.10 4.09 -5.04
CA THR B 468 9.01 4.87 -4.21
C THR B 468 9.39 4.13 -2.94
N VAL B 469 8.44 3.40 -2.34
CA VAL B 469 8.70 2.67 -1.10
C VAL B 469 9.73 1.56 -1.31
N VAL B 470 9.67 0.89 -2.47
CA VAL B 470 10.69 -0.10 -2.82
C VAL B 470 12.02 0.58 -3.13
N ASN B 471 12.04 1.88 -3.42
CA ASN B 471 13.28 2.59 -3.69
C ASN B 471 13.83 3.29 -2.45
N VAL B 472 12.98 3.95 -1.65
CA VAL B 472 13.49 4.61 -0.46
C VAL B 472 13.78 3.63 0.66
N THR B 473 13.18 2.44 0.63
CA THR B 473 13.60 1.34 1.48
C THR B 473 14.27 0.29 0.59
N GLY B 474 14.62 -0.85 1.17
CA GLY B 474 15.18 -1.92 0.39
C GLY B 474 14.26 -3.12 0.33
N ASN B 475 13.00 -2.91 0.72
CA ASN B 475 12.03 -3.99 0.73
C ASN B 475 11.60 -4.32 -0.69
N GLN B 476 12.28 -5.28 -1.31
CA GLN B 476 11.93 -5.76 -2.65
C GLN B 476 10.94 -6.91 -2.63
N ASP B 477 10.14 -7.01 -1.56
CA ASP B 477 9.12 -8.04 -1.43
C ASP B 477 7.72 -7.51 -1.74
N ILE B 478 7.64 -6.40 -2.47
CA ILE B 478 6.39 -5.69 -2.67
C ILE B 478 5.86 -5.86 -4.09
N CYS B 479 6.75 -5.82 -5.09
CA CYS B 479 6.33 -5.51 -6.45
C CYS B 479 6.36 -6.70 -7.40
N TYR B 480 6.68 -7.91 -6.92
CA TYR B 480 6.35 -9.20 -7.57
C TYR B 480 6.80 -9.31 -9.03
N TYR B 481 7.96 -8.73 -9.35
CA TYR B 481 8.42 -8.76 -10.73
C TYR B 481 8.91 -10.15 -11.12
N ASN B 482 9.16 -10.31 -12.42
CA ASN B 482 10.03 -11.37 -12.91
C ASN B 482 11.44 -10.84 -12.73
N PHE B 483 12.08 -11.20 -11.61
CA PHE B 483 13.32 -10.56 -11.22
C PHE B 483 14.51 -11.01 -12.06
N LEU B 484 14.37 -12.11 -12.80
CA LEU B 484 15.44 -12.54 -13.69
C LEU B 484 15.37 -11.86 -15.05
N CYS B 485 14.29 -11.13 -15.33
CA CYS B 485 14.15 -10.39 -16.59
C CYS B 485 13.59 -9.00 -16.30
N ALA B 486 14.11 -8.35 -15.27
CA ALA B 486 13.67 -7.02 -14.87
C ALA B 486 14.81 -6.05 -15.16
N HIS B 487 14.64 -5.22 -16.19
CA HIS B 487 15.68 -4.31 -16.64
C HIS B 487 15.28 -2.88 -16.31
N PRO B 488 16.01 -2.20 -15.43
CA PRO B 488 15.58 -0.88 -14.98
C PRO B 488 15.90 0.23 -15.98
N LEU B 489 15.17 1.33 -15.83
CA LEU B 489 15.43 2.55 -16.59
C LEU B 489 14.99 3.72 -15.72
N GLY B 490 15.95 4.33 -15.02
CA GLY B 490 15.63 5.41 -14.12
C GLY B 490 14.89 4.98 -12.88
N VAL B 491 13.61 5.34 -12.79
CA VAL B 491 12.81 5.02 -11.61
C VAL B 491 12.18 3.64 -11.73
N LEU B 492 11.75 3.27 -12.94
CA LEU B 492 11.10 1.99 -13.16
C LEU B 492 12.10 0.84 -13.01
N SER B 493 11.65 -0.24 -12.38
CA SER B 493 12.50 -1.40 -12.13
C SER B 493 12.34 -2.49 -13.18
N ALA B 494 11.31 -2.40 -14.03
CA ALA B 494 11.11 -3.35 -15.14
C ALA B 494 10.62 -2.54 -16.33
N PHE B 495 11.57 -2.08 -17.15
CA PHE B 495 11.22 -1.28 -18.32
C PHE B 495 10.68 -2.13 -19.45
N ASN B 496 11.13 -3.38 -19.55
CA ASN B 496 10.69 -4.26 -20.63
C ASN B 496 9.24 -4.67 -20.47
N ASN B 497 8.74 -4.73 -19.23
CA ASN B 497 7.33 -5.04 -19.01
C ASN B 497 6.43 -3.87 -19.40
N ILE B 498 6.97 -2.65 -19.41
CA ILE B 498 6.23 -1.47 -19.85
C ILE B 498 6.40 -1.26 -21.35
N LEU B 499 7.60 -1.50 -21.87
CA LEU B 499 7.88 -1.30 -23.29
C LEU B 499 7.16 -2.32 -24.16
N SER B 500 6.88 -3.51 -23.62
CA SER B 500 6.19 -4.54 -24.39
C SER B 500 4.73 -4.23 -24.65
N ASN B 501 4.16 -3.24 -23.96
CA ASN B 501 2.80 -2.81 -24.20
C ASN B 501 2.69 -1.73 -25.27
N LEU B 502 3.78 -1.45 -25.98
CA LEU B 502 3.74 -0.50 -27.08
C LEU B 502 2.97 -1.04 -28.28
N GLY B 503 2.83 -2.36 -28.39
CA GLY B 503 2.07 -2.94 -29.47
C GLY B 503 0.57 -2.72 -29.38
N HIS B 504 0.07 -2.41 -28.18
CA HIS B 504 -1.35 -2.08 -28.05
C HIS B 504 -1.63 -0.67 -28.58
N VAL B 505 -0.84 0.31 -28.16
CA VAL B 505 -1.07 1.69 -28.59
C VAL B 505 -0.65 1.96 -30.02
N LEU B 506 0.14 1.06 -30.63
CA LEU B 506 0.53 1.27 -32.01
C LEU B 506 -0.41 0.57 -32.98
N LEU B 507 -0.80 -0.67 -32.69
CA LEU B 507 -1.78 -1.36 -33.51
C LEU B 507 -3.20 -0.88 -33.26
N GLY B 508 -3.46 -0.30 -32.08
CA GLY B 508 -4.76 0.30 -31.83
C GLY B 508 -4.92 1.63 -32.54
N PHE B 509 -3.82 2.36 -32.73
CA PHE B 509 -3.87 3.60 -33.50
C PHE B 509 -3.95 3.32 -35.00
N LEU B 510 -3.35 2.22 -35.46
CA LEU B 510 -3.41 1.87 -36.87
C LEU B 510 -4.80 1.42 -37.28
N PHE B 511 -5.51 0.74 -36.38
CA PHE B 511 -6.87 0.29 -36.67
C PHE B 511 -7.83 1.46 -36.82
N LEU B 512 -7.58 2.57 -36.11
CA LEU B 512 -8.40 3.75 -36.28
C LEU B 512 -8.16 4.42 -37.63
N LEU B 513 -6.93 4.38 -38.14
CA LEU B 513 -6.63 4.94 -39.44
C LEU B 513 -7.15 4.09 -40.59
N ILE B 514 -7.38 2.80 -40.35
CA ILE B 514 -7.98 1.94 -41.36
C ILE B 514 -9.48 2.20 -41.44
N VAL B 515 -10.13 2.39 -40.29
CA VAL B 515 -11.55 2.70 -40.26
C VAL B 515 -11.81 4.11 -40.77
N LEU B 516 -10.91 5.04 -40.46
CA LEU B 516 -11.04 6.42 -40.95
C LEU B 516 -10.87 6.49 -42.46
N ARG B 517 -9.99 5.65 -43.01
CA ARG B 517 -9.90 5.53 -44.47
C ARG B 517 -11.16 4.91 -45.05
N ARG B 518 -11.77 3.97 -44.32
CA ARG B 518 -13.03 3.39 -44.77
C ARG B 518 -14.22 4.30 -44.52
N ASP B 519 -14.08 5.31 -43.66
CA ASP B 519 -15.17 6.23 -43.38
C ASP B 519 -15.17 7.43 -44.30
N ILE B 520 -14.00 7.97 -44.64
CA ILE B 520 -13.92 9.09 -45.57
C ILE B 520 -14.30 8.64 -46.98
N LEU B 521 -13.86 7.43 -47.36
CA LEU B 521 -14.25 6.87 -48.65
C LEU B 521 -15.67 6.29 -48.65
N HIS B 522 -16.39 6.38 -47.54
CA HIS B 522 -17.81 6.05 -47.49
C HIS B 522 -18.69 7.28 -47.58
N ARG B 523 -18.28 8.39 -46.95
CA ARG B 523 -19.03 9.64 -47.07
C ARG B 523 -18.87 10.25 -48.45
N ARG B 524 -17.71 10.02 -49.09
CA ARG B 524 -17.52 10.49 -50.46
C ARG B 524 -18.31 9.66 -51.47
N ALA B 525 -18.73 8.46 -51.10
CA ALA B 525 -19.58 7.65 -51.96
C ALA B 525 -21.06 7.89 -51.73
N LEU B 526 -21.44 8.52 -50.61
CA LEU B 526 -22.84 8.83 -50.35
C LEU B 526 -23.29 10.13 -51.01
N GLU B 527 -22.35 10.95 -51.49
CA GLU B 527 -22.69 12.17 -52.21
C GLU B 527 -22.82 11.96 -53.71
N ALA B 528 -22.69 10.72 -54.18
CA ALA B 528 -22.81 10.42 -55.60
C ALA B 528 -23.95 9.42 -55.85
N GLU B 535 -29.77 0.39 -52.83
CA GLU B 535 -28.67 0.07 -51.92
C GLU B 535 -27.93 -1.17 -52.39
N TYR B 536 -26.62 -1.20 -52.12
CA TYR B 536 -25.75 -2.28 -52.59
C TYR B 536 -24.85 -2.75 -51.46
N GLY B 537 -25.46 -3.03 -50.32
CA GLY B 537 -24.72 -3.56 -49.19
C GLY B 537 -25.51 -3.45 -47.91
N ILE B 538 -24.91 -4.00 -46.85
CA ILE B 538 -25.43 -3.84 -45.50
C ILE B 538 -25.09 -2.42 -45.05
N PRO B 539 -25.83 -1.82 -44.12
CA PRO B 539 -25.45 -0.47 -43.65
C PRO B 539 -24.18 -0.49 -42.84
N LYS B 540 -23.18 0.26 -43.31
CA LYS B 540 -21.89 0.32 -42.64
C LYS B 540 -21.98 1.28 -41.46
N HIS B 541 -21.71 0.77 -40.26
CA HIS B 541 -21.74 1.56 -39.04
C HIS B 541 -20.35 1.52 -38.42
N PHE B 542 -19.64 2.64 -38.51
CA PHE B 542 -18.27 2.75 -38.02
C PHE B 542 -18.20 3.30 -36.59
N GLY B 543 -19.28 3.16 -35.83
CA GLY B 543 -19.30 3.68 -34.47
C GLY B 543 -18.46 2.86 -33.51
N LEU B 544 -18.77 1.57 -33.40
CA LEU B 544 -18.03 0.70 -32.48
C LEU B 544 -16.64 0.37 -32.99
N PHE B 545 -16.36 0.59 -34.28
CA PHE B 545 -15.02 0.38 -34.79
C PHE B 545 -14.05 1.41 -34.23
N TYR B 546 -14.50 2.65 -34.08
CA TYR B 546 -13.70 3.64 -33.36
C TYR B 546 -13.59 3.29 -31.89
N ALA B 547 -14.64 2.67 -31.33
CA ALA B 547 -14.67 2.30 -29.93
C ALA B 547 -13.72 1.15 -29.59
N MET B 548 -13.42 0.28 -30.55
CA MET B 548 -12.56 -0.86 -30.28
C MET B 548 -11.08 -0.50 -30.41
N GLY B 549 -10.73 0.30 -31.43
CA GLY B 549 -9.34 0.72 -31.59
C GLY B 549 -8.88 1.67 -30.50
N ILE B 550 -9.80 2.42 -29.91
CA ILE B 550 -9.50 3.17 -28.69
C ILE B 550 -9.30 2.22 -27.52
N ALA B 551 -10.17 1.21 -27.38
CA ALA B 551 -10.07 0.27 -26.28
C ALA B 551 -8.83 -0.61 -26.36
N LEU B 552 -8.30 -0.83 -27.56
CA LEU B 552 -7.01 -1.50 -27.67
C LEU B 552 -5.88 -0.59 -27.19
N MET B 553 -5.98 0.72 -27.46
CA MET B 553 -4.96 1.66 -27.02
C MET B 553 -4.97 1.84 -25.50
N MET B 554 -6.16 1.85 -24.91
CA MET B 554 -6.24 2.02 -23.46
C MET B 554 -5.91 0.73 -22.71
N GLU B 555 -5.89 -0.41 -23.39
CA GLU B 555 -5.46 -1.65 -22.75
C GLU B 555 -3.95 -1.62 -22.47
N GLY B 556 -3.17 -1.05 -23.38
CA GLY B 556 -1.74 -0.95 -23.14
C GLY B 556 -1.37 0.09 -22.11
N VAL B 557 -2.15 1.15 -21.99
CA VAL B 557 -1.90 2.16 -20.97
C VAL B 557 -2.23 1.61 -19.59
N LEU B 558 -3.30 0.81 -19.49
CA LEU B 558 -3.69 0.26 -18.20
C LEU B 558 -2.73 -0.81 -17.71
N SER B 559 -2.19 -1.62 -18.62
CA SER B 559 -1.30 -2.70 -18.21
C SER B 559 0.13 -2.26 -18.03
N ALA B 560 0.55 -1.18 -18.70
CA ALA B 560 1.87 -0.61 -18.41
C ALA B 560 1.90 0.03 -17.03
N CYS B 561 0.78 0.60 -16.59
CA CYS B 561 0.68 1.11 -15.24
C CYS B 561 0.61 -0.02 -14.21
N TYR B 562 0.17 -1.21 -14.63
CA TYR B 562 0.18 -2.36 -13.74
C TYR B 562 1.60 -2.85 -13.50
N HIS B 563 2.45 -2.78 -14.52
CA HIS B 563 3.79 -3.35 -14.45
C HIS B 563 4.81 -2.38 -13.84
N VAL B 564 4.36 -1.23 -13.34
CA VAL B 564 5.25 -0.40 -12.53
C VAL B 564 5.47 -1.06 -11.17
N CYS B 565 4.40 -1.59 -10.58
CA CYS B 565 4.53 -2.43 -9.38
C CYS B 565 3.35 -3.39 -9.34
N PRO B 566 3.49 -4.58 -9.93
CA PRO B 566 2.43 -5.59 -9.84
C PRO B 566 2.34 -6.16 -8.43
N ASN B 567 1.15 -6.11 -7.85
CA ASN B 567 0.90 -6.75 -6.56
C ASN B 567 -0.57 -7.09 -6.46
N TYR B 568 -1.01 -7.42 -5.25
CA TYR B 568 -2.37 -7.90 -5.02
C TYR B 568 -3.41 -6.80 -5.12
N SER B 569 -3.01 -5.53 -4.96
CA SER B 569 -3.96 -4.43 -4.91
C SER B 569 -4.30 -3.86 -6.28
N ASN B 570 -3.61 -4.28 -7.34
CA ASN B 570 -3.91 -3.81 -8.69
C ASN B 570 -3.85 -4.95 -9.70
N PHE B 571 -4.12 -6.18 -9.28
CA PHE B 571 -3.89 -7.34 -10.16
C PHE B 571 -4.74 -7.36 -11.40
N GLN B 572 -5.94 -6.80 -11.32
CA GLN B 572 -6.83 -6.91 -12.46
C GLN B 572 -6.36 -6.10 -13.64
N PHE B 573 -5.56 -5.05 -13.41
CA PHE B 573 -5.23 -4.07 -14.44
C PHE B 573 -4.27 -4.59 -15.50
N ASP B 574 -3.82 -5.84 -15.40
CA ASP B 574 -3.11 -6.46 -16.51
C ASP B 574 -4.04 -6.77 -17.66
N THR B 575 -5.18 -7.39 -17.38
CA THR B 575 -6.04 -7.95 -18.42
C THR B 575 -7.52 -7.65 -18.26
N SER B 576 -7.93 -6.79 -17.32
CA SER B 576 -9.36 -6.57 -17.12
C SER B 576 -9.99 -5.74 -18.23
N PHE B 577 -9.22 -4.91 -18.90
CA PHE B 577 -9.82 -4.09 -19.95
C PHE B 577 -9.97 -4.87 -21.25
N MET B 578 -9.43 -6.09 -21.31
CA MET B 578 -9.68 -6.98 -22.43
C MET B 578 -11.07 -7.60 -22.36
N TYR B 579 -11.72 -7.57 -21.20
CA TYR B 579 -13.13 -7.97 -21.12
C TYR B 579 -14.00 -6.98 -21.87
N MET B 580 -13.63 -5.69 -21.81
CA MET B 580 -14.35 -4.66 -22.57
C MET B 580 -14.10 -4.83 -24.07
N ILE B 581 -12.89 -5.21 -24.46
CA ILE B 581 -12.56 -5.38 -25.87
C ILE B 581 -13.31 -6.57 -26.44
N ALA B 582 -13.35 -7.69 -25.72
CA ALA B 582 -14.11 -8.85 -26.16
C ALA B 582 -15.61 -8.61 -26.13
N GLY B 583 -16.07 -7.75 -25.20
CA GLY B 583 -17.48 -7.41 -25.17
C GLY B 583 -17.88 -6.49 -26.32
N LEU B 584 -16.98 -5.59 -26.70
CA LEU B 584 -17.25 -4.70 -27.83
C LEU B 584 -17.19 -5.42 -29.17
N CYS B 585 -16.43 -6.51 -29.25
CA CYS B 585 -16.36 -7.26 -30.51
C CYS B 585 -17.63 -8.08 -30.74
N MET B 586 -18.17 -8.69 -29.68
CA MET B 586 -19.38 -9.49 -29.82
C MET B 586 -20.62 -8.64 -30.05
N LEU B 587 -20.57 -7.34 -29.73
CA LEU B 587 -21.70 -6.47 -29.98
C LEU B 587 -21.72 -5.96 -31.42
N LYS B 588 -20.55 -5.68 -31.99
CA LYS B 588 -20.47 -5.25 -33.38
C LYS B 588 -20.83 -6.39 -34.33
N LEU B 589 -20.43 -7.62 -34.02
CA LEU B 589 -20.76 -8.75 -34.89
C LEU B 589 -22.25 -9.06 -34.83
N TYR B 590 -22.91 -8.74 -33.72
CA TYR B 590 -24.36 -8.77 -33.68
C TYR B 590 -24.97 -7.61 -34.45
N GLN B 591 -24.27 -6.47 -34.51
CA GLN B 591 -24.80 -5.27 -35.15
C GLN B 591 -24.79 -5.35 -36.67
N THR B 592 -23.93 -6.20 -37.25
CA THR B 592 -23.77 -6.24 -38.71
C THR B 592 -25.01 -6.80 -39.40
N ARG B 593 -25.78 -7.67 -38.74
CA ARG B 593 -27.03 -8.16 -39.29
C ARG B 593 -28.21 -7.96 -38.35
N HIS B 594 -28.04 -7.17 -37.30
CA HIS B 594 -29.14 -6.65 -36.51
C HIS B 594 -28.85 -5.18 -36.22
N PRO B 595 -29.09 -4.30 -37.19
CA PRO B 595 -28.76 -2.88 -37.00
C PRO B 595 -29.75 -2.10 -36.15
N ASP B 596 -30.81 -2.75 -35.66
CA ASP B 596 -31.81 -2.09 -34.84
C ASP B 596 -31.41 -2.00 -33.37
N ILE B 597 -30.23 -2.50 -33.00
CA ILE B 597 -29.81 -2.45 -31.60
C ILE B 597 -29.40 -1.03 -31.24
N ASN B 598 -29.53 -0.70 -29.95
CA ASN B 598 -29.14 0.62 -29.45
C ASN B 598 -28.58 0.42 -28.04
N ALA B 599 -27.26 0.25 -27.98
CA ALA B 599 -26.56 0.14 -26.71
C ALA B 599 -26.06 1.51 -26.30
N SER B 600 -26.55 2.01 -25.18
CA SER B 600 -26.18 3.34 -24.71
C SER B 600 -24.76 3.35 -24.15
N ALA B 601 -24.21 4.55 -24.01
CA ALA B 601 -22.87 4.70 -23.45
C ALA B 601 -22.83 4.39 -21.96
N TYR B 602 -23.97 4.50 -21.26
CA TYR B 602 -24.00 4.10 -19.86
C TYR B 602 -24.01 2.59 -19.72
N SER B 603 -24.66 1.89 -20.65
CA SER B 603 -24.77 0.43 -20.56
C SER B 603 -23.44 -0.25 -20.79
N ALA B 604 -22.54 0.36 -21.56
CA ALA B 604 -21.19 -0.16 -21.69
C ALA B 604 -20.38 0.08 -20.43
N TYR B 605 -20.72 1.13 -19.67
CA TYR B 605 -20.05 1.39 -18.41
C TYR B 605 -20.61 0.53 -17.28
N ALA B 606 -21.92 0.31 -17.27
CA ALA B 606 -22.54 -0.41 -16.16
C ALA B 606 -22.28 -1.91 -16.27
N SER B 607 -22.33 -2.47 -17.48
CA SER B 607 -22.06 -3.89 -17.65
C SER B 607 -20.58 -4.21 -17.47
N PHE B 608 -19.70 -3.25 -17.72
CA PHE B 608 -18.29 -3.45 -17.41
C PHE B 608 -18.03 -3.35 -15.92
N ALA B 609 -18.82 -2.54 -15.20
CA ALA B 609 -18.58 -2.36 -13.78
C ALA B 609 -19.00 -3.58 -12.96
N VAL B 610 -19.93 -4.39 -13.47
CA VAL B 610 -20.35 -5.57 -12.73
C VAL B 610 -19.47 -6.79 -12.99
N VAL B 611 -18.72 -6.80 -14.10
CA VAL B 611 -17.79 -7.91 -14.34
C VAL B 611 -16.43 -7.66 -13.72
N ILE B 612 -16.14 -6.42 -13.30
CA ILE B 612 -14.96 -6.18 -12.48
C ILE B 612 -15.25 -6.53 -11.03
N MET B 613 -16.45 -6.18 -10.59
CA MET B 613 -16.81 -6.43 -9.18
C MET B 613 -16.74 -7.93 -8.90
N VAL B 614 -17.34 -8.74 -9.76
CA VAL B 614 -17.36 -10.17 -9.50
C VAL B 614 -15.99 -10.81 -9.69
N THR B 615 -15.09 -10.10 -10.36
CA THR B 615 -13.72 -10.62 -10.51
C THR B 615 -12.97 -10.33 -9.21
N VAL B 616 -12.92 -9.06 -8.80
CA VAL B 616 -12.15 -8.69 -7.58
C VAL B 616 -12.68 -9.53 -6.42
N LEU B 617 -13.98 -9.76 -6.38
CA LEU B 617 -14.56 -10.53 -5.25
C LEU B 617 -14.10 -11.98 -5.36
N GLY B 618 -14.27 -12.58 -6.54
CA GLY B 618 -13.91 -14.00 -6.69
C GLY B 618 -12.52 -14.27 -6.17
N VAL B 619 -11.57 -13.40 -6.50
CA VAL B 619 -10.16 -13.62 -6.07
C VAL B 619 -10.05 -13.47 -4.56
N VAL B 620 -10.69 -12.46 -3.98
CA VAL B 620 -10.51 -12.22 -2.51
C VAL B 620 -11.48 -13.12 -1.75
N PHE B 621 -12.75 -12.71 -1.63
CA PHE B 621 -13.73 -13.49 -0.83
C PHE B 621 -13.85 -14.91 -1.38
N GLY B 622 -14.21 -15.04 -2.65
CA GLY B 622 -14.28 -16.39 -3.24
C GLY B 622 -13.13 -17.19 -2.68
N LYS B 623 -11.93 -16.62 -2.70
CA LYS B 623 -10.75 -17.30 -2.10
C LYS B 623 -10.83 -18.80 -2.39
N ASN B 624 -11.18 -19.16 -3.63
CA ASN B 624 -11.29 -20.59 -4.01
C ASN B 624 -12.08 -21.39 -2.96
N ASP B 625 -13.29 -20.96 -2.59
CA ASP B 625 -14.15 -21.78 -1.69
C ASP B 625 -15.35 -22.28 -2.50
N VAL B 626 -16.03 -23.34 -2.07
CA VAL B 626 -17.08 -23.91 -2.90
C VAL B 626 -18.33 -23.05 -2.88
N TRP B 627 -18.42 -22.08 -1.95
CA TRP B 627 -19.63 -21.27 -1.87
C TRP B 627 -19.72 -20.25 -3.00
N PHE B 628 -18.58 -19.81 -3.52
CA PHE B 628 -18.58 -18.86 -4.64
C PHE B 628 -18.60 -19.58 -5.97
N TRP B 629 -17.94 -20.73 -6.07
CA TRP B 629 -17.75 -21.38 -7.36
C TRP B 629 -19.02 -22.06 -7.86
N VAL B 630 -19.90 -22.46 -6.95
CA VAL B 630 -21.16 -23.08 -7.37
C VAL B 630 -22.12 -22.03 -7.92
N ILE B 631 -22.29 -20.93 -7.18
CA ILE B 631 -23.22 -19.89 -7.60
C ILE B 631 -22.69 -19.09 -8.78
N PHE B 632 -21.37 -19.07 -9.00
CA PHE B 632 -20.85 -18.48 -10.23
C PHE B 632 -21.04 -19.40 -11.43
N SER B 633 -20.98 -20.72 -11.20
CA SER B 633 -21.22 -21.67 -12.28
C SER B 633 -22.68 -21.67 -12.69
N ALA B 634 -23.58 -21.29 -11.80
CA ALA B 634 -24.99 -21.13 -12.15
C ALA B 634 -25.22 -19.85 -12.94
N ILE B 635 -24.46 -18.79 -12.65
CA ILE B 635 -24.54 -17.56 -13.44
C ILE B 635 -23.97 -17.81 -14.84
N HIS B 636 -22.92 -18.62 -14.93
CA HIS B 636 -22.26 -18.86 -16.22
C HIS B 636 -23.12 -19.70 -17.15
N VAL B 637 -23.98 -20.57 -16.63
CA VAL B 637 -24.77 -21.42 -17.50
C VAL B 637 -26.06 -20.75 -17.95
N LEU B 638 -26.61 -19.82 -17.17
CA LEU B 638 -27.79 -19.10 -17.62
C LEU B 638 -27.46 -17.87 -18.44
N ALA B 639 -26.22 -17.37 -18.36
CA ALA B 639 -25.79 -16.34 -19.28
C ALA B 639 -25.65 -16.89 -20.69
N SER B 640 -25.14 -18.11 -20.82
CA SER B 640 -25.04 -18.75 -22.13
C SER B 640 -26.41 -19.17 -22.66
N LEU B 641 -27.34 -19.51 -21.76
CA LEU B 641 -28.71 -19.79 -22.17
C LEU B 641 -29.47 -18.53 -22.57
N ALA B 642 -29.04 -17.36 -22.10
CA ALA B 642 -29.68 -16.11 -22.47
C ALA B 642 -29.17 -15.59 -23.82
N LEU B 643 -27.87 -15.71 -24.08
CA LEU B 643 -27.32 -15.18 -25.33
C LEU B 643 -27.52 -16.11 -26.51
N SER B 644 -27.90 -17.37 -26.28
CA SER B 644 -28.09 -18.30 -27.38
C SER B 644 -29.36 -17.98 -28.15
N THR B 645 -30.50 -17.91 -27.46
CA THR B 645 -31.76 -17.60 -28.12
C THR B 645 -31.89 -16.13 -28.47
N GLN B 646 -31.03 -15.28 -27.90
CA GLN B 646 -31.05 -13.86 -28.31
C GLN B 646 -30.42 -13.79 -29.70
N ILE B 647 -29.35 -14.55 -29.94
CA ILE B 647 -28.76 -14.64 -31.28
C ILE B 647 -29.78 -15.19 -32.27
N TYR B 648 -30.50 -16.23 -31.86
CA TYR B 648 -31.60 -16.77 -32.66
C TYR B 648 -32.77 -15.80 -32.70
N MET B 681 -32.94 -27.04 -40.35
CA MET B 681 -32.47 -25.89 -39.61
C MET B 681 -31.20 -26.21 -38.81
N ASP B 682 -30.04 -25.90 -39.38
CA ASP B 682 -28.77 -26.09 -38.71
C ASP B 682 -28.41 -24.93 -37.79
N ARG B 683 -29.29 -23.95 -37.62
CA ARG B 683 -29.06 -22.88 -36.66
C ARG B 683 -29.21 -23.40 -35.23
N MET B 684 -30.13 -24.32 -35.01
CA MET B 684 -30.32 -24.94 -33.71
C MET B 684 -29.20 -25.93 -33.37
N VAL B 685 -28.43 -26.37 -34.36
CA VAL B 685 -27.32 -27.28 -34.09
C VAL B 685 -26.14 -26.54 -33.48
N LEU B 686 -25.80 -25.38 -34.06
CA LEU B 686 -24.65 -24.62 -33.57
C LEU B 686 -24.95 -23.96 -32.23
N LEU B 687 -26.19 -23.56 -32.01
CA LEU B 687 -26.56 -22.86 -30.78
C LEU B 687 -26.71 -23.79 -29.58
N VAL B 688 -26.53 -25.10 -29.75
CA VAL B 688 -26.41 -26.00 -28.61
C VAL B 688 -25.01 -26.58 -28.49
N VAL B 689 -24.17 -26.49 -29.52
CA VAL B 689 -22.76 -26.84 -29.38
C VAL B 689 -22.04 -25.79 -28.56
N GLY B 690 -22.31 -24.51 -28.84
CA GLY B 690 -21.70 -23.42 -28.11
C GLY B 690 -22.09 -23.36 -26.63
N ASN B 691 -23.26 -23.90 -26.28
CA ASN B 691 -23.59 -24.05 -24.87
C ASN B 691 -22.76 -25.14 -24.22
N LEU B 692 -22.42 -26.20 -24.97
CA LEU B 692 -21.64 -27.29 -24.39
C LEU B 692 -20.18 -26.90 -24.18
N VAL B 693 -19.68 -25.92 -24.94
CA VAL B 693 -18.34 -25.40 -24.69
C VAL B 693 -18.34 -24.55 -23.44
N ASN B 694 -19.40 -23.75 -23.24
CA ASN B 694 -19.53 -22.97 -22.01
C ASN B 694 -19.85 -23.87 -20.82
N TRP B 695 -20.51 -25.01 -21.05
CA TRP B 695 -20.79 -25.92 -19.95
C TRP B 695 -19.55 -26.72 -19.57
N SER B 696 -18.74 -27.09 -20.56
CA SER B 696 -17.45 -27.72 -20.25
C SER B 696 -16.50 -26.73 -19.60
N PHE B 697 -16.62 -25.45 -19.94
CA PHE B 697 -15.85 -24.42 -19.24
C PHE B 697 -16.36 -24.19 -17.83
N ALA B 698 -17.66 -24.42 -17.60
CA ALA B 698 -18.24 -24.20 -16.27
C ALA B 698 -17.81 -25.28 -15.29
N LEU B 699 -17.80 -26.54 -15.72
CA LEU B 699 -17.42 -27.62 -14.82
C LEU B 699 -15.91 -27.77 -14.69
N PHE B 700 -15.13 -27.24 -15.63
CA PHE B 700 -13.68 -27.28 -15.51
C PHE B 700 -13.19 -26.37 -14.39
N GLY B 701 -13.79 -25.18 -14.28
CA GLY B 701 -13.47 -24.30 -13.17
C GLY B 701 -14.12 -24.69 -11.86
N LEU B 702 -15.09 -25.60 -11.91
CA LEU B 702 -15.78 -26.02 -10.69
C LEU B 702 -15.04 -27.15 -9.98
N ILE B 703 -14.43 -28.07 -10.75
CA ILE B 703 -13.75 -29.21 -10.14
C ILE B 703 -12.29 -28.93 -9.80
N TYR B 704 -11.70 -27.89 -10.39
CA TYR B 704 -10.30 -27.57 -10.12
C TYR B 704 -10.12 -26.28 -9.33
N ARG B 705 -11.07 -25.33 -9.46
CA ARG B 705 -11.09 -24.02 -8.81
C ARG B 705 -9.82 -23.24 -9.04
N PRO B 706 -9.61 -22.67 -10.23
CA PRO B 706 -8.39 -21.87 -10.48
C PRO B 706 -8.40 -20.59 -9.64
N ARG B 707 -7.35 -20.42 -8.85
CA ARG B 707 -7.28 -19.27 -7.94
C ARG B 707 -7.11 -17.97 -8.69
N ASP B 708 -6.36 -18.00 -9.80
CA ASP B 708 -6.22 -16.82 -10.67
C ASP B 708 -7.52 -16.66 -11.45
N PHE B 709 -8.49 -16.01 -10.81
CA PHE B 709 -9.81 -15.84 -11.40
C PHE B 709 -9.85 -14.75 -12.47
N ALA B 710 -8.87 -13.83 -12.46
CA ALA B 710 -8.82 -12.81 -13.50
C ALA B 710 -8.40 -13.39 -14.84
N SER B 711 -7.56 -14.43 -14.83
CA SER B 711 -7.25 -15.14 -16.06
C SER B 711 -8.34 -16.15 -16.43
N TYR B 712 -9.14 -16.58 -15.45
CA TYR B 712 -10.28 -17.44 -15.75
C TYR B 712 -11.38 -16.68 -16.47
N MET B 713 -11.53 -15.38 -16.16
CA MET B 713 -12.53 -14.57 -16.85
C MET B 713 -12.08 -14.21 -18.26
N LEU B 714 -10.77 -14.21 -18.53
CA LEU B 714 -10.30 -14.05 -19.89
C LEU B 714 -10.67 -15.22 -20.77
N GLY B 715 -10.61 -16.45 -20.22
CA GLY B 715 -10.97 -17.62 -20.99
C GLY B 715 -12.44 -17.69 -21.35
N ILE B 716 -13.30 -17.05 -20.55
CA ILE B 716 -14.72 -16.98 -20.87
C ILE B 716 -14.95 -16.01 -22.02
N PHE B 717 -14.33 -14.83 -21.96
CA PHE B 717 -14.57 -13.80 -22.95
C PHE B 717 -13.87 -14.09 -24.28
N ILE B 718 -12.77 -14.83 -24.25
CA ILE B 718 -12.06 -15.14 -25.49
C ILE B 718 -12.75 -16.25 -26.25
N CYS B 719 -13.14 -17.33 -25.55
CA CYS B 719 -13.77 -18.46 -26.23
C CYS B 719 -15.16 -18.11 -26.74
N ASN B 720 -15.88 -17.26 -26.01
CA ASN B 720 -17.17 -16.77 -26.51
C ASN B 720 -16.99 -15.84 -27.69
N LEU B 721 -15.87 -15.13 -27.76
CA LEU B 721 -15.55 -14.36 -28.95
C LEU B 721 -15.15 -15.28 -30.10
N LEU B 722 -14.32 -16.28 -29.83
CA LEU B 722 -13.86 -17.19 -30.87
C LEU B 722 -14.88 -18.27 -31.24
N LEU B 723 -16.06 -18.25 -30.62
CA LEU B 723 -17.16 -19.13 -31.03
C LEU B 723 -18.18 -18.38 -31.87
N TYR B 724 -18.58 -17.19 -31.44
CA TYR B 724 -19.56 -16.40 -32.19
C TYR B 724 -18.94 -15.86 -33.47
N LEU B 725 -17.62 -15.65 -33.49
CA LEU B 725 -16.95 -15.35 -34.75
C LEU B 725 -16.80 -16.59 -35.61
N ALA B 726 -16.66 -17.76 -34.99
CA ALA B 726 -16.59 -19.00 -35.76
C ALA B 726 -17.95 -19.43 -36.27
N PHE B 727 -19.02 -19.14 -35.53
CA PHE B 727 -20.36 -19.47 -35.99
C PHE B 727 -20.81 -18.55 -37.12
N TYR B 728 -20.29 -17.32 -37.15
CA TYR B 728 -20.66 -16.37 -38.19
C TYR B 728 -20.09 -16.75 -39.54
N ILE B 729 -18.93 -17.43 -39.56
CA ILE B 729 -18.33 -17.86 -40.81
C ILE B 729 -19.04 -19.08 -41.35
N ILE B 730 -19.43 -20.01 -40.48
CA ILE B 730 -20.17 -21.19 -40.89
C ILE B 730 -21.56 -20.83 -41.39
N MET B 731 -22.19 -19.81 -40.79
CA MET B 731 -23.48 -19.33 -41.27
C MET B 731 -23.33 -18.64 -42.62
N LYS B 732 -22.18 -18.04 -42.90
CA LYS B 732 -21.93 -17.49 -44.23
C LYS B 732 -21.68 -18.60 -45.25
N LEU B 733 -21.13 -19.73 -44.81
CA LEU B 733 -20.82 -20.82 -45.72
C LEU B 733 -21.93 -21.84 -45.86
N ARG B 734 -22.83 -21.95 -44.87
CA ARG B 734 -24.05 -22.72 -45.08
C ARG B 734 -24.99 -22.01 -46.05
N SER B 735 -24.93 -20.69 -46.10
CA SER B 735 -25.57 -19.94 -47.17
C SER B 735 -24.60 -19.84 -48.34
N SER B 736 -25.03 -19.17 -49.41
CA SER B 736 -24.20 -19.02 -50.61
C SER B 736 -23.45 -17.69 -50.56
N GLU B 737 -22.50 -17.61 -49.62
CA GLU B 737 -21.64 -16.44 -49.46
C GLU B 737 -20.21 -16.93 -49.36
N LYS B 738 -19.35 -16.42 -50.24
CA LYS B 738 -17.94 -16.79 -50.22
C LYS B 738 -17.17 -15.88 -49.27
N VAL B 739 -15.88 -16.14 -49.13
CA VAL B 739 -14.99 -15.33 -48.32
C VAL B 739 -13.92 -14.77 -49.25
N LEU B 740 -13.76 -13.44 -49.23
CA LEU B 740 -12.74 -12.78 -50.03
C LEU B 740 -11.35 -13.08 -49.46
N PRO B 741 -10.30 -12.95 -50.27
CA PRO B 741 -8.94 -13.27 -49.76
C PRO B 741 -8.43 -12.33 -48.68
N VAL B 742 -8.97 -11.13 -48.55
CA VAL B 742 -8.51 -10.21 -47.51
C VAL B 742 -9.07 -10.62 -46.13
N PRO B 743 -10.37 -10.94 -45.93
CA PRO B 743 -10.75 -11.51 -44.63
C PRO B 743 -10.30 -12.94 -44.43
N LEU B 744 -10.06 -13.70 -45.50
CA LEU B 744 -9.61 -15.08 -45.33
C LEU B 744 -8.19 -15.14 -44.81
N PHE B 745 -7.37 -14.15 -45.16
CA PHE B 745 -6.04 -14.05 -44.57
C PHE B 745 -6.13 -13.70 -43.09
N CYS B 746 -7.07 -12.84 -42.72
CA CYS B 746 -7.20 -12.40 -41.34
C CYS B 746 -7.83 -13.45 -40.42
N ILE B 747 -8.59 -14.39 -40.98
CA ILE B 747 -9.13 -15.48 -40.15
C ILE B 747 -8.03 -16.46 -39.81
N VAL B 748 -7.18 -16.80 -40.78
CA VAL B 748 -6.04 -17.68 -40.53
C VAL B 748 -5.01 -16.98 -39.65
N ALA B 749 -4.90 -15.64 -39.77
CA ALA B 749 -3.99 -14.90 -38.91
C ALA B 749 -4.51 -14.83 -37.48
N THR B 750 -5.83 -14.75 -37.29
CA THR B 750 -6.40 -14.69 -35.95
C THR B 750 -6.23 -16.02 -35.22
N ALA B 751 -6.34 -17.13 -35.95
CA ALA B 751 -6.20 -18.45 -35.34
C ALA B 751 -4.77 -18.77 -34.94
N VAL B 752 -3.78 -18.34 -35.73
CA VAL B 752 -2.39 -18.65 -35.41
C VAL B 752 -1.76 -17.64 -34.47
N MET B 753 -2.36 -16.47 -34.29
CA MET B 753 -1.85 -15.52 -33.30
C MET B 753 -2.53 -15.69 -31.95
N TRP B 754 -3.76 -16.20 -31.90
CA TRP B 754 -4.37 -16.50 -30.62
C TRP B 754 -3.86 -17.81 -30.04
N ALA B 755 -3.51 -18.78 -30.88
CA ALA B 755 -2.91 -20.01 -30.39
C ALA B 755 -1.49 -19.78 -29.90
N ALA B 756 -0.78 -18.85 -30.52
CA ALA B 756 0.57 -18.52 -30.05
C ALA B 756 0.53 -17.68 -28.78
N ALA B 757 -0.43 -16.77 -28.67
CA ALA B 757 -0.51 -15.91 -27.49
C ALA B 757 -1.01 -16.66 -26.27
N LEU B 758 -1.92 -17.61 -26.46
CA LEU B 758 -2.43 -18.38 -25.32
C LEU B 758 -1.42 -19.39 -24.81
N TYR B 759 -0.44 -19.76 -25.64
CA TYR B 759 0.68 -20.56 -25.14
C TYR B 759 1.53 -19.76 -24.16
N PHE B 760 1.93 -18.55 -24.57
CA PHE B 760 2.77 -17.70 -23.73
C PHE B 760 2.01 -17.14 -22.53
N PHE B 761 0.67 -17.14 -22.58
CA PHE B 761 -0.12 -16.66 -21.46
C PHE B 761 -0.06 -17.61 -20.27
N PHE B 762 0.17 -18.89 -20.51
CA PHE B 762 0.12 -19.88 -19.45
C PHE B 762 1.46 -20.12 -18.77
N GLN B 763 2.57 -19.67 -19.36
CA GLN B 763 3.85 -19.70 -18.66
C GLN B 763 3.86 -18.55 -17.67
N ASN B 764 3.50 -18.84 -16.42
CA ASN B 764 3.52 -17.83 -15.38
C ASN B 764 4.94 -17.68 -14.84
N LEU B 765 5.40 -16.44 -14.76
CA LEU B 765 6.73 -16.13 -14.24
C LEU B 765 6.64 -15.33 -12.94
N SER B 766 5.44 -15.17 -12.39
CA SER B 766 5.18 -14.39 -11.19
C SER B 766 3.77 -14.73 -10.74
N SER B 767 3.51 -14.57 -9.44
CA SER B 767 2.21 -14.92 -8.89
C SER B 767 1.99 -14.14 -7.60
N TRP B 768 0.96 -13.30 -7.57
CA TRP B 768 0.59 -12.58 -6.36
C TRP B 768 -0.26 -13.43 -5.42
N GLU B 769 -0.49 -14.69 -5.76
CA GLU B 769 -1.37 -15.55 -4.96
C GLU B 769 -0.71 -15.98 -3.66
N GLY B 770 0.62 -16.07 -3.64
CA GLY B 770 1.35 -16.48 -2.47
C GLY B 770 2.28 -15.40 -1.94
N THR B 771 3.25 -15.83 -1.15
CA THR B 771 4.26 -14.94 -0.63
C THR B 771 5.22 -14.54 -1.76
N PRO B 772 5.92 -13.40 -1.63
CA PRO B 772 6.87 -13.00 -2.68
C PRO B 772 8.05 -13.95 -2.84
N ALA B 773 8.40 -14.72 -1.81
CA ALA B 773 9.42 -15.74 -1.98
C ALA B 773 8.90 -16.93 -2.77
N GLU B 774 7.59 -17.18 -2.72
CA GLU B 774 7.00 -18.24 -3.52
C GLU B 774 6.89 -17.83 -4.98
N SER B 775 6.70 -16.53 -5.24
CA SER B 775 6.60 -16.06 -6.62
C SER B 775 7.96 -16.06 -7.31
N ARG B 776 9.04 -15.92 -6.54
CA ARG B 776 10.38 -15.87 -7.11
C ARG B 776 10.88 -17.22 -7.60
N GLU B 777 10.20 -18.32 -7.23
CA GLU B 777 10.61 -19.64 -7.70
C GLU B 777 10.28 -19.86 -9.17
N LYS B 778 9.37 -19.07 -9.72
CA LYS B 778 8.92 -19.24 -11.09
C LYS B 778 9.55 -18.24 -12.05
N ASN B 779 10.51 -17.45 -11.58
CA ASN B 779 11.19 -16.49 -12.44
C ASN B 779 12.05 -17.21 -13.47
N ARG B 780 12.08 -16.66 -14.68
CA ARG B 780 12.85 -17.22 -15.78
C ARG B 780 13.64 -16.11 -16.47
N GLU B 781 14.67 -16.52 -17.20
CA GLU B 781 15.48 -15.57 -17.93
C GLU B 781 14.75 -15.11 -19.19
N CYS B 782 15.27 -14.04 -19.79
CA CYS B 782 14.69 -13.51 -21.02
C CYS B 782 15.01 -14.44 -22.19
N ILE B 783 14.05 -14.56 -23.11
CA ILE B 783 14.18 -15.48 -24.24
C ILE B 783 14.25 -14.77 -25.59
N LEU B 784 13.95 -13.49 -25.65
CA LEU B 784 13.98 -12.75 -26.91
C LEU B 784 14.83 -11.50 -26.73
N LEU B 785 15.96 -11.45 -27.45
CA LEU B 785 16.90 -10.33 -27.51
C LEU B 785 17.51 -9.98 -26.16
N ASP B 786 17.51 -10.94 -25.22
CA ASP B 786 17.93 -10.78 -23.82
C ASP B 786 17.20 -9.64 -23.11
N PHE B 787 15.97 -9.36 -23.53
CA PHE B 787 15.22 -8.24 -22.97
C PHE B 787 13.81 -8.65 -22.59
N PHE B 788 13.21 -9.59 -23.32
CA PHE B 788 11.80 -9.90 -23.19
C PHE B 788 11.64 -11.33 -22.73
N ASP B 789 10.82 -11.53 -21.70
CA ASP B 789 10.49 -12.84 -21.15
C ASP B 789 9.20 -13.33 -21.78
N ASP B 790 8.64 -14.41 -21.21
CA ASP B 790 7.41 -15.01 -21.72
C ASP B 790 6.21 -14.08 -21.57
N HIS B 791 6.17 -13.27 -20.52
CA HIS B 791 5.03 -12.37 -20.33
C HIS B 791 5.09 -11.17 -21.28
N ASP B 792 6.28 -10.79 -21.73
CA ASP B 792 6.40 -9.71 -22.69
C ASP B 792 6.03 -10.12 -24.10
N ILE B 793 6.13 -11.40 -24.43
CA ILE B 793 5.66 -11.86 -25.73
C ILE B 793 4.16 -11.99 -25.72
N TRP B 794 3.56 -12.27 -24.56
CA TRP B 794 2.11 -12.24 -24.43
C TRP B 794 1.57 -10.83 -24.64
N HIS B 795 2.32 -9.81 -24.22
CA HIS B 795 1.93 -8.43 -24.52
C HIS B 795 2.09 -8.11 -26.00
N PHE B 796 3.00 -8.80 -26.69
CA PHE B 796 3.21 -8.56 -28.10
C PHE B 796 2.19 -9.29 -28.96
N LEU B 797 1.83 -10.52 -28.59
CA LEU B 797 1.00 -11.35 -29.45
C LEU B 797 -0.48 -11.23 -29.15
N SER B 798 -0.85 -10.74 -27.97
CA SER B 798 -2.27 -10.45 -27.73
C SER B 798 -2.68 -9.08 -28.25
N ALA B 799 -1.72 -8.21 -28.57
CA ALA B 799 -2.04 -6.99 -29.29
C ALA B 799 -2.12 -7.24 -30.79
N THR B 800 -1.53 -8.32 -31.27
CA THR B 800 -1.61 -8.70 -32.68
C THR B 800 -2.82 -9.59 -32.95
N ALA B 801 -3.14 -10.49 -32.01
CA ALA B 801 -4.32 -11.32 -32.17
C ALA B 801 -5.60 -10.52 -32.01
N LEU B 802 -5.59 -9.49 -31.17
CA LEU B 802 -6.75 -8.61 -31.06
C LEU B 802 -6.84 -7.63 -32.22
N PHE B 803 -5.72 -7.32 -32.88
CA PHE B 803 -5.75 -6.46 -34.06
C PHE B 803 -6.31 -7.20 -35.27
N PHE B 804 -5.90 -8.45 -35.47
CA PHE B 804 -6.42 -9.21 -36.59
C PHE B 804 -7.84 -9.70 -36.33
N SER B 805 -8.26 -9.78 -35.06
CA SER B 805 -9.67 -10.04 -34.77
C SER B 805 -10.53 -8.84 -35.09
N PHE B 806 -9.97 -7.64 -35.00
CA PHE B 806 -10.67 -6.44 -35.44
C PHE B 806 -10.83 -6.43 -36.96
N LEU B 807 -9.79 -6.85 -37.67
CA LEU B 807 -9.83 -6.83 -39.13
C LEU B 807 -10.71 -7.92 -39.72
N VAL B 808 -11.02 -8.97 -38.94
CA VAL B 808 -12.02 -9.92 -39.37
C VAL B 808 -13.41 -9.28 -39.33
N LEU B 809 -13.73 -8.60 -38.23
CA LEU B 809 -15.05 -7.98 -38.07
C LEU B 809 -15.28 -6.81 -39.01
N LEU B 810 -14.23 -6.23 -39.56
CA LEU B 810 -14.39 -5.10 -40.47
C LEU B 810 -14.63 -5.56 -41.91
N THR B 811 -13.88 -6.58 -42.36
CA THR B 811 -13.87 -6.95 -43.77
C THR B 811 -14.53 -8.29 -44.06
N LEU B 812 -15.31 -8.84 -43.13
CA LEU B 812 -15.95 -10.12 -43.40
C LEU B 812 -17.14 -9.98 -44.34
N ASP B 813 -17.88 -8.88 -44.21
CA ASP B 813 -19.09 -8.66 -44.99
C ASP B 813 -18.85 -7.77 -46.20
N ASP B 814 -17.65 -7.85 -46.79
CA ASP B 814 -17.35 -7.15 -48.02
C ASP B 814 -17.68 -7.99 -49.24
N ASP B 815 -18.14 -9.23 -49.05
CA ASP B 815 -18.79 -9.96 -50.12
C ASP B 815 -20.06 -9.24 -50.57
N LEU B 816 -20.84 -8.75 -49.61
CA LEU B 816 -22.17 -8.22 -49.88
C LEU B 816 -22.16 -6.75 -50.29
N ASP B 817 -20.99 -6.15 -50.48
CA ASP B 817 -20.90 -4.77 -50.94
C ASP B 817 -21.09 -4.62 -52.45
N VAL B 818 -21.22 -5.72 -53.17
CA VAL B 818 -21.63 -5.69 -54.57
C VAL B 818 -23.01 -6.32 -54.76
N VAL B 819 -23.42 -7.24 -53.89
CA VAL B 819 -24.77 -7.77 -53.88
C VAL B 819 -25.72 -6.70 -53.31
N ARG B 820 -26.76 -6.37 -54.08
CA ARG B 820 -27.71 -5.35 -53.64
C ARG B 820 -28.54 -5.86 -52.46
N ARG B 821 -29.20 -4.91 -51.78
CA ARG B 821 -30.00 -5.23 -50.60
C ARG B 821 -31.32 -5.87 -51.03
N ASP B 822 -32.18 -6.13 -50.03
CA ASP B 822 -33.43 -6.88 -50.18
C ASP B 822 -33.21 -8.26 -50.79
N GLN B 823 -32.09 -8.90 -50.44
CA GLN B 823 -31.75 -10.23 -50.92
C GLN B 823 -31.76 -11.26 -49.80
N ILE B 824 -30.95 -11.06 -48.76
CA ILE B 824 -30.94 -11.94 -47.60
C ILE B 824 -30.47 -11.13 -46.39
N PRO B 825 -31.08 -11.32 -45.21
CA PRO B 825 -30.56 -10.69 -43.99
C PRO B 825 -29.78 -11.67 -43.11
C1 NAG C . 29.28 11.93 31.82
C2 NAG C . 28.82 11.66 33.26
C3 NAG C . 27.57 12.47 33.57
C4 NAG C . 27.81 13.95 33.30
C5 NAG C . 28.32 14.16 31.87
C6 NAG C . 28.72 15.58 31.58
C7 NAG C . 29.23 9.56 34.44
C8 NAG C . 28.88 8.10 34.52
N2 NAG C . 28.59 10.25 33.48
O3 NAG C . 27.20 12.24 34.92
O4 NAG C . 26.59 14.68 33.47
O5 NAG C . 29.48 13.35 31.63
O6 NAG C . 30.11 15.78 31.82
O7 NAG C . 30.04 10.08 35.20
C1 NAG C . 26.66 15.46 34.68
C2 NAG C . 25.93 16.79 34.48
C3 NAG C . 25.96 17.60 35.77
C4 NAG C . 25.42 16.80 36.95
C5 NAG C . 26.12 15.45 37.04
C6 NAG C . 25.50 14.53 38.07
C7 NAG C . 25.79 18.05 32.38
C8 NAG C . 26.56 18.80 31.33
N2 NAG C . 26.52 17.54 33.38
O3 NAG C . 25.19 18.79 35.59
O4 NAG C . 25.65 17.52 38.15
O5 NAG C . 26.06 14.76 35.78
O6 NAG C . 24.25 14.03 37.63
O7 NAG C . 24.57 17.91 32.32
C1 BMA C . 24.45 18.03 38.76
C2 BMA C . 24.90 19.19 39.71
C3 BMA C . 23.69 19.97 40.25
C4 BMA C . 22.68 20.33 39.13
C5 BMA C . 22.28 19.05 38.37
C6 BMA C . 21.29 19.31 37.26
O2 BMA C . 25.72 20.11 39.02
O3 BMA C . 24.09 21.15 40.92
O4 BMA C . 21.52 20.93 39.69
O5 BMA C . 23.47 18.47 37.80
O6 BMA C . 21.84 20.28 36.39
C1 NAG D . 3.07 -13.45 47.39
C2 NAG D . 1.68 -12.95 46.98
C3 NAG D . 1.33 -11.68 47.76
C4 NAG D . 1.48 -11.91 49.27
C5 NAG D . 2.86 -12.49 49.60
C6 NAG D . 3.01 -12.89 51.04
C7 NAG D . 1.00 -13.54 44.70
C8 NAG D . 1.02 -13.14 43.26
N2 NAG D . 1.60 -12.70 45.55
O3 NAG D . 0.00 -11.30 47.44
O4 NAG D . 1.34 -10.67 49.95
O5 NAG D . 3.10 -13.67 48.81
O6 NAG D . 1.80 -13.45 51.54
O7 NAG D . 0.47 -14.58 45.07
C1 NAG D . 0.09 -10.60 50.68
C2 NAG D . 0.24 -9.56 51.79
C3 NAG D . -1.08 -9.39 52.54
C4 NAG D . -2.22 -9.07 51.56
C5 NAG D . -2.28 -10.13 50.46
C6 NAG D . -3.28 -9.82 49.39
C7 NAG D . 2.54 -9.46 52.64
C8 NAG D . 3.51 -9.95 53.68
N2 NAG D . 1.30 -9.94 52.72
O3 NAG D . -0.95 -8.36 53.51
O4 NAG D . -3.46 -9.04 52.26
O5 NAG D . -1.00 -10.22 49.82
O6 NAG D . -3.07 -8.54 48.82
O7 NAG D . 2.87 -8.65 51.77
C1 BMA D . -3.97 -7.68 52.32
C2 BMA D . -5.51 -7.75 52.26
C3 BMA D . -6.12 -6.35 52.50
C4 BMA D . -5.52 -5.66 53.75
C5 BMA D . -3.98 -5.65 53.63
C6 BMA D . -3.30 -5.01 54.83
O2 BMA D . -6.03 -8.60 53.27
O3 BMA D . -7.54 -6.41 52.62
O4 BMA D . -6.01 -4.34 53.85
O5 BMA D . -3.52 -7.01 53.50
O6 BMA D . -2.09 -4.44 54.41
C1 NAG E . 26.05 -10.63 47.47
C2 NAG E . 26.93 -11.87 47.63
C3 NAG E . 26.35 -12.80 48.69
C4 NAG E . 26.13 -12.05 50.01
C5 NAG E . 25.30 -10.78 49.77
C6 NAG E . 25.18 -9.92 51.00
C7 NAG E . 28.29 -12.97 45.91
C8 NAG E . 28.27 -13.69 44.60
N2 NAG E . 27.09 -12.57 46.37
O3 NAG E . 27.23 -13.90 48.87
O4 NAG E . 25.46 -12.87 50.93
O5 NAG E . 25.90 -9.97 48.75
O6 NAG E . 24.38 -8.77 50.75
O7 NAG E . 29.32 -12.77 46.52
C1 NAG E . 26.35 -13.32 51.97
C2 NAG E . 25.56 -13.58 53.25
C3 NAG E . 26.49 -14.13 54.35
C4 NAG E . 27.22 -15.36 53.84
C5 NAG E . 27.96 -15.04 52.54
C6 NAG E . 28.61 -16.26 51.92
C7 NAG E . 23.62 -12.10 53.48
C8 NAG E . 23.11 -10.79 54.02
N2 NAG E . 24.91 -12.36 53.71
O3 NAG E . 25.71 -14.46 55.49
O4 NAG E . 28.17 -15.80 54.82
O5 NAG E . 27.03 -14.54 51.57
O6 NAG E . 27.65 -17.11 51.30
O7 NAG E . 22.90 -12.87 52.85
C1 NAG F . 49.33 0.50 29.84
C2 NAG F . 48.94 0.26 31.32
C3 NAG F . 49.83 -0.82 31.95
C4 NAG F . 51.30 -0.62 31.59
C5 NAG F . 51.49 -0.47 30.08
C6 NAG F . 52.35 -1.55 29.47
C7 NAG F . 48.05 1.94 32.91
C8 NAG F . 46.82 1.10 33.03
N2 NAG F . 49.01 1.49 32.09
O3 NAG F . 49.42 -2.10 31.50
O4 NAG F . 51.84 0.53 32.22
O5 NAG F . 50.22 -0.54 29.41
O6 NAG F . 51.91 -1.89 28.17
O7 NAG F . 48.18 2.99 33.53
C1 NAG F . 52.01 0.42 33.66
C2 NAG F . 52.90 -0.78 34.05
C3 NAG F . 54.16 -0.31 34.79
C4 NAG F . 53.81 0.60 35.97
C5 NAG F . 52.77 1.65 35.57
C6 NAG F . 53.18 3.06 35.94
C7 NAG F . 51.99 -3.01 34.52
C8 NAG F . 51.20 -3.85 35.47
N2 NAG F . 52.16 -1.73 34.86
O3 NAG F . 55.01 0.37 33.89
O4 NAG F . 53.30 -0.17 37.05
O5 NAG F . 52.60 1.64 34.15
O6 NAG F . 54.40 3.43 35.29
O7 NAG F . 52.48 -3.48 33.49
C1 NAG G . 30.29 -28.60 16.62
C2 NAG G . 31.65 -28.59 15.93
C3 NAG G . 31.50 -29.00 14.47
C4 NAG G . 30.81 -30.36 14.36
C5 NAG G . 29.48 -30.33 15.13
C6 NAG G . 28.81 -31.68 15.20
C7 NAG G . 33.50 -27.11 16.57
C8 NAG G . 33.99 -25.70 16.61
N2 NAG G . 32.28 -27.28 16.03
O3 NAG G . 32.78 -29.03 13.85
O4 NAG G . 30.55 -30.67 13.00
O5 NAG G . 29.69 -29.91 16.49
O6 NAG G . 29.18 -32.37 16.39
O7 NAG G . 34.16 -28.05 17.00
C1 NAG G . 31.45 -31.73 12.56
C2 NAG G . 30.72 -32.65 11.58
C3 NAG G . 31.67 -33.73 11.09
C4 NAG G . 32.94 -33.13 10.51
C5 NAG G . 33.57 -32.15 11.50
C6 NAG G . 34.74 -31.38 10.91
C7 NAG G . 28.33 -33.20 11.62
C8 NAG G . 27.22 -33.85 12.40
N2 NAG G . 29.54 -33.23 12.20
O3 NAG G . 31.00 -34.52 10.10
O4 NAG G . 33.87 -34.18 10.25
O5 NAG G . 32.60 -31.17 11.93
O6 NAG G . 34.29 -30.41 9.98
O7 NAG G . 28.13 -32.66 10.54
C1 BMA G . 34.10 -34.41 8.85
C2 BMA G . 34.68 -35.85 8.73
C3 BMA G . 34.75 -36.32 7.27
C4 BMA G . 33.44 -36.03 6.50
C5 BMA G . 33.08 -34.54 6.64
C6 BMA G . 31.81 -34.17 5.91
O2 BMA G . 33.86 -36.78 9.43
O3 BMA G . 35.06 -37.71 7.18
O4 BMA G . 33.59 -36.37 5.13
O5 BMA G . 32.91 -34.25 8.05
O6 BMA G . 30.75 -35.01 6.39
C1 NAG H . 49.09 -1.15 -4.98
C2 NAG H . 48.34 -1.05 -6.31
C3 NAG H . 48.61 -2.29 -7.15
C4 NAG H . 50.11 -2.53 -7.31
C5 NAG H . 50.81 -2.53 -5.95
C6 NAG H . 52.32 -2.59 -6.05
C7 NAG H . 46.30 0.31 -6.24
C8 NAG H . 44.82 0.31 -5.98
N2 NAG H . 46.91 -0.87 -6.10
O3 NAG H . 47.99 -2.13 -8.42
O4 NAG H . 50.33 -3.79 -7.93
O5 NAG H . 50.49 -1.33 -5.22
O6 NAG H . 52.79 -1.83 -7.16
O7 NAG H . 46.90 1.32 -6.56
C1 NAG H . 50.80 -3.64 -9.29
C2 NAG H . 51.53 -4.93 -9.69
C3 NAG H . 51.98 -4.85 -11.15
C4 NAG H . 50.79 -4.53 -12.06
C5 NAG H . 50.10 -3.25 -11.58
C6 NAG H . 48.84 -2.93 -12.34
C7 NAG H . 52.63 -5.98 -7.77
C8 NAG H . 53.91 -6.12 -6.99
N2 NAG H . 52.68 -5.17 -8.83
O3 NAG H . 52.57 -6.09 -11.53
O4 NAG H . 51.25 -4.34 -13.40
O5 NAG H . 49.71 -3.41 -10.20
O6 NAG H . 47.93 -4.02 -12.34
O7 NAG H . 51.62 -6.60 -7.46
C1 BMA H . 50.79 -5.42 -14.25
C2 BMA H . 50.53 -4.85 -15.66
C3 BMA H . 50.21 -5.98 -16.65
C4 BMA H . 51.25 -7.13 -16.57
C5 BMA H . 51.36 -7.61 -15.11
C6 BMA H . 52.38 -8.72 -14.93
O2 BMA H . 51.66 -4.17 -16.16
O3 BMA H . 50.13 -5.50 -17.99
O4 BMA H . 50.84 -8.21 -17.40
O5 BMA H . 51.75 -6.49 -14.28
O6 BMA H . 51.98 -9.53 -13.84
C1 NAG I . 51.70 -11.13 15.76
C2 NAG I . 52.38 -10.33 16.86
C3 NAG I . 53.59 -9.57 16.31
C4 NAG I . 54.54 -10.54 15.60
C5 NAG I . 53.79 -11.35 14.54
C6 NAG I . 54.65 -12.42 13.91
C7 NAG I . 51.33 -9.31 18.83
C8 NAG I . 50.33 -8.31 19.32
N2 NAG I . 51.45 -9.41 17.50
O3 NAG I . 54.23 -8.90 17.38
O4 NAG I . 55.57 -9.80 14.95
O5 NAG I . 52.66 -12.01 15.13
O6 NAG I . 53.92 -13.14 12.92
O7 NAG I . 51.99 -9.99 19.60
C1 NAG I . 56.82 -9.95 15.66
C2 NAG I . 57.98 -9.80 14.68
C3 NAG I . 59.32 -9.88 15.43
C4 NAG I . 59.36 -8.87 16.56
C5 NAG I . 58.15 -9.05 17.48
C6 NAG I . 58.06 -7.99 18.56
C7 NAG I . 57.42 -10.58 12.43
C8 NAG I . 57.43 -11.75 11.48
N2 NAG I . 57.92 -10.82 13.65
O3 NAG I . 60.38 -9.63 14.51
O4 NAG I . 60.55 -9.03 17.32
O5 NAG I . 56.94 -8.96 16.71
O6 NAG I . 57.61 -6.75 18.03
O7 NAG I . 56.98 -9.49 12.10
C1 NAG J . 35.13 -24.13 38.83
C2 NAG J . 36.53 -24.18 38.18
C3 NAG J . 37.59 -23.65 39.14
C4 NAG J . 37.41 -24.20 40.55
C5 NAG J . 35.98 -24.01 41.05
C6 NAG J . 35.89 -23.14 42.28
C7 NAG J . 37.34 -25.84 36.52
C8 NAG J . 37.53 -24.70 35.57
N2 NAG J . 36.85 -25.53 37.74
O3 NAG J . 37.52 -22.23 39.20
O4 NAG J . 37.71 -25.59 40.60
O5 NAG J . 35.19 -23.37 40.04
O6 NAG J . 34.72 -22.35 42.27
O7 NAG J . 37.60 -27.00 36.22
C1 NAG J . 39.12 -25.92 40.44
C2 NAG J . 40.00 -25.22 41.50
C3 NAG J . 40.74 -26.24 42.36
C4 NAG J . 41.49 -27.27 41.52
C5 NAG J . 40.63 -27.78 40.38
C6 NAG J . 40.58 -29.30 40.30
C7 NAG J . 41.03 -23.01 41.13
C8 NAG J . 42.07 -22.25 40.37
N2 NAG J . 40.96 -24.33 40.86
O3 NAG J . 39.80 -26.91 43.21
O4 NAG J . 42.67 -26.68 40.99
O5 NAG J . 39.28 -27.35 40.55
O6 NAG J . 40.04 -29.86 41.50
O7 NAG J . 40.29 -22.48 41.94
ZN ZN K . -14.29 11.66 7.55
C1 CLR L . -23.33 19.50 -21.16
C2 CLR L . -23.59 20.42 -22.36
C3 CLR L . -25.06 20.47 -22.73
C4 CLR L . -25.88 20.87 -21.52
C5 CLR L . -25.62 19.98 -20.34
C6 CLR L . -26.61 19.31 -19.75
C7 CLR L . -26.49 18.55 -18.47
C8 CLR L . -25.15 18.88 -17.81
C9 CLR L . -24.05 18.73 -18.86
C10 CLR L . -24.16 19.85 -19.92
C11 CLR L . -22.65 18.53 -18.23
C12 CLR L . -22.48 18.87 -16.74
C13 CLR L . -23.68 18.61 -15.82
C14 CLR L . -24.77 17.95 -16.68
C15 CLR L . -25.79 17.48 -15.67
C16 CLR L . -24.90 16.87 -14.57
C17 CLR L . -23.51 17.54 -14.70
C18 CLR L . -24.17 19.92 -15.22
C19 CLR L . -23.69 21.21 -19.35
C20 CLR L . -23.00 18.00 -13.32
C21 CLR L . -21.53 18.41 -13.34
C22 CLR L . -23.25 16.92 -12.26
C23 CLR L . -22.18 15.85 -12.15
C24 CLR L . -21.59 15.74 -10.78
C25 CLR L . -20.35 16.61 -10.53
C26 CLR L . -19.43 15.97 -9.52
C27 CLR L . -20.74 18.01 -10.07
O1 CLR L . -25.25 21.41 -23.79
C1 CLR M . -27.61 23.66 -22.40
C2 CLR M . -27.37 23.92 -23.89
C3 CLR M . -27.87 25.28 -24.32
C4 CLR M . -27.24 26.36 -23.45
C5 CLR M . -27.45 26.10 -21.98
C6 CLR M . -28.02 27.01 -21.21
C7 CLR M . -28.21 26.87 -19.73
C8 CLR M . -27.34 25.77 -19.16
C9 CLR M . -27.49 24.51 -20.02
C10 CLR M . -26.99 24.74 -21.47
C11 CLR M . -26.86 23.26 -19.37
C12 CLR M . -27.26 23.06 -17.90
C13 CLR M . -26.92 24.31 -17.08
C14 CLR M . -27.71 25.47 -17.71
C15 CLR M . -27.64 26.60 -16.69
C16 CLR M . -27.52 25.89 -15.33
C17 CLR M . -27.49 24.37 -15.63
C18 CLR M . -25.41 24.57 -17.08
C19 CLR M . -25.46 24.68 -21.55
C20 CLR M . -26.79 23.59 -14.50
C21 CLR M . -27.78 22.94 -13.55
C22 CLR M . -25.83 24.50 -13.72
C23 CLR M . -25.20 23.87 -12.51
C24 CLR M . -23.91 23.17 -12.82
C25 CLR M . -23.79 21.75 -12.30
C26 CLR M . -25.14 21.18 -11.93
C27 CLR M . -22.84 21.66 -11.12
O1 CLR M . -27.53 25.50 -25.69
ZN ZN N . 1.16 -7.99 -18.22
C1 CLR O . -29.55 -4.69 -21.83
C2 CLR O . -31.00 -5.14 -22.04
C3 CLR O . -31.59 -4.62 -23.33
C4 CLR O . -30.72 -5.04 -24.50
C5 CLR O . -29.28 -4.61 -24.30
C6 CLR O . -28.67 -3.85 -25.20
C7 CLR O . -27.20 -3.53 -25.19
C8 CLR O . -26.49 -4.43 -24.18
C9 CLR O . -27.26 -4.37 -22.86
C10 CLR O . -28.63 -5.08 -23.01
C11 CLR O . -26.40 -4.80 -21.65
C12 CLR O . -25.09 -5.56 -21.94
C13 CLR O . -24.33 -5.17 -23.21
C14 CLR O . -25.08 -4.00 -23.86
C15 CLR O . -24.13 -3.51 -24.93
C16 CLR O . -22.78 -3.52 -24.20
C17 CLR O . -22.90 -4.55 -23.04
C18 CLR O . -24.26 -6.38 -24.16
C19 CLR O . -28.46 -6.61 -23.05
C20 CLR O . -21.68 -5.50 -23.01
C21 CLR O . -21.62 -6.34 -21.74
C22 CLR O . -20.39 -4.71 -23.22
C23 CLR O . -19.78 -4.11 -21.97
C24 CLR O . -18.38 -4.56 -21.72
C25 CLR O . -18.23 -5.82 -20.85
C26 CLR O . -16.94 -5.79 -20.06
C27 CLR O . -18.31 -7.08 -21.69
O1 CLR O . -32.91 -5.14 -23.51
C1 CLR P . -32.69 -6.79 -26.63
C2 CLR P . -34.13 -6.71 -26.12
C3 CLR P . -35.04 -7.67 -26.83
C4 CLR P . -34.49 -9.09 -26.74
C5 CLR P . -33.06 -9.17 -27.22
C6 CLR P . -32.72 -10.01 -28.18
C7 CLR P . -31.32 -10.21 -28.67
C8 CLR P . -30.29 -9.64 -27.71
C9 CLR P . -30.72 -8.22 -27.31
C10 CLR P . -32.08 -8.20 -26.56
C11 CLR P . -29.62 -7.46 -26.55
C12 CLR P . -28.24 -7.53 -27.23
C13 CLR P . -27.82 -8.99 -27.43
C14 CLR P . -28.91 -9.63 -28.32
C15 CLR P . -28.30 -10.94 -28.80
C16 CLR P . -26.79 -10.69 -28.83
C17 CLR P . -26.57 -9.25 -28.33
C18 CLR P . -27.68 -9.71 -26.08
C19 CLR P . -31.90 -8.62 -25.08
C20 CLR P . -25.16 -9.05 -27.74
C21 CLR P . -24.21 -8.39 -28.72
C22 CLR P . -24.58 -10.39 -27.27
C23 CLR P . -23.15 -10.34 -26.81
C24 CLR P . -23.02 -10.04 -25.34
C25 CLR P . -22.06 -8.92 -24.98
C26 CLR P . -21.74 -8.06 -26.19
C27 CLR P . -20.78 -9.45 -24.35
O1 CLR P . -36.35 -7.63 -26.25
#